data_5GSM
#
_entry.id   5GSM
#
_cell.length_a   76.585
_cell.length_b   119.991
_cell.length_c   85.902
_cell.angle_alpha   90.00
_cell.angle_beta   98.66
_cell.angle_gamma   90.00
#
_symmetry.space_group_name_H-M   'P 1 21 1'
#
loop_
_entity.id
_entity.type
_entity.pdbx_description
1 polymer Exo-beta-D-glucosaminidase
2 non-polymer 2-amino-2-deoxy-beta-D-glucopyranose
3 non-polymer DI(HYDROXYETHYL)ETHER
4 non-polymer 'PROPANOIC ACID'
5 non-polymer 2-[3-(2-HYDROXY-1,1-DIHYDROXYMETHYL-ETHYLAMINO)-PROPYLAMINO]-2-HYDROXYMETHYL-PROPANE-1,3-DIOL
6 water water
#
_entity_poly.entity_id   1
_entity_poly.type   'polypeptide(L)'
_entity_poly.pdbx_seq_one_letter_code
;MGKVEFSGKRYVIDGEPVTIAGGTLQFFRVPADAWKDRLLKMREAGLNTVDTYVAWNWHEPEKGSFDFKGETHPQRNLVG
FLELADELGFYVIIRPGPYICGEWRNGGIPDWLIDEHPEILAKGPNGPLPRDIYYPPITYLHPTYLEAVGEWYNAVFPVI
RKYLYTNGGPIISVSIDDEPSYWETIFQPFLTDYNEIITKPGGLWEKWLEQNYTLEDLRRRYKGDFKDYSEIKVPTSFSE
PLPKLIDWHHFKLWMINEYVRWIYERMAREFDVPISILDPYLLQVAWRHFFTYMREHNLKIHVWTEFWYSFYRSSDFKED
KLGHIYYKTGIYRYHVRKAGTPPLSIETQSSLAHTIDPTEAELLYSILPPLGIPNINYYLFVGGENPEGYESHNGITWDV
YSPVGLDGSERPHFGVIKALSETMTSAEGLADAELRPKVAVGLYEPYEALNLWGYEGLEESTDLNEYLLGERGLFTLLAM
SNTPFDAVDLEDVTLDELLSYDQLWVYSLDFMSREVQDKLVEFVARGGNLVILPMLPRYDENLEPYSSLKDFLGVEVERE
KARRNPRLIQFLSVSAEGIDRMLVRNTVRGVRGGEPIAFLGEKPVGAFVRKGGGSAVVLGFRLQYYTSHHDLHRKFVWKL
KELQGVREDFEVTNPDMIVLPMEGKGYAYLAVTNPRGHPIKGRISYRGLEVPVLLDGIELKRRGTLYLPFGVRKGDVEVA
YATATLVMWEGDVLTFRNHLSGHSEIALKGVESVKVSGGKIVDGSDGEVLRIVIEHPGEYFEVELL
;
_entity_poly.pdbx_strand_id   A,B
#
loop_
_chem_comp.id
_chem_comp.type
_chem_comp.name
_chem_comp.formula
B3P non-polymer 2-[3-(2-HYDROXY-1,1-DIHYDROXYMETHYL-ETHYLAMINO)-PROPYLAMINO]-2-HYDROXYMETHYL-PROPANE-1,3-DIOL 'C11 H26 N2 O6'
GCS D-saccharide, beta linking 2-amino-2-deoxy-beta-D-glucopyranose 'C6 H13 N O5'
PEG non-polymer DI(HYDROXYETHYL)ETHER 'C4 H10 O3'
PPI non-polymer 'PROPANOIC ACID' 'C3 H6 O2'
#
# COMPACT_ATOMS: atom_id res chain seq x y z
N MET A 1 -30.35 -26.53 31.12
CA MET A 1 -31.08 -25.44 30.40
C MET A 1 -30.47 -25.20 28.97
N GLY A 2 -29.99 -23.96 28.67
CA GLY A 2 -29.49 -23.58 27.30
C GLY A 2 -28.49 -24.56 26.78
N LYS A 3 -28.39 -24.66 25.44
CA LYS A 3 -27.47 -25.57 24.77
C LYS A 3 -26.73 -24.84 23.69
N VAL A 4 -25.40 -25.05 23.67
CA VAL A 4 -24.59 -24.57 22.56
C VAL A 4 -23.94 -25.77 21.97
N GLU A 5 -24.30 -26.03 20.74
CA GLU A 5 -23.82 -27.17 19.95
C GLU A 5 -23.33 -26.66 18.61
N PHE A 6 -22.96 -27.59 17.71
CA PHE A 6 -22.42 -27.23 16.44
C PHE A 6 -22.58 -28.38 15.46
N SER A 7 -22.78 -28.05 14.19
CA SER A 7 -22.87 -29.04 13.10
C SER A 7 -22.58 -28.43 11.81
N GLY A 8 -21.70 -29.05 11.04
CA GLY A 8 -21.38 -28.52 9.74
C GLY A 8 -20.63 -27.19 9.93
N LYS A 9 -21.19 -26.15 9.32
CA LYS A 9 -20.54 -24.85 9.32
C LYS A 9 -21.14 -23.89 10.37
N ARG A 10 -22.03 -24.34 11.27
CA ARG A 10 -22.67 -23.42 12.19
C ARG A 10 -22.68 -23.95 13.57
N TYR A 11 -22.70 -22.96 14.49
CA TYR A 11 -23.11 -23.24 15.80
C TYR A 11 -24.68 -23.36 15.82
N VAL A 12 -25.16 -24.12 16.77
CA VAL A 12 -26.56 -24.54 16.97
C VAL A 12 -26.92 -24.20 18.40
N ILE A 13 -27.80 -23.22 18.60
CA ILE A 13 -28.15 -22.72 19.95
C ILE A 13 -29.58 -23.16 20.20
N ASP A 14 -29.80 -23.91 21.28
CA ASP A 14 -31.14 -24.48 21.62
C ASP A 14 -31.80 -25.13 20.46
N GLY A 15 -30.94 -25.85 19.75
CA GLY A 15 -31.50 -26.67 18.63
C GLY A 15 -31.73 -25.96 17.28
N GLU A 16 -31.35 -24.66 17.19
CA GLU A 16 -31.50 -23.89 15.96
C GLU A 16 -30.13 -23.42 15.49
N PRO A 17 -29.78 -23.72 14.24
CA PRO A 17 -28.57 -23.13 13.75
C PRO A 17 -28.63 -21.64 13.65
N VAL A 18 -27.49 -20.97 13.95
CA VAL A 18 -27.36 -19.55 13.96
C VAL A 18 -26.14 -19.15 13.20
N THR A 19 -26.18 -18.15 12.38
CA THR A 19 -24.91 -17.68 11.77
C THR A 19 -24.38 -16.57 12.71
N ILE A 20 -23.09 -16.68 13.11
CA ILE A 20 -22.60 -15.67 14.01
C ILE A 20 -22.33 -14.38 13.21
N ALA A 21 -22.87 -13.27 13.71
CA ALA A 21 -22.53 -11.91 13.21
C ALA A 21 -22.25 -11.17 14.49
N GLY A 22 -20.95 -10.94 14.71
CA GLY A 22 -20.49 -10.40 15.97
C GLY A 22 -19.76 -9.10 15.90
N GLY A 23 -19.80 -8.32 16.98
CA GLY A 23 -18.89 -7.19 17.09
C GLY A 23 -18.14 -7.31 18.38
N THR A 24 -16.89 -6.86 18.35
CA THR A 24 -16.12 -6.73 19.59
C THR A 24 -16.45 -5.42 20.29
N LEU A 25 -16.89 -5.56 21.56
CA LEU A 25 -17.10 -4.50 22.48
C LEU A 25 -16.30 -4.85 23.76
N GLN A 26 -15.09 -4.31 23.83
CA GLN A 26 -14.23 -4.54 25.02
C GLN A 26 -14.66 -3.58 26.07
N PHE A 27 -15.57 -4.12 26.94
CA PHE A 27 -16.22 -3.35 27.95
C PHE A 27 -15.31 -2.53 28.84
N PHE A 28 -14.11 -3.15 29.06
CA PHE A 28 -13.15 -2.50 29.92
C PHE A 28 -12.48 -1.29 29.40
N ARG A 29 -12.79 -0.99 28.10
CA ARG A 29 -12.22 0.15 27.39
C ARG A 29 -13.29 1.10 26.86
N VAL A 30 -14.51 0.88 27.36
CA VAL A 30 -15.64 1.76 26.98
C VAL A 30 -16.42 2.25 28.17
N PRO A 31 -16.76 3.53 28.30
CA PRO A 31 -17.42 4.01 29.49
C PRO A 31 -18.60 3.16 29.85
N ALA A 32 -18.73 2.79 31.12
CA ALA A 32 -19.82 1.94 31.51
C ALA A 32 -21.22 2.54 31.25
N ASP A 33 -21.33 3.87 31.30
CA ASP A 33 -22.61 4.53 31.15
C ASP A 33 -22.99 4.47 29.63
N ALA A 34 -22.11 4.00 28.79
CA ALA A 34 -22.35 3.92 27.35
C ALA A 34 -22.59 2.49 26.92
N TRP A 35 -22.36 1.51 27.80
CA TRP A 35 -22.45 0.10 27.31
C TRP A 35 -23.80 -0.30 26.66
N LYS A 36 -24.88 0.13 27.29
CA LYS A 36 -26.21 -0.17 26.83
C LYS A 36 -26.42 0.50 25.43
N ASP A 37 -26.10 1.77 25.30
CA ASP A 37 -26.28 2.39 23.98
C ASP A 37 -25.46 1.65 22.87
N ARG A 38 -24.23 1.31 23.22
CA ARG A 38 -23.42 0.70 22.23
C ARG A 38 -23.91 -0.74 21.82
N LEU A 39 -24.41 -1.50 22.79
CA LEU A 39 -25.03 -2.79 22.51
C LEU A 39 -26.28 -2.55 21.66
N LEU A 40 -27.10 -1.53 21.90
CA LEU A 40 -28.32 -1.25 21.05
C LEU A 40 -27.84 -0.92 19.61
N LYS A 41 -26.71 -0.25 19.43
CA LYS A 41 -26.20 0.10 18.09
C LYS A 41 -25.75 -1.22 17.38
N MET A 42 -25.14 -2.18 18.17
CA MET A 42 -24.84 -3.47 17.64
C MET A 42 -26.10 -4.20 17.22
N ARG A 43 -27.16 -4.13 18.02
CA ARG A 43 -28.46 -4.72 17.61
C ARG A 43 -28.94 -4.12 16.23
N GLU A 44 -28.82 -2.78 16.09
CA GLU A 44 -29.21 -2.03 14.91
C GLU A 44 -28.41 -2.57 13.70
N ALA A 45 -27.17 -2.95 13.91
CA ALA A 45 -26.32 -3.51 12.84
C ALA A 45 -26.58 -4.93 12.55
N GLY A 46 -27.54 -5.57 13.24
CA GLY A 46 -27.86 -6.95 12.91
C GLY A 46 -26.96 -7.97 13.55
N LEU A 47 -26.21 -7.53 14.55
CA LEU A 47 -25.24 -8.44 15.21
C LEU A 47 -25.99 -9.17 16.31
N ASN A 48 -25.66 -10.43 16.42
CA ASN A 48 -26.17 -11.36 17.49
C ASN A 48 -25.17 -11.73 18.57
N THR A 49 -23.92 -11.30 18.46
CA THR A 49 -22.87 -11.75 19.31
C THR A 49 -21.96 -10.57 19.63
N VAL A 50 -21.45 -10.60 20.88
CA VAL A 50 -20.47 -9.67 21.34
C VAL A 50 -19.23 -10.44 21.72
N ASP A 51 -18.06 -9.99 21.27
CA ASP A 51 -16.77 -10.53 21.67
C ASP A 51 -16.09 -9.58 22.61
N THR A 52 -15.45 -10.16 23.67
CA THR A 52 -14.62 -9.40 24.54
C THR A 52 -13.51 -10.24 25.16
N TYR A 53 -12.35 -9.62 25.30
CA TYR A 53 -11.32 -10.11 26.21
C TYR A 53 -11.77 -9.83 27.65
N VAL A 54 -11.06 -10.58 28.55
CA VAL A 54 -10.96 -10.24 29.95
C VAL A 54 -9.46 -10.16 30.27
N ALA A 55 -9.00 -8.99 30.74
CA ALA A 55 -7.58 -8.71 30.95
C ALA A 55 -7.25 -8.94 32.42
N TRP A 56 -6.33 -9.91 32.61
CA TRP A 56 -5.74 -10.20 33.94
C TRP A 56 -5.28 -8.98 34.69
N ASN A 57 -4.43 -8.16 34.01
CA ASN A 57 -3.86 -7.03 34.74
C ASN A 57 -4.82 -5.93 35.05
N TRP A 58 -5.97 -5.97 34.39
CA TRP A 58 -7.02 -5.00 34.64
C TRP A 58 -7.88 -5.34 35.89
N HIS A 59 -8.26 -6.63 35.92
CA HIS A 59 -9.10 -7.13 37.02
C HIS A 59 -8.31 -7.52 38.25
N GLU A 60 -7.00 -7.72 38.14
CA GLU A 60 -6.12 -7.94 39.26
C GLU A 60 -5.05 -6.91 39.24
N PRO A 61 -5.36 -5.66 39.50
CA PRO A 61 -4.31 -4.64 39.31
C PRO A 61 -3.14 -4.70 40.29
N GLU A 62 -3.38 -5.29 41.45
CA GLU A 62 -2.38 -5.59 42.46
C GLU A 62 -2.55 -7.05 42.73
N LYS A 63 -1.45 -7.73 43.05
CA LYS A 63 -1.53 -9.13 43.36
C LYS A 63 -2.45 -9.36 44.54
N GLY A 64 -3.40 -10.28 44.33
CA GLY A 64 -4.40 -10.59 45.36
C GLY A 64 -5.69 -9.80 45.37
N SER A 65 -5.78 -8.71 44.63
CA SER A 65 -6.97 -7.83 44.63
C SER A 65 -7.67 -8.04 43.27
N PHE A 66 -8.80 -8.80 43.33
CA PHE A 66 -9.60 -9.07 42.17
C PHE A 66 -10.86 -8.24 42.23
N ASP A 67 -11.23 -7.68 41.09
CA ASP A 67 -12.47 -6.83 40.98
C ASP A 67 -13.14 -7.18 39.68
N PHE A 68 -14.26 -7.91 39.68
CA PHE A 68 -15.08 -8.23 38.53
C PHE A 68 -16.46 -7.52 38.62
N LYS A 69 -16.69 -6.63 39.64
CA LYS A 69 -18.00 -6.05 39.86
C LYS A 69 -17.94 -4.55 39.74
N GLY A 70 -16.77 -3.94 39.41
CA GLY A 70 -16.73 -2.48 39.34
C GLY A 70 -16.57 -1.77 40.63
N GLU A 71 -16.12 -2.51 41.67
CA GLU A 71 -15.88 -1.89 43.00
C GLU A 71 -14.85 -0.78 42.93
N THR A 72 -13.80 -0.95 42.12
CA THR A 72 -12.67 0.03 42.15
C THR A 72 -12.68 0.89 40.93
N HIS A 73 -13.48 0.52 39.89
CA HIS A 73 -13.54 1.30 38.62
C HIS A 73 -14.76 0.75 37.89
N PRO A 74 -15.61 1.61 37.33
CA PRO A 74 -16.80 1.02 36.76
C PRO A 74 -16.52 0.08 35.55
N GLN A 75 -15.42 0.25 34.90
CA GLN A 75 -15.07 -0.62 33.82
C GLN A 75 -14.41 -1.98 34.21
N ARG A 76 -14.34 -2.26 35.52
CA ARG A 76 -14.02 -3.52 35.95
C ARG A 76 -15.25 -4.41 36.20
N ASN A 77 -16.42 -3.90 35.90
CA ASN A 77 -17.70 -4.61 36.12
C ASN A 77 -18.03 -5.59 35.01
N LEU A 78 -17.16 -6.61 34.90
CA LEU A 78 -17.46 -7.70 34.05
C LEU A 78 -18.83 -8.31 34.26
N VAL A 79 -19.17 -8.51 35.54
CA VAL A 79 -20.46 -9.12 35.87
C VAL A 79 -21.56 -8.32 35.27
N GLY A 80 -21.58 -7.03 35.51
CA GLY A 80 -22.61 -6.17 34.96
C GLY A 80 -22.67 -6.16 33.47
N PHE A 81 -21.53 -6.15 32.79
CA PHE A 81 -21.51 -6.20 31.34
C PHE A 81 -22.12 -7.50 30.86
N LEU A 82 -21.78 -8.62 31.48
CA LEU A 82 -22.30 -9.93 30.97
C LEU A 82 -23.86 -9.93 31.19
N GLU A 83 -24.35 -9.39 32.36
CA GLU A 83 -25.77 -9.34 32.62
C GLU A 83 -26.50 -8.45 31.58
N LEU A 84 -25.88 -7.33 31.25
CA LEU A 84 -26.45 -6.41 30.30
C LEU A 84 -26.48 -7.00 28.90
N ALA A 85 -25.37 -7.61 28.48
CA ALA A 85 -25.35 -8.22 27.14
C ALA A 85 -26.42 -9.28 27.06
N ASP A 86 -26.61 -10.10 28.11
CA ASP A 86 -27.67 -11.08 28.14
C ASP A 86 -29.05 -10.48 28.09
N GLU A 87 -29.31 -9.42 28.87
CA GLU A 87 -30.63 -8.81 28.94
C GLU A 87 -31.02 -8.27 27.55
N LEU A 88 -30.02 -7.76 26.83
CA LEU A 88 -30.21 -7.22 25.49
C LEU A 88 -30.21 -8.24 24.39
N GLY A 89 -30.03 -9.48 24.70
CA GLY A 89 -30.24 -10.61 23.75
C GLY A 89 -28.98 -10.99 22.97
N PHE A 90 -27.79 -10.73 23.45
CA PHE A 90 -26.60 -11.09 22.76
C PHE A 90 -26.02 -12.37 23.30
N TYR A 91 -25.48 -13.21 22.41
CA TYR A 91 -24.43 -14.14 22.82
C TYR A 91 -23.16 -13.43 23.12
N VAL A 92 -22.33 -14.04 23.99
CA VAL A 92 -21.01 -13.52 24.30
C VAL A 92 -19.98 -14.58 24.01
N ILE A 93 -18.92 -14.13 23.28
CA ILE A 93 -17.65 -14.90 23.15
C ILE A 93 -16.63 -14.22 24.07
N ILE A 94 -16.09 -14.97 25.03
CA ILE A 94 -15.23 -14.40 26.04
C ILE A 94 -13.85 -14.95 25.92
N ARG A 95 -12.87 -14.08 26.09
CA ARG A 95 -11.45 -14.42 25.78
C ARG A 95 -10.57 -13.95 26.93
N PRO A 96 -10.43 -14.82 27.97
CA PRO A 96 -9.77 -14.48 29.19
C PRO A 96 -8.29 -14.64 29.28
N GLY A 97 -7.65 -14.86 28.14
CA GLY A 97 -6.18 -14.80 28.09
C GLY A 97 -5.47 -16.07 28.59
N PRO A 98 -4.40 -15.93 29.34
CA PRO A 98 -3.91 -14.67 29.96
C PRO A 98 -3.45 -13.56 29.01
N TYR A 99 -2.78 -13.98 27.93
CA TYR A 99 -2.39 -13.00 26.95
C TYR A 99 -3.59 -12.71 26.04
N ILE A 100 -3.84 -11.43 25.84
CA ILE A 100 -4.95 -10.93 25.03
C ILE A 100 -4.46 -9.99 23.92
N CYS A 101 -3.15 -9.80 23.73
CA CYS A 101 -2.69 -8.86 22.70
C CYS A 101 -3.41 -7.53 22.91
N GLY A 102 -4.23 -7.09 21.95
CA GLY A 102 -5.12 -6.04 22.12
C GLY A 102 -4.58 -4.66 22.19
N GLU A 103 -3.30 -4.54 21.83
CA GLU A 103 -2.63 -3.20 21.85
C GLU A 103 -2.75 -2.63 23.27
N TRP A 104 -2.72 -3.56 24.26
CA TRP A 104 -2.93 -3.23 25.67
C TRP A 104 -1.65 -3.57 26.45
N ARG A 105 -1.37 -2.87 27.54
CA ARG A 105 -0.16 -3.08 28.34
C ARG A 105 0.14 -4.53 28.55
N ASN A 106 1.31 -4.97 28.07
CA ASN A 106 1.86 -6.33 28.29
C ASN A 106 0.90 -7.37 27.79
N GLY A 107 0.00 -7.03 26.86
CA GLY A 107 -0.97 -8.00 26.47
C GLY A 107 -1.79 -8.56 27.58
N GLY A 108 -2.01 -7.85 28.69
CA GLY A 108 -2.78 -8.36 29.77
C GLY A 108 -1.96 -8.95 30.91
N ILE A 109 -0.68 -9.17 30.74
CA ILE A 109 0.10 -9.75 31.84
C ILE A 109 0.45 -8.66 32.85
N PRO A 110 0.30 -8.98 34.15
CA PRO A 110 0.59 -7.89 35.17
C PRO A 110 2.03 -7.50 35.22
N ASP A 111 2.35 -6.19 35.32
CA ASP A 111 3.69 -5.80 35.69
C ASP A 111 4.12 -6.39 37.01
N TRP A 112 3.22 -6.54 37.99
CA TRP A 112 3.69 -7.07 39.26
C TRP A 112 4.25 -8.48 39.17
N LEU A 113 3.83 -9.24 38.20
CA LEU A 113 4.33 -10.58 37.96
C LEU A 113 5.76 -10.49 37.36
N ILE A 114 5.88 -9.82 36.25
CA ILE A 114 7.14 -9.70 35.52
C ILE A 114 8.16 -8.98 36.38
N ASP A 115 7.78 -8.00 37.19
CA ASP A 115 8.74 -7.25 37.98
C ASP A 115 9.29 -8.11 39.12
N GLU A 116 8.49 -8.94 39.66
CA GLU A 116 8.89 -9.74 40.78
C GLU A 116 9.56 -11.03 40.40
N HIS A 117 9.20 -11.52 39.21
CA HIS A 117 9.72 -12.76 38.67
C HIS A 117 10.36 -12.70 37.32
N PRO A 118 11.44 -11.89 37.16
CA PRO A 118 11.99 -11.70 35.83
C PRO A 118 12.55 -12.99 35.27
N GLU A 119 12.78 -14.03 36.10
CA GLU A 119 13.21 -15.29 35.58
C GLU A 119 12.23 -15.96 34.62
N ILE A 120 10.99 -15.54 34.60
CA ILE A 120 10.04 -16.08 33.60
C ILE A 120 10.17 -15.44 32.20
N LEU A 121 10.90 -14.34 32.11
CA LEU A 121 11.03 -13.64 30.86
C LEU A 121 11.82 -14.53 29.84
N ALA A 122 11.37 -14.50 28.60
CA ALA A 122 12.11 -15.11 27.55
C ALA A 122 13.36 -14.29 27.36
N LYS A 123 14.44 -14.98 26.93
CA LYS A 123 15.72 -14.32 26.73
C LYS A 123 16.27 -14.57 25.35
N GLY A 124 17.19 -13.70 24.94
CA GLY A 124 17.94 -13.83 23.71
C GLY A 124 19.18 -14.64 23.96
N PRO A 125 19.93 -14.89 22.89
CA PRO A 125 21.13 -15.78 22.93
C PRO A 125 22.30 -15.08 23.60
N ASN A 126 22.23 -13.74 23.77
CA ASN A 126 23.30 -12.99 24.44
C ASN A 126 22.86 -12.32 25.65
N GLY A 127 21.71 -12.67 26.21
CA GLY A 127 21.26 -12.05 27.50
C GLY A 127 19.84 -11.64 27.44
N PRO A 128 19.38 -10.90 28.43
CA PRO A 128 18.02 -10.43 28.46
C PRO A 128 17.71 -9.61 27.25
N LEU A 129 16.43 -9.68 26.85
CA LEU A 129 15.85 -8.74 25.90
C LEU A 129 15.75 -7.40 26.62
N PRO A 130 15.58 -6.35 25.86
CA PRO A 130 15.26 -5.11 26.58
C PRO A 130 13.84 -5.15 27.24
N ARG A 131 13.66 -4.43 28.34
CA ARG A 131 12.40 -4.40 29.10
C ARG A 131 11.31 -3.43 28.53
N ASP A 132 11.70 -2.38 27.74
CA ASP A 132 10.80 -1.36 27.18
C ASP A 132 10.18 -1.69 25.81
N ILE A 133 10.21 -2.98 25.54
CA ILE A 133 9.62 -3.49 24.33
C ILE A 133 8.18 -3.89 24.60
N TYR A 134 7.39 -3.86 23.54
CA TYR A 134 5.99 -4.21 23.72
C TYR A 134 5.78 -5.68 23.98
N TYR A 135 4.73 -6.06 24.66
CA TYR A 135 4.39 -7.44 25.07
C TYR A 135 5.66 -8.17 25.50
N PRO A 136 6.24 -7.79 26.61
CA PRO A 136 7.41 -8.53 27.14
C PRO A 136 7.33 -10.05 26.98
N PRO A 137 8.25 -10.63 26.17
CA PRO A 137 8.08 -12.06 26.00
C PRO A 137 8.37 -12.91 27.22
N ILE A 138 7.54 -13.94 27.37
CA ILE A 138 7.63 -14.82 28.48
C ILE A 138 7.81 -16.29 28.05
N THR A 139 8.67 -16.99 28.83
CA THR A 139 8.86 -18.40 28.64
C THR A 139 7.63 -19.20 29.14
N TYR A 140 6.78 -19.58 28.20
CA TYR A 140 5.46 -20.20 28.51
C TYR A 140 5.55 -21.31 29.54
N LEU A 141 6.53 -22.18 29.30
CA LEU A 141 6.60 -23.33 30.17
C LEU A 141 7.35 -23.18 31.49
N HIS A 142 7.73 -21.98 31.83
CA HIS A 142 8.27 -21.74 33.18
C HIS A 142 7.19 -21.98 34.23
N PRO A 143 7.49 -22.85 35.21
CA PRO A 143 6.45 -23.13 36.20
C PRO A 143 5.94 -21.91 37.00
N THR A 144 6.77 -20.88 37.19
CA THR A 144 6.33 -19.72 37.94
C THR A 144 5.29 -18.89 37.16
N TYR A 145 5.47 -18.89 35.83
CA TYR A 145 4.45 -18.30 34.95
C TYR A 145 3.10 -19.00 35.02
N LEU A 146 3.19 -20.32 34.79
CA LEU A 146 2.00 -21.15 34.79
C LEU A 146 1.25 -21.12 36.13
N GLU A 147 2.03 -21.20 37.20
CA GLU A 147 1.34 -21.04 38.52
C GLU A 147 0.54 -19.73 38.65
N ALA A 148 1.08 -18.62 38.14
CA ALA A 148 0.42 -17.36 38.22
C ALA A 148 -0.81 -17.30 37.32
N VAL A 149 -0.69 -17.87 36.13
CA VAL A 149 -1.84 -17.93 35.23
C VAL A 149 -2.95 -18.75 35.91
N GLY A 150 -2.54 -19.87 36.54
CA GLY A 150 -3.53 -20.70 37.22
C GLY A 150 -4.34 -19.92 38.27
N GLU A 151 -3.66 -19.03 38.99
CA GLU A 151 -4.34 -18.15 39.99
C GLU A 151 -5.30 -17.15 39.34
N TRP A 152 -4.93 -16.61 38.16
CA TRP A 152 -5.86 -15.79 37.34
C TRP A 152 -7.10 -16.51 36.96
N TYR A 153 -6.88 -17.68 36.41
CA TYR A 153 -7.99 -18.55 36.00
C TYR A 153 -8.88 -18.94 37.21
N ASN A 154 -8.25 -19.28 38.35
CA ASN A 154 -9.08 -19.58 39.50
C ASN A 154 -10.03 -18.43 39.93
N ALA A 155 -9.66 -17.16 39.66
CA ALA A 155 -10.52 -16.03 39.99
C ALA A 155 -11.59 -15.84 38.90
N VAL A 156 -11.18 -15.82 37.65
CA VAL A 156 -12.08 -15.45 36.56
C VAL A 156 -12.99 -16.58 36.09
N PHE A 157 -12.47 -17.81 36.13
CA PHE A 157 -13.28 -18.97 35.69
C PHE A 157 -14.58 -19.12 36.41
N PRO A 158 -14.69 -18.90 37.74
CA PRO A 158 -16.02 -19.05 38.38
C PRO A 158 -17.04 -17.98 37.81
N VAL A 159 -16.57 -16.81 37.40
CA VAL A 159 -17.45 -15.78 36.86
C VAL A 159 -17.95 -16.22 35.47
N ILE A 160 -17.04 -16.71 34.66
CA ILE A 160 -17.37 -17.24 33.32
C ILE A 160 -18.36 -18.33 33.47
N ARG A 161 -18.08 -19.27 34.37
CA ARG A 161 -18.94 -20.44 34.54
C ARG A 161 -20.34 -20.09 34.87
N LYS A 162 -20.54 -19.14 35.79
CA LYS A 162 -21.83 -18.71 36.20
C LYS A 162 -22.64 -18.17 34.99
N TYR A 163 -21.92 -17.51 34.05
CA TYR A 163 -22.54 -16.84 32.93
C TYR A 163 -22.52 -17.55 31.62
N LEU A 164 -22.22 -18.82 31.62
CA LEU A 164 -22.28 -19.65 30.43
C LEU A 164 -23.74 -19.81 30.00
N TYR A 165 -23.97 -19.87 28.67
CA TYR A 165 -25.30 -19.98 28.10
C TYR A 165 -26.02 -21.21 28.68
N THR A 166 -25.23 -22.21 28.99
CA THR A 166 -25.74 -23.44 29.59
C THR A 166 -26.26 -23.33 31.00
N ASN A 167 -25.91 -22.21 31.64
CA ASN A 167 -26.32 -21.86 32.98
C ASN A 167 -27.19 -20.63 33.03
N GLY A 168 -27.77 -20.22 31.86
CA GLY A 168 -28.70 -19.10 31.81
C GLY A 168 -28.12 -17.77 31.52
N GLY A 169 -26.80 -17.78 31.21
CA GLY A 169 -26.16 -16.51 30.80
C GLY A 169 -25.93 -16.46 29.35
N PRO A 170 -25.00 -15.58 28.94
CA PRO A 170 -24.88 -15.34 27.48
C PRO A 170 -23.73 -16.04 26.85
N ILE A 171 -22.78 -16.55 27.63
CA ILE A 171 -21.53 -16.91 27.07
C ILE A 171 -21.56 -18.22 26.32
N ILE A 172 -21.17 -18.19 25.03
CA ILE A 172 -21.27 -19.34 24.14
C ILE A 172 -19.95 -19.97 23.79
N SER A 173 -18.80 -19.30 24.09
CA SER A 173 -17.51 -19.89 23.85
C SER A 173 -16.48 -19.14 24.68
N VAL A 174 -15.49 -19.93 25.11
CA VAL A 174 -14.29 -19.40 25.85
C VAL A 174 -13.03 -19.68 25.07
N SER A 175 -12.25 -18.65 24.80
CA SER A 175 -11.07 -18.76 23.98
C SER A 175 -9.76 -18.88 24.84
N ILE A 176 -8.83 -19.62 24.25
CA ILE A 176 -7.47 -19.81 24.86
C ILE A 176 -6.45 -18.77 24.48
N ASP A 177 -5.99 -17.98 25.40
CA ASP A 177 -4.88 -17.05 25.16
C ASP A 177 -5.23 -16.17 23.98
N ASP A 178 -4.25 -15.88 23.12
CA ASP A 178 -4.56 -15.08 21.94
C ASP A 178 -3.46 -15.32 20.96
N GLU A 179 -3.82 -16.01 19.88
CA GLU A 179 -2.91 -16.27 18.77
C GLU A 179 -1.49 -16.58 19.17
N PRO A 180 -1.31 -17.53 20.07
CA PRO A 180 -0.02 -17.65 20.78
C PRO A 180 1.11 -17.82 19.81
N SER A 181 2.11 -16.94 19.86
CA SER A 181 3.13 -16.88 18.83
C SER A 181 4.50 -16.60 19.48
N TYR A 182 4.62 -16.99 20.78
CA TYR A 182 5.76 -16.55 21.48
C TYR A 182 5.86 -15.05 21.55
N TRP A 183 4.69 -14.42 21.70
CA TRP A 183 4.72 -13.00 22.04
C TRP A 183 5.24 -12.17 20.81
N GLU A 184 4.85 -12.66 19.60
CA GLU A 184 5.28 -12.09 18.33
C GLU A 184 6.78 -12.08 18.16
N THR A 185 7.38 -13.20 18.60
CA THR A 185 8.81 -13.33 18.40
C THR A 185 9.19 -14.53 17.49
N ILE A 186 8.25 -15.39 17.23
CA ILE A 186 8.52 -16.61 16.40
C ILE A 186 9.08 -16.20 15.01
N PHE A 187 8.74 -15.00 14.53
CA PHE A 187 9.18 -14.52 13.24
CA PHE A 187 9.20 -14.58 13.25
C PHE A 187 10.71 -14.33 13.15
N GLN A 188 11.36 -14.13 14.30
CA GLN A 188 12.75 -13.88 14.42
C GLN A 188 13.42 -15.07 15.18
N PRO A 189 14.02 -16.03 14.44
CA PRO A 189 14.33 -17.31 14.97
C PRO A 189 15.41 -17.29 16.04
N PHE A 190 16.23 -16.24 16.05
CA PHE A 190 17.25 -16.14 17.07
C PHE A 190 17.01 -15.01 18.08
N LEU A 191 15.79 -14.46 18.11
CA LEU A 191 15.50 -13.49 19.18
C LEU A 191 15.19 -14.20 20.51
N THR A 192 14.44 -15.30 20.39
CA THR A 192 13.94 -16.09 21.52
C THR A 192 13.92 -17.56 21.21
N ASP A 193 13.82 -18.48 22.18
CA ASP A 193 13.88 -18.27 23.60
C ASP A 193 15.03 -19.06 24.13
N TYR A 194 15.97 -18.38 24.73
CA TYR A 194 17.20 -18.99 25.25
C TYR A 194 17.17 -19.07 26.84
N ASN A 195 16.01 -18.98 27.42
CA ASN A 195 15.85 -19.18 28.85
C ASN A 195 16.54 -20.45 29.25
N GLU A 196 17.16 -20.43 30.41
CA GLU A 196 17.93 -21.57 30.90
C GLU A 196 17.05 -22.85 30.97
N ILE A 197 15.75 -22.73 31.17
CA ILE A 197 15.00 -24.01 31.25
C ILE A 197 14.97 -24.75 29.88
N ILE A 198 15.18 -23.94 28.86
CA ILE A 198 15.34 -24.44 27.50
C ILE A 198 16.72 -24.95 27.17
N THR A 199 17.73 -24.20 27.50
CA THR A 199 19.04 -24.42 26.97
C THR A 199 19.95 -25.18 27.95
N LYS A 200 19.60 -25.40 29.21
CA LYS A 200 20.51 -26.07 30.15
C LYS A 200 20.71 -27.56 29.74
N PRO A 201 21.80 -28.22 30.19
CA PRO A 201 21.95 -29.67 30.00
C PRO A 201 20.63 -30.36 30.58
N GLY A 202 20.01 -31.21 29.77
CA GLY A 202 18.77 -31.86 30.10
C GLY A 202 17.54 -30.96 30.06
N GLY A 203 17.69 -29.78 29.47
CA GLY A 203 16.59 -28.78 29.33
C GLY A 203 15.63 -29.12 28.27
N LEU A 204 14.67 -28.25 28.04
CA LEU A 204 13.60 -28.69 27.11
C LEU A 204 14.05 -28.97 25.68
N TRP A 205 15.08 -28.25 25.20
CA TRP A 205 15.57 -28.52 23.86
C TRP A 205 16.17 -29.93 23.68
N GLU A 206 17.02 -30.28 24.61
CA GLU A 206 17.62 -31.58 24.61
C GLU A 206 16.59 -32.63 24.74
N LYS A 207 15.62 -32.43 25.62
CA LYS A 207 14.55 -33.48 25.78
C LYS A 207 13.71 -33.64 24.55
N TRP A 208 13.47 -32.55 23.85
CA TRP A 208 12.63 -32.59 22.64
C TRP A 208 13.46 -33.29 21.51
N LEU A 209 14.73 -32.97 21.39
CA LEU A 209 15.54 -33.68 20.46
C LEU A 209 15.43 -35.19 20.64
N GLU A 210 15.60 -35.64 21.91
CA GLU A 210 15.59 -37.07 22.26
C GLU A 210 14.23 -37.76 22.02
N GLN A 211 13.14 -36.98 22.10
CA GLN A 211 11.83 -37.53 21.89
C GLN A 211 11.57 -37.65 20.36
N ASN A 212 12.29 -36.89 19.52
CA ASN A 212 11.93 -36.79 18.06
C ASN A 212 12.88 -37.48 17.09
N TYR A 213 14.14 -37.65 17.53
CA TYR A 213 15.17 -38.24 16.74
C TYR A 213 16.15 -39.08 17.52
N THR A 214 16.66 -40.11 16.83
CA THR A 214 17.85 -40.81 17.34
C THR A 214 19.09 -39.90 17.21
N LEU A 215 20.12 -40.19 17.99
CA LEU A 215 21.34 -39.44 17.90
C LEU A 215 21.93 -39.60 16.47
N GLU A 216 21.82 -40.84 15.91
CA GLU A 216 22.36 -41.04 14.59
C GLU A 216 21.61 -40.30 13.56
N ASP A 217 20.30 -40.24 13.69
CA ASP A 217 19.52 -39.38 12.79
C ASP A 217 20.00 -37.91 12.79
N LEU A 218 20.30 -37.37 13.95
CA LEU A 218 20.75 -36.01 14.05
C LEU A 218 22.15 -35.83 13.52
N ARG A 219 23.06 -36.81 13.79
CA ARG A 219 24.37 -36.77 13.13
C ARG A 219 24.19 -36.65 11.58
N ARG A 220 23.30 -37.46 10.94
CA ARG A 220 23.15 -37.42 9.48
C ARG A 220 22.45 -36.10 9.11
N ARG A 221 21.35 -35.71 9.80
CA ARG A 221 20.47 -34.56 9.44
C ARG A 221 21.26 -33.21 9.57
N TYR A 222 22.05 -33.11 10.64
CA TYR A 222 22.79 -31.82 10.81
C TYR A 222 24.32 -31.97 10.33
N LYS A 223 24.71 -33.13 9.83
CA LYS A 223 26.09 -33.30 9.32
C LYS A 223 27.14 -33.06 10.41
N GLY A 224 26.94 -33.70 11.54
CA GLY A 224 27.74 -33.49 12.70
C GLY A 224 28.24 -34.83 13.29
N ASP A 225 29.25 -34.76 14.16
CA ASP A 225 29.87 -35.92 14.77
C ASP A 225 29.49 -36.06 16.27
N PHE A 226 28.27 -35.73 16.66
CA PHE A 226 27.84 -35.72 18.09
C PHE A 226 28.00 -37.04 18.83
N LYS A 227 28.55 -37.00 20.03
CA LYS A 227 28.66 -38.21 20.82
C LYS A 227 27.50 -38.31 21.87
N ASP A 228 26.71 -37.23 22.07
CA ASP A 228 25.64 -37.22 23.10
C ASP A 228 24.69 -36.14 22.60
N TYR A 229 23.41 -36.26 22.88
CA TYR A 229 22.46 -35.21 22.61
C TYR A 229 22.84 -33.89 23.22
N SER A 230 23.45 -33.91 24.39
CA SER A 230 23.82 -32.62 25.08
C SER A 230 24.83 -31.72 24.29
N GLU A 231 25.50 -32.33 23.31
CA GLU A 231 26.40 -31.65 22.47
C GLU A 231 25.75 -30.81 21.35
N ILE A 232 24.45 -31.02 21.13
CA ILE A 232 23.71 -30.29 20.05
C ILE A 232 23.14 -28.95 20.59
N LYS A 233 23.93 -27.91 20.39
CA LYS A 233 23.60 -26.64 21.03
C LYS A 233 22.42 -25.99 20.36
N VAL A 234 21.68 -25.15 21.03
CA VAL A 234 20.62 -24.39 20.41
C VAL A 234 21.26 -23.59 19.26
N PRO A 235 20.56 -23.41 18.13
CA PRO A 235 21.10 -22.59 17.03
C PRO A 235 20.95 -21.06 17.30
N THR A 236 21.91 -20.26 16.78
CA THR A 236 21.91 -18.82 17.00
C THR A 236 22.16 -18.01 15.75
N SER A 237 22.27 -18.65 14.58
CA SER A 237 22.46 -17.90 13.34
C SER A 237 22.06 -18.72 12.12
N PHE A 238 21.91 -18.04 10.99
CA PHE A 238 21.58 -18.71 9.78
C PHE A 238 22.70 -19.53 9.12
N SER A 239 23.87 -19.58 9.76
CA SER A 239 25.00 -20.35 9.27
C SER A 239 24.82 -21.80 9.72
N GLU A 240 23.90 -22.11 10.63
CA GLU A 240 23.67 -23.47 11.07
C GLU A 240 22.89 -24.28 10.07
N PRO A 241 22.90 -25.61 10.16
CA PRO A 241 22.18 -26.41 9.12
C PRO A 241 20.73 -26.04 9.03
N LEU A 242 20.21 -25.93 7.79
CA LEU A 242 18.77 -25.61 7.65
C LEU A 242 17.77 -26.55 8.40
N PRO A 243 18.04 -27.89 8.33
CA PRO A 243 17.29 -28.82 9.17
C PRO A 243 17.19 -28.53 10.65
N LYS A 244 18.30 -28.03 11.18
CA LYS A 244 18.37 -27.71 12.59
C LYS A 244 17.49 -26.45 12.83
N LEU A 245 17.55 -25.51 11.91
CA LEU A 245 16.69 -24.30 12.03
C LEU A 245 15.20 -24.59 12.00
N ILE A 246 14.88 -25.57 11.06
CA ILE A 246 13.52 -26.05 10.96
C ILE A 246 13.06 -26.74 12.29
N ASP A 247 13.99 -27.54 12.84
CA ASP A 247 13.74 -28.13 14.13
C ASP A 247 13.57 -27.16 15.27
N TRP A 248 14.38 -26.10 15.27
CA TRP A 248 14.21 -25.07 16.30
C TRP A 248 12.85 -24.41 16.25
N HIS A 249 12.37 -24.12 15.01
CA HIS A 249 11.03 -23.57 14.75
C HIS A 249 9.94 -24.50 15.29
N HIS A 250 10.08 -25.80 14.90
CA HIS A 250 9.10 -26.78 15.34
C HIS A 250 9.13 -27.10 16.81
N PHE A 251 10.31 -27.01 17.44
CA PHE A 251 10.37 -26.99 18.88
C PHE A 251 9.56 -25.88 19.60
N LYS A 252 9.64 -24.67 19.08
CA LYS A 252 8.87 -23.59 19.59
C LYS A 252 7.36 -23.83 19.46
N LEU A 253 7.00 -24.37 18.28
CA LEU A 253 5.58 -24.72 18.05
C LEU A 253 5.11 -25.78 19.06
N TRP A 254 5.99 -26.73 19.37
CA TRP A 254 5.76 -27.69 20.42
C TRP A 254 5.52 -27.06 21.83
N MET A 255 6.36 -26.11 22.20
CA MET A 255 6.15 -25.45 23.47
C MET A 255 4.84 -24.70 23.51
N ILE A 256 4.48 -24.04 22.39
CA ILE A 256 3.18 -23.37 22.36
C ILE A 256 2.04 -24.38 22.50
N ASN A 257 2.19 -25.49 21.80
CA ASN A 257 1.23 -26.59 21.90
C ASN A 257 0.99 -27.10 23.32
N GLU A 258 2.11 -27.26 24.06
CA GLU A 258 2.03 -27.66 25.50
C GLU A 258 1.35 -26.62 26.35
N TYR A 259 1.60 -25.30 26.10
CA TYR A 259 0.98 -24.24 26.82
C TYR A 259 -0.51 -24.35 26.53
N VAL A 260 -0.88 -24.42 25.24
CA VAL A 260 -2.28 -24.49 24.90
C VAL A 260 -3.00 -25.70 25.53
N ARG A 261 -2.30 -26.82 25.55
CA ARG A 261 -2.87 -27.99 26.22
C ARG A 261 -3.08 -27.77 27.68
N TRP A 262 -2.11 -27.19 28.34
CA TRP A 262 -2.23 -26.86 29.77
C TRP A 262 -3.51 -26.03 30.02
N ILE A 263 -3.73 -24.99 29.17
CA ILE A 263 -4.90 -24.10 29.36
C ILE A 263 -6.15 -24.90 29.04
N TYR A 264 -6.08 -25.65 27.95
CA TYR A 264 -7.25 -26.40 27.58
C TYR A 264 -7.76 -27.36 28.63
N GLU A 265 -6.83 -28.06 29.27
CA GLU A 265 -7.27 -28.99 30.26
C GLU A 265 -7.97 -28.29 31.45
N ARG A 266 -7.49 -27.11 31.84
CA ARG A 266 -8.18 -26.35 32.86
C ARG A 266 -9.59 -25.88 32.33
N MET A 267 -9.70 -25.36 31.08
CA MET A 267 -10.97 -24.89 30.57
C MET A 267 -12.01 -26.01 30.33
N ALA A 268 -11.55 -27.15 29.87
CA ALA A 268 -12.41 -28.25 29.58
C ALA A 268 -13.05 -28.82 30.79
N ARG A 269 -12.33 -28.81 31.90
CA ARG A 269 -12.88 -29.30 33.17
C ARG A 269 -14.02 -28.36 33.64
N GLU A 270 -13.95 -27.05 33.34
CA GLU A 270 -14.82 -26.03 33.93
C GLU A 270 -16.04 -25.62 33.09
N PHE A 271 -15.92 -25.72 31.78
CA PHE A 271 -16.85 -25.15 30.86
C PHE A 271 -17.36 -26.19 29.91
N ASP A 272 -18.66 -26.17 29.70
CA ASP A 272 -19.35 -27.10 28.76
C ASP A 272 -19.86 -26.41 27.55
N VAL A 273 -19.19 -25.31 27.16
CA VAL A 273 -19.41 -24.73 25.82
C VAL A 273 -18.15 -24.88 25.00
N PRO A 274 -18.17 -24.62 23.70
CA PRO A 274 -16.97 -24.75 22.82
C PRO A 274 -15.78 -23.90 23.29
N ILE A 275 -14.68 -24.57 23.40
CA ILE A 275 -13.36 -23.96 23.74
C ILE A 275 -12.64 -23.62 22.45
N SER A 276 -12.36 -22.35 22.25
CA SER A 276 -11.84 -21.86 20.98
C SER A 276 -10.42 -21.34 21.07
N ILE A 277 -9.83 -21.03 19.93
CA ILE A 277 -8.51 -20.40 19.83
C ILE A 277 -8.44 -19.63 18.52
N LEU A 278 -7.65 -18.58 18.49
CA LEU A 278 -7.41 -17.76 17.29
C LEU A 278 -5.99 -18.03 16.79
N ASP A 279 -5.85 -18.23 15.46
CA ASP A 279 -4.58 -18.26 14.78
C ASP A 279 -3.36 -18.71 15.54
N PRO A 280 -3.36 -20.01 15.92
CA PRO A 280 -2.16 -20.48 16.56
C PRO A 280 -0.87 -20.13 15.81
N TYR A 281 0.11 -19.65 16.52
CA TYR A 281 1.46 -19.34 16.10
C TYR A 281 1.55 -18.02 15.26
N LEU A 282 0.42 -17.40 14.89
CA LEU A 282 0.39 -16.35 13.92
C LEU A 282 0.96 -16.83 12.57
N LEU A 283 0.85 -18.13 12.34
CA LEU A 283 1.25 -18.81 11.08
C LEU A 283 -0.05 -19.41 10.50
N GLN A 284 0.14 -19.98 9.29
CA GLN A 284 -1.02 -20.66 8.65
C GLN A 284 -0.68 -22.07 8.29
N VAL A 285 0.34 -22.20 7.46
CA VAL A 285 0.68 -23.57 7.01
C VAL A 285 1.09 -24.45 8.20
N ALA A 286 1.73 -23.79 9.16
CA ALA A 286 2.21 -24.56 10.34
C ALA A 286 1.05 -25.05 11.16
N TRP A 287 -0.20 -24.62 10.90
CA TRP A 287 -1.34 -25.23 11.52
C TRP A 287 -1.36 -26.72 11.44
N ARG A 288 -0.69 -27.28 10.42
CA ARG A 288 -0.66 -28.77 10.39
C ARG A 288 -0.20 -29.32 11.76
N HIS A 289 0.80 -28.61 12.33
CA HIS A 289 1.32 -29.12 13.65
C HIS A 289 0.33 -28.96 14.79
N PHE A 290 -0.48 -27.89 14.70
CA PHE A 290 -1.51 -27.65 15.73
C PHE A 290 -2.61 -28.74 15.66
N PHE A 291 -3.17 -28.91 14.45
CA PHE A 291 -4.27 -29.88 14.30
C PHE A 291 -3.80 -31.33 14.61
N THR A 292 -2.58 -31.65 14.25
CA THR A 292 -2.03 -32.96 14.56
C THR A 292 -1.92 -33.10 16.03
N TYR A 293 -1.42 -32.08 16.74
CA TYR A 293 -1.29 -32.16 18.20
C TYR A 293 -2.63 -32.27 18.86
N MET A 294 -3.64 -31.53 18.37
CA MET A 294 -5.00 -31.67 18.93
C MET A 294 -5.48 -33.10 18.83
N ARG A 295 -5.27 -33.72 17.67
CA ARG A 295 -5.74 -35.10 17.47
C ARG A 295 -4.98 -36.06 18.38
N GLU A 296 -3.66 -35.87 18.47
CA GLU A 296 -2.84 -36.68 19.37
C GLU A 296 -3.20 -36.65 20.87
N HIS A 297 -3.72 -35.52 21.30
CA HIS A 297 -4.03 -35.35 22.75
C HIS A 297 -5.51 -35.18 22.98
N ASN A 298 -6.34 -35.51 21.97
CA ASN A 298 -7.77 -35.38 22.04
C ASN A 298 -8.26 -34.00 22.54
N LEU A 299 -7.69 -32.92 22.00
CA LEU A 299 -8.10 -31.60 22.44
C LEU A 299 -9.27 -31.19 21.51
N LYS A 300 -10.41 -30.86 22.03
CA LYS A 300 -11.62 -30.49 21.22
C LYS A 300 -11.67 -28.96 21.06
N ILE A 301 -10.71 -28.39 20.36
CA ILE A 301 -10.58 -26.94 20.25
C ILE A 301 -11.17 -26.50 18.92
N HIS A 302 -11.91 -25.41 18.98
CA HIS A 302 -12.54 -24.78 17.79
C HIS A 302 -11.52 -23.68 17.39
N VAL A 303 -10.85 -23.96 16.26
CA VAL A 303 -9.92 -22.99 15.76
C VAL A 303 -10.65 -21.98 14.89
N TRP A 304 -10.37 -20.69 15.13
CA TRP A 304 -10.97 -19.51 14.50
C TRP A 304 -9.81 -18.72 13.90
N THR A 305 -10.15 -17.85 12.94
CA THR A 305 -9.13 -17.06 12.26
C THR A 305 -9.46 -15.62 12.24
N GLU A 306 -8.63 -14.89 11.51
CA GLU A 306 -8.72 -13.40 11.51
C GLU A 306 -8.24 -12.86 10.15
N PHE A 307 -8.63 -11.64 9.83
CA PHE A 307 -8.24 -10.95 8.57
C PHE A 307 -7.95 -9.54 8.83
N TRP A 308 -6.65 -9.23 8.73
CA TRP A 308 -6.12 -7.90 8.96
C TRP A 308 -5.20 -7.57 7.78
N TYR A 309 -5.36 -6.39 7.21
CA TYR A 309 -4.57 -6.00 6.03
C TYR A 309 -3.92 -4.63 6.02
N SER A 310 -4.35 -3.68 6.83
CA SER A 310 -3.79 -2.37 6.83
C SER A 310 -3.64 -1.82 8.23
N PHE A 311 -2.45 -1.34 8.60
CA PHE A 311 -2.24 -0.77 9.93
C PHE A 311 -1.71 0.61 9.89
N TYR A 312 -2.43 1.54 10.53
CA TYR A 312 -1.89 2.89 10.71
C TYR A 312 -1.50 3.57 9.37
N ARG A 313 -2.45 3.35 8.46
CA ARG A 313 -2.51 3.96 7.14
C ARG A 313 -3.94 3.80 6.66
N SER A 314 -4.29 4.40 5.57
CA SER A 314 -5.64 4.17 5.06
C SER A 314 -5.88 2.67 4.72
N SER A 315 -7.14 2.29 4.66
CA SER A 315 -7.39 0.98 4.17
C SER A 315 -6.79 0.73 2.81
N ASP A 316 -6.55 -0.52 2.54
CA ASP A 316 -6.07 -0.95 1.23
C ASP A 316 -6.51 -2.31 0.87
N PHE A 317 -7.85 -2.49 0.81
CA PHE A 317 -8.43 -3.81 0.61
CA PHE A 317 -8.38 -3.83 0.51
C PHE A 317 -9.04 -3.79 -0.85
N LYS A 318 -8.19 -4.05 -1.85
CA LYS A 318 -8.55 -4.02 -3.25
C LYS A 318 -8.19 -5.35 -3.85
N GLU A 319 -8.15 -5.50 -5.20
CA GLU A 319 -7.95 -6.75 -5.81
C GLU A 319 -6.59 -7.41 -5.44
N ASP A 320 -5.61 -6.61 -5.08
CA ASP A 320 -4.26 -7.06 -4.71
C ASP A 320 -4.22 -8.05 -3.59
N LYS A 321 -5.21 -7.96 -2.70
CA LYS A 321 -5.25 -8.78 -1.49
C LYS A 321 -5.90 -10.10 -1.71
N LEU A 322 -6.51 -10.35 -2.88
CA LEU A 322 -7.22 -11.59 -3.08
C LEU A 322 -6.36 -12.84 -2.93
N GLY A 323 -5.13 -12.81 -3.44
CA GLY A 323 -4.27 -13.98 -3.27
C GLY A 323 -4.15 -14.43 -1.82
N HIS A 324 -3.78 -13.50 -0.97
CA HIS A 324 -3.59 -13.81 0.39
C HIS A 324 -4.85 -14.32 1.08
N ILE A 325 -5.97 -13.67 0.78
CA ILE A 325 -7.22 -14.04 1.40
CA ILE A 325 -7.20 -14.08 1.44
C ILE A 325 -7.62 -15.46 0.95
N TYR A 326 -7.46 -15.72 -0.39
CA TYR A 326 -7.78 -17.03 -0.90
C TYR A 326 -6.89 -18.12 -0.24
N TYR A 327 -5.61 -17.81 -0.11
CA TYR A 327 -4.63 -18.72 0.54
C TYR A 327 -5.05 -18.96 1.94
N LYS A 328 -5.34 -17.94 2.75
CA LYS A 328 -5.56 -18.09 4.16
C LYS A 328 -6.89 -18.77 4.45
N THR A 329 -7.94 -18.30 3.81
CA THR A 329 -9.18 -19.01 3.95
C THR A 329 -9.08 -20.42 3.48
N GLY A 330 -8.32 -20.69 2.44
CA GLY A 330 -8.13 -22.02 1.91
C GLY A 330 -7.53 -22.99 2.91
N ILE A 331 -6.40 -22.55 3.50
CA ILE A 331 -5.70 -23.50 4.39
C ILE A 331 -6.44 -23.62 5.71
N TYR A 332 -7.10 -22.59 6.12
CA TYR A 332 -7.98 -22.59 7.33
C TYR A 332 -9.09 -23.62 7.13
N ARG A 333 -9.82 -23.51 6.02
CA ARG A 333 -10.97 -24.35 5.90
C ARG A 333 -10.59 -25.80 5.64
N TYR A 334 -9.46 -26.03 4.96
CA TYR A 334 -8.94 -27.38 4.80
C TYR A 334 -8.84 -28.06 6.19
N HIS A 335 -8.15 -27.40 7.15
CA HIS A 335 -8.03 -28.02 8.49
C HIS A 335 -9.31 -28.01 9.28
N VAL A 336 -10.10 -26.93 9.25
CA VAL A 336 -11.25 -26.88 10.16
C VAL A 336 -12.31 -27.84 9.70
N ARG A 337 -12.48 -28.03 8.40
CA ARG A 337 -13.51 -28.99 7.92
C ARG A 337 -13.16 -30.37 8.41
N LYS A 338 -11.85 -30.72 8.43
CA LYS A 338 -11.48 -32.00 8.90
C LYS A 338 -11.62 -32.12 10.40
N ALA A 339 -11.41 -31.05 11.17
CA ALA A 339 -11.72 -31.09 12.61
C ALA A 339 -13.20 -31.13 12.96
N GLY A 340 -14.10 -30.71 12.09
CA GLY A 340 -15.53 -30.77 12.24
C GLY A 340 -16.13 -29.65 13.04
N THR A 341 -15.41 -28.51 13.12
CA THR A 341 -15.91 -27.36 13.94
C THR A 341 -16.30 -26.23 12.97
N PRO A 342 -17.13 -25.29 13.47
CA PRO A 342 -17.54 -24.26 12.47
C PRO A 342 -16.42 -23.31 12.09
N PRO A 343 -16.38 -22.91 10.80
CA PRO A 343 -15.38 -21.88 10.38
C PRO A 343 -15.83 -20.50 10.86
N LEU A 344 -14.93 -19.74 11.47
CA LEU A 344 -15.35 -18.48 12.06
C LEU A 344 -14.16 -17.57 12.02
N SER A 345 -14.42 -16.31 11.63
CA SER A 345 -13.43 -15.21 11.73
C SER A 345 -13.73 -14.38 12.97
N ILE A 346 -12.91 -14.60 14.05
CA ILE A 346 -13.17 -13.92 15.30
C ILE A 346 -12.71 -12.49 15.30
N GLU A 347 -11.78 -12.16 14.34
CA GLU A 347 -11.35 -10.76 14.21
C GLU A 347 -11.31 -10.40 12.70
N THR A 348 -12.28 -9.59 12.30
CA THR A 348 -12.41 -9.20 10.88
C THR A 348 -12.21 -7.73 10.87
N GLN A 349 -11.13 -7.24 10.32
CA GLN A 349 -10.63 -5.87 10.49
C GLN A 349 -11.76 -4.85 10.30
N SER A 350 -12.02 -4.06 11.35
CA SER A 350 -12.95 -2.95 11.27
C SER A 350 -12.38 -1.71 11.96
N SER A 351 -11.08 -1.75 12.27
CA SER A 351 -10.43 -0.60 12.97
C SER A 351 -8.97 -0.69 12.68
N LEU A 352 -8.20 0.30 13.16
CA LEU A 352 -6.75 0.33 13.07
C LEU A 352 -6.17 0.70 11.72
N ALA A 353 -7.05 0.92 10.75
CA ALA A 353 -6.69 1.65 9.54
C ALA A 353 -7.28 3.08 9.77
N HIS A 354 -6.53 4.08 9.23
CA HIS A 354 -6.87 5.43 9.54
C HIS A 354 -8.19 5.89 8.93
N THR A 355 -8.45 5.40 7.76
CA THR A 355 -9.75 5.68 7.06
C THR A 355 -10.12 4.38 6.41
N ILE A 356 -11.31 3.83 6.65
CA ILE A 356 -11.67 2.57 6.05
C ILE A 356 -12.70 2.89 4.97
N ASP A 357 -12.35 2.65 3.71
CA ASP A 357 -13.25 2.91 2.59
C ASP A 357 -14.36 1.81 2.65
N PRO A 358 -15.64 2.20 2.56
CA PRO A 358 -16.68 1.19 2.75
C PRO A 358 -16.66 0.12 1.68
N THR A 359 -16.24 0.50 0.44
CA THR A 359 -16.22 -0.54 -0.62
C THR A 359 -15.12 -1.58 -0.45
N GLU A 360 -14.03 -1.19 0.18
CA GLU A 360 -12.93 -2.06 0.48
C GLU A 360 -13.33 -2.96 1.66
N ALA A 361 -13.97 -2.35 2.65
CA ALA A 361 -14.49 -3.16 3.77
C ALA A 361 -15.48 -4.16 3.23
N GLU A 362 -16.41 -3.71 2.31
CA GLU A 362 -17.32 -4.64 1.76
C GLU A 362 -16.67 -5.81 1.02
N LEU A 363 -15.64 -5.51 0.24
CA LEU A 363 -14.95 -6.56 -0.46
C LEU A 363 -14.37 -7.59 0.58
N LEU A 364 -13.65 -7.13 1.58
CA LEU A 364 -13.07 -7.99 2.59
C LEU A 364 -14.15 -8.86 3.26
N TYR A 365 -15.21 -8.18 3.76
CA TYR A 365 -16.17 -8.91 4.53
C TYR A 365 -16.96 -9.90 3.68
N SER A 366 -17.37 -9.41 2.52
CA SER A 366 -18.29 -10.20 1.67
C SER A 366 -17.63 -11.36 0.95
N ILE A 367 -16.31 -11.34 0.85
CA ILE A 367 -15.62 -12.48 0.21
C ILE A 367 -15.37 -13.64 1.24
N LEU A 368 -15.57 -13.40 2.53
CA LEU A 368 -15.33 -14.46 3.50
C LEU A 368 -16.35 -15.59 3.37
N PRO A 369 -17.66 -15.32 3.24
CA PRO A 369 -18.59 -16.41 3.11
C PRO A 369 -18.38 -17.32 1.92
N PRO A 370 -18.16 -16.83 0.71
CA PRO A 370 -17.84 -17.72 -0.42
C PRO A 370 -16.53 -18.42 -0.28
N LEU A 371 -15.61 -17.92 0.48
CA LEU A 371 -14.36 -18.54 0.77
C LEU A 371 -14.46 -19.50 2.03
N GLY A 372 -15.67 -19.75 2.49
CA GLY A 372 -15.90 -20.78 3.48
C GLY A 372 -16.19 -20.30 4.85
N ILE A 373 -16.27 -19.01 5.15
CA ILE A 373 -16.40 -18.52 6.52
C ILE A 373 -17.66 -17.65 6.54
N PRO A 374 -18.78 -18.19 7.03
CA PRO A 374 -19.99 -17.39 7.09
C PRO A 374 -20.17 -16.70 8.43
N ASN A 375 -19.42 -17.19 9.47
CA ASN A 375 -19.51 -16.69 10.84
C ASN A 375 -18.37 -15.67 10.96
N ILE A 376 -18.78 -14.43 11.29
CA ILE A 376 -17.86 -13.28 11.21
C ILE A 376 -18.12 -12.36 12.43
N ASN A 377 -16.97 -12.04 13.08
CA ASN A 377 -16.94 -11.06 14.14
C ASN A 377 -16.09 -9.91 13.64
N TYR A 378 -16.61 -8.69 13.79
CA TYR A 378 -15.96 -7.47 13.43
C TYR A 378 -15.19 -6.92 14.62
N TYR A 379 -13.87 -6.70 14.40
CA TYR A 379 -12.99 -6.20 15.43
C TYR A 379 -12.21 -5.04 14.95
N LEU A 380 -12.21 -3.91 15.63
CA LEU A 380 -12.95 -3.56 16.84
C LEU A 380 -14.27 -2.87 16.44
N PHE A 381 -15.37 -3.45 16.85
CA PHE A 381 -16.65 -2.82 16.41
C PHE A 381 -16.97 -1.54 17.17
N VAL A 382 -16.77 -1.55 18.50
CA VAL A 382 -17.09 -0.40 19.34
C VAL A 382 -15.77 0.26 19.78
N GLY A 383 -15.57 1.47 19.31
CA GLY A 383 -14.43 2.23 19.72
C GLY A 383 -14.35 2.55 21.20
N GLY A 384 -13.09 2.65 21.68
CA GLY A 384 -12.84 2.78 23.09
C GLY A 384 -11.69 3.72 23.38
N GLU A 385 -11.23 3.62 24.67
CA GLU A 385 -10.17 4.41 25.21
C GLU A 385 -9.44 3.60 26.26
N ASN A 386 -8.19 3.86 26.45
CA ASN A 386 -7.38 3.14 27.39
C ASN A 386 -7.25 3.86 28.71
N PRO A 387 -7.65 3.18 29.82
CA PRO A 387 -7.43 3.74 31.14
C PRO A 387 -5.94 3.97 31.42
N GLU A 388 -5.66 5.03 32.18
CA GLU A 388 -4.34 5.42 32.50
C GLU A 388 -3.53 4.25 33.06
N GLY A 389 -2.38 4.07 32.48
CA GLY A 389 -1.45 3.03 32.80
C GLY A 389 -1.56 1.73 32.04
N TYR A 390 -2.59 1.61 31.23
CA TYR A 390 -2.83 0.47 30.44
C TYR A 390 -2.58 0.70 28.97
N GLU A 391 -2.20 1.90 28.56
CA GLU A 391 -1.83 2.11 27.15
C GLU A 391 -0.64 1.22 26.73
N SER A 392 -0.61 0.98 25.47
CA SER A 392 0.52 0.36 24.82
C SER A 392 0.69 0.95 23.41
N HIS A 393 0.03 0.42 22.41
CA HIS A 393 0.43 0.66 21.02
C HIS A 393 -0.24 1.94 20.42
N ASN A 394 -1.15 2.57 21.08
CA ASN A 394 -1.90 3.69 20.49
C ASN A 394 -2.01 4.85 21.46
N GLY A 395 -1.26 4.89 22.57
CA GLY A 395 -1.53 5.89 23.58
C GLY A 395 -2.94 5.80 24.16
N ILE A 396 -3.54 6.96 24.42
CA ILE A 396 -4.88 6.93 25.01
C ILE A 396 -5.89 6.23 24.12
N THR A 397 -5.76 6.33 22.83
CA THR A 397 -6.89 5.96 21.99
C THR A 397 -7.08 4.47 21.82
N TRP A 398 -8.38 4.11 21.76
CA TRP A 398 -8.72 2.76 21.28
C TRP A 398 -9.88 2.92 20.30
N ASP A 399 -9.92 4.05 19.57
CA ASP A 399 -10.93 4.29 18.53
C ASP A 399 -10.22 4.83 17.27
N VAL A 400 -9.70 3.87 16.48
CA VAL A 400 -9.04 4.12 15.23
C VAL A 400 -10.00 3.69 14.15
N TYR A 401 -10.98 4.54 13.82
CA TYR A 401 -11.95 4.27 12.74
C TYR A 401 -12.82 3.06 12.95
N SER A 402 -13.23 2.76 14.19
CA SER A 402 -14.16 1.72 14.40
C SER A 402 -15.53 2.11 13.77
N PRO A 403 -16.36 1.09 13.52
CA PRO A 403 -17.68 1.37 13.00
C PRO A 403 -18.56 2.22 13.86
N VAL A 404 -18.47 2.03 15.16
CA VAL A 404 -19.02 2.90 16.17
C VAL A 404 -17.92 3.53 16.91
N GLY A 405 -17.94 4.85 16.93
CA GLY A 405 -16.92 5.59 17.60
C GLY A 405 -17.02 5.53 19.09
N LEU A 406 -15.95 6.00 19.76
CA LEU A 406 -15.97 6.11 21.23
C LEU A 406 -17.13 7.00 21.74
N ASP A 407 -17.49 7.98 20.93
CA ASP A 407 -18.60 8.93 21.19
C ASP A 407 -19.98 8.45 20.71
N GLY A 408 -20.05 7.26 20.11
CA GLY A 408 -21.26 6.74 19.58
C GLY A 408 -21.57 7.12 18.11
N SER A 409 -20.65 7.81 17.46
CA SER A 409 -20.78 8.15 16.04
C SER A 409 -20.81 6.84 15.25
N GLU A 410 -21.38 6.88 14.05
CA GLU A 410 -21.40 5.74 13.12
C GLU A 410 -20.54 6.12 11.93
N ARG A 411 -19.56 5.28 11.63
CA ARG A 411 -18.65 5.48 10.48
C ARG A 411 -19.19 4.69 9.30
N PRO A 412 -18.65 4.90 8.05
CA PRO A 412 -19.30 4.38 6.85
C PRO A 412 -19.34 2.92 6.74
N HIS A 413 -18.40 2.24 7.39
CA HIS A 413 -18.44 0.79 7.31
C HIS A 413 -19.42 0.09 8.23
N PHE A 414 -20.05 0.90 9.11
CA PHE A 414 -21.17 0.40 9.93
C PHE A 414 -22.30 -0.12 9.01
N GLY A 415 -22.66 0.68 8.03
CA GLY A 415 -23.72 0.29 7.16
C GLY A 415 -23.35 -0.91 6.26
N VAL A 416 -22.09 -1.09 5.94
CA VAL A 416 -21.66 -2.26 5.26
C VAL A 416 -21.86 -3.53 6.12
N ILE A 417 -21.43 -3.45 7.37
CA ILE A 417 -21.60 -4.56 8.30
C ILE A 417 -23.07 -4.90 8.45
N LYS A 418 -23.88 -3.89 8.69
CA LYS A 418 -25.36 -4.06 8.88
C LYS A 418 -25.91 -4.82 7.67
N ALA A 419 -25.64 -4.36 6.43
CA ALA A 419 -26.27 -4.98 5.27
C ALA A 419 -25.80 -6.44 5.16
N LEU A 420 -24.50 -6.71 5.31
CA LEU A 420 -24.02 -8.05 5.08
C LEU A 420 -24.54 -8.98 6.25
N SER A 421 -24.62 -8.47 7.48
CA SER A 421 -25.08 -9.28 8.67
C SER A 421 -26.52 -9.69 8.45
N GLU A 422 -27.35 -8.80 7.91
CA GLU A 422 -28.75 -9.08 7.68
C GLU A 422 -28.87 -10.25 6.68
N THR A 423 -28.06 -10.21 5.62
CA THR A 423 -28.06 -11.25 4.64
C THR A 423 -27.60 -12.58 5.24
N MET A 424 -26.49 -12.53 5.97
CA MET A 424 -25.92 -13.78 6.50
C MET A 424 -26.82 -14.45 7.52
N THR A 425 -27.58 -13.72 8.31
CA THR A 425 -28.40 -14.30 9.36
C THR A 425 -29.78 -14.72 8.79
N SER A 426 -30.15 -14.22 7.60
CA SER A 426 -31.48 -14.37 7.09
C SER A 426 -31.70 -15.11 5.82
N ALA A 427 -30.69 -15.25 4.97
CA ALA A 427 -30.88 -15.87 3.63
C ALA A 427 -30.82 -17.36 3.68
N GLU A 428 -31.90 -18.06 3.33
CA GLU A 428 -32.01 -19.52 3.61
C GLU A 428 -30.99 -20.30 2.85
N GLY A 429 -30.24 -21.11 3.54
CA GLY A 429 -29.32 -22.03 2.88
C GLY A 429 -28.00 -21.36 2.53
N LEU A 430 -27.80 -20.07 2.79
CA LEU A 430 -26.52 -19.42 2.40
C LEU A 430 -25.30 -19.91 3.18
N ALA A 431 -25.42 -19.85 4.50
CA ALA A 431 -24.28 -20.28 5.31
C ALA A 431 -23.78 -21.67 5.04
N ASP A 432 -24.72 -22.59 4.78
CA ASP A 432 -24.43 -24.01 4.59
C ASP A 432 -23.92 -24.32 3.22
N ALA A 433 -24.08 -23.40 2.25
CA ALA A 433 -23.59 -23.65 0.95
C ALA A 433 -22.11 -23.49 0.90
N GLU A 434 -21.47 -24.24 -0.04
CA GLU A 434 -19.95 -24.40 -0.02
C GLU A 434 -19.39 -24.22 -1.39
N LEU A 435 -18.29 -23.45 -1.50
CA LEU A 435 -17.51 -23.43 -2.71
C LEU A 435 -16.83 -24.76 -2.92
N ARG A 436 -16.87 -25.25 -4.14
CA ARG A 436 -16.29 -26.57 -4.51
C ARG A 436 -15.35 -26.42 -5.69
N PRO A 437 -14.13 -25.91 -5.43
CA PRO A 437 -13.23 -25.63 -6.54
C PRO A 437 -12.79 -26.88 -7.34
N LYS A 438 -12.42 -26.61 -8.58
CA LYS A 438 -11.85 -27.61 -9.48
C LYS A 438 -10.32 -27.69 -9.30
N VAL A 439 -9.73 -26.65 -8.69
CA VAL A 439 -8.29 -26.51 -8.60
C VAL A 439 -7.89 -26.44 -7.12
N ALA A 440 -6.71 -26.97 -6.85
CA ALA A 440 -6.10 -26.84 -5.52
C ALA A 440 -4.67 -26.32 -5.68
N VAL A 441 -4.22 -25.64 -4.61
CA VAL A 441 -2.83 -25.27 -4.45
C VAL A 441 -2.30 -26.16 -3.32
N GLY A 442 -1.05 -26.61 -3.54
CA GLY A 442 -0.33 -27.43 -2.54
C GLY A 442 0.67 -26.62 -1.75
N LEU A 443 0.38 -26.53 -0.45
CA LEU A 443 1.27 -25.75 0.44
C LEU A 443 2.22 -26.67 1.17
N TYR A 444 3.41 -26.19 1.49
CA TYR A 444 4.40 -27.02 2.10
C TYR A 444 5.02 -26.22 3.27
N GLU A 445 4.80 -26.74 4.48
CA GLU A 445 5.12 -25.97 5.68
C GLU A 445 6.50 -25.41 5.81
N PRO A 446 7.54 -26.19 5.49
CA PRO A 446 8.87 -25.64 5.64
C PRO A 446 9.09 -24.37 4.89
N TYR A 447 8.43 -24.24 3.75
CA TYR A 447 8.61 -22.98 2.97
C TYR A 447 8.02 -21.80 3.69
N GLU A 448 6.98 -22.01 4.49
CA GLU A 448 6.43 -20.86 5.24
C GLU A 448 7.46 -20.26 6.20
N ALA A 449 8.23 -21.18 6.87
CA ALA A 449 9.27 -20.81 7.78
C ALA A 449 10.32 -19.89 7.06
N LEU A 450 10.76 -20.44 5.91
CA LEU A 450 11.81 -19.76 5.14
C LEU A 450 11.35 -18.36 4.70
N ASN A 451 10.09 -18.27 4.26
CA ASN A 451 9.55 -16.95 3.91
C ASN A 451 9.51 -15.97 5.09
N LEU A 452 9.10 -16.50 6.26
CA LEU A 452 9.05 -15.76 7.51
C LEU A 452 10.43 -15.16 7.76
N TRP A 453 11.46 -15.94 7.60
CA TRP A 453 12.83 -15.56 7.95
C TRP A 453 13.52 -14.70 6.92
N GLY A 454 13.02 -14.71 5.66
CA GLY A 454 13.83 -14.18 4.57
C GLY A 454 15.12 -14.91 4.29
N TYR A 455 15.04 -16.21 4.49
CA TYR A 455 16.22 -17.10 4.37
C TYR A 455 16.87 -16.96 2.98
N GLU A 456 18.19 -16.85 2.98
CA GLU A 456 18.98 -16.72 1.73
C GLU A 456 19.88 -17.90 1.31
N GLY A 457 20.17 -18.80 2.06
CA GLY A 457 20.99 -19.89 1.22
C GLY A 457 20.67 -20.58 -0.24
N LEU A 458 19.45 -20.60 -0.73
CA LEU A 458 19.01 -21.59 -1.75
C LEU A 458 19.11 -21.11 -3.19
N GLU A 459 19.04 -22.05 -4.16
CA GLU A 459 18.91 -21.73 -5.57
C GLU A 459 17.67 -20.83 -5.79
N GLU A 460 16.57 -21.14 -5.14
CA GLU A 460 15.40 -20.31 -5.33
C GLU A 460 15.21 -19.33 -4.21
N SER A 461 14.58 -18.19 -4.54
CA SER A 461 14.26 -17.19 -3.58
C SER A 461 13.21 -17.67 -2.59
N THR A 462 13.30 -17.22 -1.31
CA THR A 462 12.26 -17.46 -0.38
C THR A 462 11.28 -16.35 -0.23
N ASP A 463 11.25 -15.45 -1.23
CA ASP A 463 10.33 -14.31 -1.22
C ASP A 463 8.98 -14.75 -1.76
N LEU A 464 8.33 -15.62 -0.94
CA LEU A 464 6.97 -16.07 -1.27
C LEU A 464 5.92 -15.01 -1.06
N ASN A 465 6.21 -14.05 -0.23
CA ASN A 465 5.36 -12.85 -0.15
C ASN A 465 5.20 -12.22 -1.58
N GLU A 466 6.28 -12.14 -2.30
CA GLU A 466 6.26 -11.55 -3.63
C GLU A 466 5.70 -12.54 -4.69
N TYR A 467 6.22 -13.77 -4.71
CA TYR A 467 5.88 -14.63 -5.87
C TYR A 467 4.62 -15.40 -5.68
N LEU A 468 4.15 -15.63 -4.45
CA LEU A 468 2.92 -16.37 -4.15
C LEU A 468 1.81 -15.54 -3.58
N LEU A 469 2.07 -14.78 -2.53
CA LEU A 469 0.97 -14.33 -1.66
C LEU A 469 0.44 -12.94 -2.00
N GLY A 470 1.32 -12.01 -2.47
CA GLY A 470 1.06 -10.59 -2.45
C GLY A 470 0.29 -10.05 -3.67
N GLU A 471 0.52 -8.77 -3.88
CA GLU A 471 -0.19 -8.04 -4.91
C GLU A 471 0.07 -8.57 -6.35
N ARG A 472 1.23 -9.17 -6.58
CA ARG A 472 1.57 -9.86 -7.86
C ARG A 472 1.70 -11.34 -7.69
N GLY A 473 1.25 -11.89 -6.55
CA GLY A 473 1.49 -13.32 -6.29
C GLY A 473 0.72 -14.20 -7.29
N LEU A 474 1.23 -15.42 -7.44
CA LEU A 474 0.48 -16.45 -8.21
C LEU A 474 -0.93 -16.54 -7.66
N PHE A 475 -1.13 -16.54 -6.35
CA PHE A 475 -2.47 -16.76 -5.81
C PHE A 475 -3.45 -15.64 -6.21
N THR A 476 -2.92 -14.41 -6.29
CA THR A 476 -3.75 -13.29 -6.77
C THR A 476 -4.07 -13.50 -8.22
N LEU A 477 -3.09 -13.95 -8.99
CA LEU A 477 -3.37 -14.29 -10.43
C LEU A 477 -4.50 -15.32 -10.48
N LEU A 478 -4.37 -16.41 -9.74
CA LEU A 478 -5.47 -17.45 -9.85
C LEU A 478 -6.80 -16.84 -9.50
N ALA A 479 -6.89 -16.10 -8.40
CA ALA A 479 -8.16 -15.48 -8.05
C ALA A 479 -8.69 -14.60 -9.20
N MET A 480 -7.85 -13.69 -9.69
CA MET A 480 -8.30 -12.73 -10.68
C MET A 480 -8.51 -13.39 -12.07
N SER A 481 -8.00 -14.58 -12.32
CA SER A 481 -8.26 -15.41 -13.49
C SER A 481 -9.57 -16.16 -13.38
N ASN A 482 -10.38 -15.93 -12.30
CA ASN A 482 -11.57 -16.69 -12.08
C ASN A 482 -11.25 -18.17 -11.98
N THR A 483 -10.25 -18.45 -11.14
CA THR A 483 -9.88 -19.84 -10.81
C THR A 483 -9.93 -19.94 -9.29
N PRO A 484 -11.10 -20.22 -8.73
CA PRO A 484 -11.15 -20.51 -7.29
C PRO A 484 -10.29 -21.70 -6.97
N PHE A 485 -9.77 -21.81 -5.74
CA PHE A 485 -8.89 -22.90 -5.38
C PHE A 485 -9.08 -23.24 -3.90
N ASP A 486 -8.97 -24.56 -3.63
CA ASP A 486 -8.72 -25.04 -2.31
C ASP A 486 -7.21 -25.03 -2.05
N ALA A 487 -6.81 -24.97 -0.81
CA ALA A 487 -5.45 -25.08 -0.47
C ALA A 487 -5.33 -26.30 0.38
N VAL A 488 -4.34 -27.11 0.08
CA VAL A 488 -4.15 -28.31 0.87
C VAL A 488 -2.75 -28.38 1.45
N ASP A 489 -2.59 -29.08 2.60
CA ASP A 489 -1.25 -29.28 3.20
C ASP A 489 -0.68 -30.47 2.43
N LEU A 490 0.39 -30.23 1.67
CA LEU A 490 0.98 -31.36 0.92
C LEU A 490 1.51 -32.56 1.70
N GLU A 491 1.96 -32.32 2.94
CA GLU A 491 2.38 -33.46 3.75
C GLU A 491 1.22 -34.29 4.24
N ASP A 492 0.11 -33.64 4.66
CA ASP A 492 -1.02 -34.32 5.35
C ASP A 492 -1.96 -34.92 4.23
N VAL A 493 -2.11 -34.28 3.07
CA VAL A 493 -3.24 -34.58 2.15
C VAL A 493 -3.13 -36.01 1.63
N THR A 494 -4.28 -36.66 1.51
CA THR A 494 -4.27 -38.02 0.93
C THR A 494 -4.27 -37.95 -0.56
N LEU A 495 -3.81 -39.00 -1.18
CA LEU A 495 -4.04 -39.18 -2.64
C LEU A 495 -5.45 -39.03 -3.12
N ASP A 496 -6.41 -39.64 -2.39
CA ASP A 496 -7.78 -39.51 -2.83
C ASP A 496 -8.23 -38.11 -2.77
N GLU A 497 -7.84 -37.33 -1.75
CA GLU A 497 -8.19 -35.92 -1.70
C GLU A 497 -7.59 -35.20 -2.91
N LEU A 498 -6.32 -35.45 -3.17
CA LEU A 498 -5.71 -34.76 -4.32
C LEU A 498 -6.39 -35.03 -5.63
N LEU A 499 -6.71 -36.31 -5.84
CA LEU A 499 -7.30 -36.75 -7.10
C LEU A 499 -8.77 -36.24 -7.26
N SER A 500 -9.35 -35.68 -6.19
CA SER A 500 -10.62 -35.00 -6.25
C SER A 500 -10.63 -33.68 -6.95
N TYR A 501 -9.44 -33.16 -7.30
CA TYR A 501 -9.25 -31.91 -8.00
C TYR A 501 -8.83 -32.19 -9.42
N ASP A 502 -9.22 -31.35 -10.33
CA ASP A 502 -8.77 -31.42 -11.69
C ASP A 502 -7.40 -30.87 -12.03
N GLN A 503 -6.86 -30.12 -11.11
CA GLN A 503 -5.53 -29.50 -11.36
C GLN A 503 -5.00 -29.06 -10.00
N LEU A 504 -3.70 -29.34 -9.78
CA LEU A 504 -3.00 -29.00 -8.52
C LEU A 504 -1.80 -28.15 -8.83
N TRP A 505 -1.68 -26.99 -8.24
CA TRP A 505 -0.49 -26.11 -8.45
C TRP A 505 0.42 -26.19 -7.25
N VAL A 506 1.67 -26.46 -7.52
CA VAL A 506 2.69 -26.58 -6.46
C VAL A 506 3.85 -25.67 -6.76
N TYR A 507 4.12 -24.72 -5.89
CA TYR A 507 5.31 -23.90 -5.96
C TYR A 507 6.45 -24.59 -5.23
N SER A 508 7.56 -24.86 -5.90
CA SER A 508 8.69 -25.62 -5.31
C SER A 508 9.95 -24.78 -5.18
N LEU A 509 10.63 -25.01 -4.08
CA LEU A 509 12.01 -24.54 -3.94
C LEU A 509 12.92 -25.75 -4.10
N ASP A 510 14.16 -25.62 -3.61
CA ASP A 510 15.19 -26.61 -3.87
C ASP A 510 14.92 -27.93 -3.24
N PHE A 511 14.19 -27.97 -2.12
CA PHE A 511 14.05 -29.17 -1.29
C PHE A 511 12.56 -29.43 -1.14
N MET A 512 12.22 -30.72 -1.02
CA MET A 512 10.83 -31.16 -0.82
C MET A 512 10.97 -32.62 -0.27
N SER A 513 10.21 -32.94 0.80
CA SER A 513 10.42 -34.23 1.51
C SER A 513 10.22 -35.41 0.46
N ARG A 514 10.79 -36.54 0.77
CA ARG A 514 10.60 -37.74 0.03
C ARG A 514 9.11 -38.08 0.01
N GLU A 515 8.42 -38.02 1.13
CA GLU A 515 7.04 -38.34 1.24
C GLU A 515 6.18 -37.46 0.24
N VAL A 516 6.46 -36.16 0.18
CA VAL A 516 5.70 -35.29 -0.73
C VAL A 516 6.10 -35.51 -2.18
N GLN A 517 7.41 -35.63 -2.49
CA GLN A 517 7.79 -35.89 -3.90
C GLN A 517 7.15 -37.22 -4.38
N ASP A 518 7.25 -38.24 -3.58
CA ASP A 518 6.67 -39.52 -4.00
C ASP A 518 5.16 -39.48 -4.18
N LYS A 519 4.50 -38.72 -3.35
CA LYS A 519 3.08 -38.50 -3.45
C LYS A 519 2.70 -37.81 -4.71
N LEU A 520 3.47 -36.81 -5.07
CA LEU A 520 3.16 -36.12 -6.32
C LEU A 520 3.32 -37.02 -7.55
N VAL A 521 4.36 -37.89 -7.47
CA VAL A 521 4.54 -38.89 -8.52
C VAL A 521 3.27 -39.75 -8.64
N GLU A 522 2.80 -40.29 -7.53
CA GLU A 522 1.64 -41.13 -7.54
C GLU A 522 0.41 -40.39 -8.04
N PHE A 523 0.25 -39.13 -7.60
CA PHE A 523 -0.87 -38.25 -8.06
C PHE A 523 -0.92 -38.21 -9.57
N VAL A 524 0.18 -37.86 -10.19
CA VAL A 524 0.27 -37.72 -11.64
C VAL A 524 -0.03 -39.08 -12.33
N ALA A 525 0.66 -40.10 -11.84
CA ALA A 525 0.55 -41.48 -12.43
C ALA A 525 -0.91 -41.93 -12.39
N ARG A 526 -1.63 -41.54 -11.33
CA ARG A 526 -2.99 -42.02 -11.20
C ARG A 526 -4.00 -41.13 -11.91
N GLY A 527 -3.58 -40.17 -12.71
CA GLY A 527 -4.57 -39.34 -13.48
C GLY A 527 -4.62 -37.88 -13.06
N GLY A 528 -3.84 -37.50 -12.08
CA GLY A 528 -3.81 -36.12 -11.60
C GLY A 528 -3.11 -35.21 -12.58
N ASN A 529 -3.46 -33.96 -12.55
CA ASN A 529 -2.85 -32.93 -13.38
C ASN A 529 -2.15 -31.94 -12.49
N LEU A 530 -0.83 -31.88 -12.64
CA LEU A 530 0.07 -31.02 -11.82
C LEU A 530 0.52 -29.83 -12.63
N VAL A 531 0.65 -28.71 -11.95
CA VAL A 531 1.45 -27.58 -12.46
C VAL A 531 2.44 -27.28 -11.37
N ILE A 532 3.72 -27.32 -11.74
CA ILE A 532 4.81 -27.08 -10.77
C ILE A 532 5.81 -26.07 -11.33
N LEU A 533 6.23 -25.16 -10.46
CA LEU A 533 7.08 -24.04 -10.87
C LEU A 533 7.77 -23.55 -9.58
N PRO A 534 8.83 -22.76 -9.68
CA PRO A 534 9.62 -22.43 -10.86
C PRO A 534 10.82 -23.35 -11.10
N MET A 535 10.79 -24.48 -10.41
CA MET A 535 11.86 -25.49 -10.55
C MET A 535 11.21 -26.79 -10.07
N LEU A 536 11.97 -27.90 -10.21
CA LEU A 536 11.70 -29.10 -9.49
C LEU A 536 12.65 -29.29 -8.30
N PRO A 537 12.16 -29.94 -7.24
CA PRO A 537 13.06 -30.13 -6.07
C PRO A 537 14.24 -31.03 -6.45
N ARG A 538 15.39 -30.75 -5.87
CA ARG A 538 16.61 -31.51 -6.04
C ARG A 538 16.98 -32.21 -4.74
N TYR A 539 16.42 -31.85 -3.58
CA TYR A 539 16.81 -32.37 -2.28
C TYR A 539 15.60 -32.76 -1.49
N ASP A 540 15.86 -33.64 -0.52
CA ASP A 540 14.81 -33.98 0.45
C ASP A 540 14.86 -33.07 1.70
N GLU A 541 14.08 -33.44 2.70
CA GLU A 541 13.83 -32.69 3.96
C GLU A 541 15.13 -32.59 4.73
N ASN A 542 16.10 -33.47 4.45
CA ASN A 542 17.42 -33.37 5.06
C ASN A 542 18.52 -32.73 4.20
N LEU A 543 18.08 -32.12 3.12
CA LEU A 543 18.96 -31.53 2.14
C LEU A 543 19.90 -32.50 1.47
N GLU A 544 19.49 -33.77 1.44
CA GLU A 544 20.26 -34.78 0.72
C GLU A 544 19.63 -34.94 -0.65
N PRO A 545 20.43 -35.18 -1.66
CA PRO A 545 19.88 -35.26 -3.04
C PRO A 545 18.82 -36.32 -3.16
N TYR A 546 17.72 -35.88 -3.78
CA TYR A 546 16.57 -36.74 -3.90
C TYR A 546 15.64 -36.06 -4.89
N SER A 547 15.30 -36.80 -5.96
CA SER A 547 14.56 -36.20 -7.07
C SER A 547 13.60 -37.20 -7.74
N SER A 548 12.74 -37.86 -6.92
CA SER A 548 11.88 -38.83 -7.49
C SER A 548 10.93 -38.17 -8.46
N LEU A 549 10.47 -36.95 -8.15
CA LEU A 549 9.48 -36.33 -9.05
C LEU A 549 10.10 -36.05 -10.45
N LYS A 550 11.27 -35.39 -10.43
CA LYS A 550 11.94 -35.03 -11.61
C LYS A 550 12.27 -36.31 -12.47
N ASP A 551 12.77 -37.30 -11.78
CA ASP A 551 13.12 -38.54 -12.48
C ASP A 551 11.90 -39.17 -13.13
N PHE A 552 10.79 -39.25 -12.44
CA PHE A 552 9.52 -39.72 -13.04
C PHE A 552 9.02 -38.88 -14.23
N LEU A 553 9.03 -37.54 -14.06
CA LEU A 553 8.53 -36.67 -15.08
C LEU A 553 9.34 -36.76 -16.38
N GLY A 554 10.61 -37.07 -16.25
CA GLY A 554 11.44 -37.18 -17.44
C GLY A 554 11.85 -35.90 -18.15
N VAL A 555 11.83 -34.83 -17.43
CA VAL A 555 12.37 -33.56 -17.92
C VAL A 555 13.66 -33.27 -17.13
N GLU A 556 14.34 -32.22 -17.56
CA GLU A 556 15.50 -31.65 -16.86
C GLU A 556 15.33 -30.13 -16.72
N VAL A 557 15.56 -29.58 -15.55
CA VAL A 557 15.42 -28.16 -15.31
C VAL A 557 16.77 -27.63 -14.99
N GLU A 558 17.24 -26.68 -15.79
N GLU A 558 17.23 -26.72 -15.81
CA GLU A 558 18.54 -26.05 -15.58
CA GLU A 558 18.55 -26.18 -15.79
C GLU A 558 18.69 -25.48 -14.25
C GLU A 558 18.75 -25.41 -14.43
N ARG A 559 19.91 -25.58 -13.76
CA ARG A 559 20.22 -24.93 -12.52
C ARG A 559 20.51 -23.45 -12.75
N GLU A 560 19.86 -22.59 -11.94
CA GLU A 560 20.11 -21.16 -12.02
C GLU A 560 19.73 -20.62 -10.67
N LYS A 561 20.36 -19.56 -10.18
CA LYS A 561 20.07 -18.98 -8.93
C LYS A 561 19.14 -17.79 -9.10
N ALA A 562 18.09 -17.74 -8.28
CA ALA A 562 17.24 -16.56 -8.24
C ALA A 562 17.99 -15.47 -7.53
N ARG A 563 17.71 -14.26 -7.89
CA ARG A 563 18.29 -13.03 -7.35
C ARG A 563 17.42 -12.38 -6.27
N ARG A 564 18.12 -11.60 -5.39
CA ARG A 564 17.44 -10.94 -4.25
C ARG A 564 17.58 -9.45 -4.36
N ASN A 565 18.64 -8.93 -4.94
CA ASN A 565 18.83 -7.49 -5.00
C ASN A 565 17.89 -6.93 -6.02
N PRO A 566 16.96 -6.07 -5.63
CA PRO A 566 15.89 -5.64 -6.64
C PRO A 566 16.44 -5.10 -7.89
N ARG A 567 17.57 -4.40 -7.86
CA ARG A 567 18.10 -3.82 -9.09
C ARG A 567 18.59 -4.90 -10.06
N LEU A 568 18.89 -6.08 -9.53
CA LEU A 568 19.45 -7.13 -10.31
C LEU A 568 18.43 -8.23 -10.72
N ILE A 569 17.22 -8.13 -10.27
CA ILE A 569 16.12 -9.08 -10.59
C ILE A 569 15.70 -8.78 -12.01
N GLN A 570 15.76 -9.78 -12.90
CA GLN A 570 15.55 -9.57 -14.31
C GLN A 570 14.06 -9.35 -14.62
N PHE A 571 13.90 -8.64 -15.72
CA PHE A 571 12.63 -8.49 -16.40
C PHE A 571 12.77 -9.22 -17.73
N LEU A 572 11.98 -10.29 -17.92
CA LEU A 572 12.12 -11.19 -19.06
C LEU A 572 10.78 -11.44 -19.67
N SER A 573 10.78 -11.93 -20.91
CA SER A 573 9.55 -12.21 -21.63
C SER A 573 9.44 -13.61 -22.11
N VAL A 574 8.37 -14.29 -21.74
CA VAL A 574 8.13 -15.71 -22.12
C VAL A 574 6.97 -15.77 -23.11
N SER A 575 7.15 -16.58 -24.17
CA SER A 575 6.09 -16.75 -25.16
C SER A 575 5.59 -18.24 -25.20
N ALA A 576 4.36 -18.35 -25.66
CA ALA A 576 3.67 -19.63 -25.71
C ALA A 576 2.58 -19.49 -26.76
N GLU A 577 1.92 -20.57 -27.06
CA GLU A 577 0.82 -20.44 -28.03
C GLU A 577 -0.21 -19.43 -27.56
N GLY A 578 -0.45 -18.47 -28.47
CA GLY A 578 -1.35 -17.35 -28.19
C GLY A 578 -0.88 -16.34 -27.16
N ILE A 579 0.37 -16.46 -26.82
CA ILE A 579 0.98 -15.63 -25.74
C ILE A 579 2.31 -15.07 -26.22
N ASP A 580 2.23 -13.81 -26.71
CA ASP A 580 3.40 -13.17 -27.26
C ASP A 580 4.08 -12.29 -26.21
N ARG A 581 5.15 -12.80 -25.57
CA ARG A 581 5.97 -11.99 -24.67
C ARG A 581 5.27 -11.58 -23.37
N MET A 582 4.91 -12.56 -22.55
CA MET A 582 4.36 -12.37 -21.22
C MET A 582 5.53 -12.09 -20.24
N LEU A 583 5.40 -11.01 -19.45
CA LEU A 583 6.42 -10.63 -18.47
C LEU A 583 6.59 -11.69 -17.40
N VAL A 584 7.84 -12.02 -17.14
CA VAL A 584 8.22 -12.77 -15.95
C VAL A 584 9.41 -12.09 -15.28
N ARG A 585 9.52 -12.27 -13.98
CA ARG A 585 10.55 -11.66 -13.19
C ARG A 585 11.49 -12.75 -12.63
N ASN A 586 12.75 -12.35 -12.47
CA ASN A 586 13.77 -13.15 -11.83
C ASN A 586 14.13 -14.32 -12.77
N THR A 587 15.12 -15.10 -12.32
CA THR A 587 15.84 -16.03 -13.20
C THR A 587 14.91 -17.11 -13.74
N VAL A 588 15.08 -17.33 -15.02
CA VAL A 588 14.31 -18.29 -15.77
C VAL A 588 15.14 -19.51 -16.14
N ARG A 589 14.62 -20.68 -15.88
CA ARG A 589 15.32 -21.97 -16.09
C ARG A 589 14.80 -22.66 -17.31
N GLY A 590 15.74 -23.08 -18.13
CA GLY A 590 15.41 -23.99 -19.21
C GLY A 590 14.79 -25.26 -18.68
N VAL A 591 13.78 -25.78 -19.47
CA VAL A 591 13.11 -27.04 -19.19
C VAL A 591 13.19 -27.89 -20.43
N ARG A 592 14.02 -28.93 -20.39
CA ARG A 592 14.24 -29.82 -21.53
C ARG A 592 13.46 -31.11 -21.31
N GLY A 593 12.95 -31.59 -22.46
CA GLY A 593 12.17 -32.82 -22.49
C GLY A 593 10.68 -32.52 -22.58
N GLY A 594 9.88 -33.58 -22.72
CA GLY A 594 8.45 -33.43 -22.87
C GLY A 594 8.12 -32.62 -24.09
N GLU A 595 6.92 -32.06 -24.06
CA GLU A 595 6.43 -31.21 -25.15
C GLU A 595 6.69 -29.79 -24.65
N PRO A 596 7.53 -29.03 -25.38
CA PRO A 596 7.78 -27.63 -24.93
C PRO A 596 6.59 -26.75 -25.19
N ILE A 597 6.21 -25.97 -24.19
CA ILE A 597 5.00 -25.15 -24.25
C ILE A 597 5.27 -23.70 -23.91
N ALA A 598 6.45 -23.35 -23.45
CA ALA A 598 6.78 -21.91 -23.21
C ALA A 598 8.22 -21.75 -23.55
N PHE A 599 8.58 -20.56 -24.02
CA PHE A 599 9.88 -20.23 -24.56
C PHE A 599 10.39 -18.90 -24.09
N LEU A 600 11.73 -18.82 -23.84
CA LEU A 600 12.43 -17.54 -23.63
C LEU A 600 13.35 -17.41 -24.83
N GLY A 601 12.93 -16.64 -25.80
CA GLY A 601 13.56 -16.67 -27.12
C GLY A 601 13.36 -17.99 -27.77
N GLU A 602 14.41 -18.70 -28.17
CA GLU A 602 14.24 -20.04 -28.77
C GLU A 602 14.31 -21.16 -27.69
N LYS A 603 14.61 -20.83 -26.47
CA LYS A 603 14.89 -21.84 -25.39
C LYS A 603 13.56 -22.28 -24.70
N PRO A 604 13.28 -23.59 -24.64
CA PRO A 604 12.11 -24.00 -23.90
C PRO A 604 12.31 -23.73 -22.43
N VAL A 605 11.32 -23.21 -21.73
CA VAL A 605 11.33 -22.88 -20.31
C VAL A 605 10.05 -23.37 -19.65
N GLY A 606 9.25 -24.21 -20.37
CA GLY A 606 8.09 -24.86 -19.72
C GLY A 606 7.78 -26.04 -20.61
N ALA A 607 7.35 -27.15 -19.98
CA ALA A 607 7.07 -28.34 -20.72
C ALA A 607 5.86 -29.06 -20.16
N PHE A 608 5.25 -29.88 -21.02
CA PHE A 608 4.08 -30.67 -20.71
C PHE A 608 4.45 -32.11 -20.89
N VAL A 609 4.10 -32.94 -19.90
CA VAL A 609 4.30 -34.38 -19.98
C VAL A 609 3.02 -35.05 -19.59
N ARG A 610 2.73 -36.16 -20.25
CA ARG A 610 1.57 -36.99 -19.90
C ARG A 610 2.06 -38.32 -19.30
N LYS A 611 1.35 -38.87 -18.33
CA LYS A 611 1.66 -40.14 -17.75
C LYS A 611 0.33 -40.80 -17.49
N GLY A 612 0.10 -41.91 -18.16
CA GLY A 612 -1.23 -42.56 -18.12
C GLY A 612 -2.23 -41.55 -18.43
N GLY A 613 -3.26 -41.40 -17.57
CA GLY A 613 -4.25 -40.40 -17.89
C GLY A 613 -3.99 -39.10 -17.15
N GLY A 614 -2.82 -38.96 -16.51
CA GLY A 614 -2.41 -37.73 -15.79
C GLY A 614 -1.52 -36.84 -16.60
N SER A 615 -1.08 -35.75 -16.06
CA SER A 615 -0.15 -34.90 -16.75
C SER A 615 0.52 -33.97 -15.74
N ALA A 616 1.60 -33.38 -16.25
CA ALA A 616 2.27 -32.34 -15.52
C ALA A 616 2.76 -31.22 -16.42
N VAL A 617 2.60 -29.98 -15.99
CA VAL A 617 3.23 -28.86 -16.61
C VAL A 617 4.33 -28.37 -15.63
N VAL A 618 5.52 -28.29 -16.21
CA VAL A 618 6.74 -27.89 -15.43
C VAL A 618 7.22 -26.55 -15.96
N LEU A 619 7.17 -25.52 -15.15
CA LEU A 619 7.59 -24.22 -15.60
C LEU A 619 8.89 -23.82 -14.92
N GLY A 620 9.80 -23.26 -15.68
CA GLY A 620 11.04 -22.76 -15.18
C GLY A 620 11.03 -21.26 -14.81
N PHE A 621 9.87 -20.77 -14.51
CA PHE A 621 9.66 -19.34 -14.18
C PHE A 621 8.53 -19.17 -13.20
N ARG A 622 8.55 -17.97 -12.62
CA ARG A 622 7.58 -17.50 -11.61
CA ARG A 622 7.51 -17.63 -11.65
C ARG A 622 6.42 -16.87 -12.37
N LEU A 623 5.27 -17.42 -12.34
CA LEU A 623 4.09 -16.84 -12.99
C LEU A 623 3.33 -15.97 -11.95
N GLN A 624 3.13 -14.71 -12.31
CA GLN A 624 2.63 -13.65 -11.37
C GLN A 624 1.43 -12.90 -11.95
N TYR A 625 0.75 -12.20 -11.04
CA TYR A 625 -0.32 -11.35 -11.42
C TYR A 625 0.18 -9.97 -11.90
N TYR A 626 0.14 -9.84 -13.24
CA TYR A 626 0.25 -8.60 -13.87
C TYR A 626 -0.95 -8.51 -14.81
N THR A 627 -1.46 -7.31 -15.02
CA THR A 627 -2.53 -7.13 -15.98
C THR A 627 -2.26 -5.89 -16.84
N SER A 628 -3.02 -5.80 -17.92
CA SER A 628 -2.80 -4.82 -19.01
C SER A 628 -3.90 -5.10 -19.99
N HIS A 629 -3.92 -4.25 -21.04
CA HIS A 629 -4.80 -4.51 -22.19
C HIS A 629 -4.58 -5.96 -22.76
N HIS A 630 -3.34 -6.33 -22.88
CA HIS A 630 -3.01 -7.62 -23.49
C HIS A 630 -3.36 -8.79 -22.56
N ASP A 631 -3.20 -8.57 -21.24
CA ASP A 631 -3.74 -9.49 -20.21
C ASP A 631 -3.20 -10.93 -20.33
N LEU A 632 -1.88 -11.01 -20.64
CA LEU A 632 -1.31 -12.35 -20.97
C LEU A 632 -1.18 -13.27 -19.80
N HIS A 633 -1.10 -12.72 -18.60
CA HIS A 633 -0.90 -13.59 -17.46
C HIS A 633 -2.15 -14.42 -17.18
N ARG A 634 -3.31 -13.69 -17.12
CA ARG A 634 -4.62 -14.36 -17.05
C ARG A 634 -4.80 -15.34 -18.19
N LYS A 635 -4.47 -14.87 -19.43
CA LYS A 635 -4.61 -15.74 -20.57
C LYS A 635 -3.83 -16.97 -20.51
N PHE A 636 -2.61 -16.90 -20.00
CA PHE A 636 -1.78 -18.09 -19.82
C PHE A 636 -2.37 -19.08 -18.84
N VAL A 637 -2.91 -18.57 -17.73
CA VAL A 637 -3.65 -19.46 -16.79
C VAL A 637 -4.70 -20.21 -17.57
N TRP A 638 -5.52 -19.48 -18.31
CA TRP A 638 -6.64 -20.09 -19.06
C TRP A 638 -6.12 -21.16 -20.05
N LYS A 639 -5.01 -20.90 -20.70
CA LYS A 639 -4.39 -21.88 -21.59
C LYS A 639 -3.92 -23.12 -20.87
N LEU A 640 -3.37 -22.97 -19.69
CA LEU A 640 -2.97 -24.15 -18.91
C LEU A 640 -4.18 -24.97 -18.43
N LYS A 641 -5.23 -24.24 -18.01
CA LYS A 641 -6.47 -24.94 -17.62
C LYS A 641 -7.02 -25.70 -18.82
N GLU A 642 -7.05 -25.07 -20.00
CA GLU A 642 -7.56 -25.77 -21.22
C GLU A 642 -6.66 -27.00 -21.54
N LEU A 643 -5.34 -26.87 -21.43
CA LEU A 643 -4.41 -27.96 -21.71
C LEU A 643 -4.67 -29.17 -20.87
N GLN A 644 -5.02 -28.92 -19.59
CA GLN A 644 -5.23 -30.01 -18.66
C GLN A 644 -6.73 -30.39 -18.47
N GLY A 645 -7.64 -29.79 -19.23
CA GLY A 645 -9.01 -30.19 -19.18
C GLY A 645 -9.87 -29.64 -18.08
N VAL A 646 -9.41 -28.57 -17.45
CA VAL A 646 -10.11 -28.04 -16.26
C VAL A 646 -11.27 -27.19 -16.82
N ARG A 647 -12.47 -27.41 -16.31
CA ARG A 647 -13.61 -26.59 -16.76
C ARG A 647 -14.37 -26.21 -15.46
N GLU A 648 -14.45 -24.92 -15.22
CA GLU A 648 -15.27 -24.42 -14.14
C GLU A 648 -16.81 -24.61 -14.40
N ASP A 649 -17.60 -24.58 -13.36
CA ASP A 649 -19.04 -24.68 -13.40
C ASP A 649 -19.69 -23.41 -13.88
N PHE A 650 -18.92 -22.36 -14.10
CA PHE A 650 -19.44 -21.06 -14.49
C PHE A 650 -18.53 -20.47 -15.58
N GLU A 651 -19.08 -19.51 -16.26
CA GLU A 651 -18.36 -18.66 -17.20
C GLU A 651 -18.81 -17.23 -17.12
N VAL A 652 -17.92 -16.30 -17.43
CA VAL A 652 -18.24 -14.90 -17.43
C VAL A 652 -17.87 -14.29 -18.75
N THR A 653 -18.59 -13.31 -19.21
CA THR A 653 -18.18 -12.53 -20.38
C THR A 653 -17.14 -11.44 -20.09
N ASN A 654 -17.10 -10.96 -18.83
CA ASN A 654 -16.22 -9.86 -18.43
C ASN A 654 -15.27 -10.47 -17.42
N PRO A 655 -13.96 -10.58 -17.80
CA PRO A 655 -13.00 -11.25 -16.89
C PRO A 655 -12.80 -10.54 -15.54
N ASP A 656 -13.25 -9.32 -15.39
CA ASP A 656 -13.08 -8.63 -14.11
C ASP A 656 -14.20 -8.96 -13.18
N MET A 657 -15.25 -9.64 -13.63
CA MET A 657 -16.35 -10.07 -12.77
C MET A 657 -16.00 -11.38 -12.16
N ILE A 658 -15.71 -11.37 -10.86
CA ILE A 658 -15.20 -12.56 -10.15
C ILE A 658 -16.35 -13.29 -9.51
N VAL A 659 -16.47 -14.58 -9.82
CA VAL A 659 -17.64 -15.41 -9.44
C VAL A 659 -17.17 -16.59 -8.56
N LEU A 660 -17.81 -16.74 -7.39
CA LEU A 660 -17.56 -17.82 -6.50
C LEU A 660 -18.89 -18.55 -6.18
N PRO A 661 -19.11 -19.69 -6.80
CA PRO A 661 -20.37 -20.39 -6.60
C PRO A 661 -20.38 -21.14 -5.31
N MET A 662 -21.33 -20.76 -4.48
CA MET A 662 -21.57 -21.39 -3.15
C MET A 662 -22.70 -22.42 -3.33
N GLU A 663 -22.33 -23.70 -3.45
CA GLU A 663 -23.26 -24.74 -3.79
C GLU A 663 -23.90 -25.44 -2.65
N GLY A 664 -25.22 -25.59 -2.71
CA GLY A 664 -25.90 -26.36 -1.70
C GLY A 664 -26.61 -27.51 -2.33
N LYS A 665 -27.49 -28.11 -1.55
CA LYS A 665 -28.20 -29.24 -2.10
C LYS A 665 -29.45 -28.71 -2.87
N GLY A 666 -29.35 -28.74 -4.21
CA GLY A 666 -30.41 -28.29 -5.10
C GLY A 666 -30.48 -26.81 -5.38
N TYR A 667 -29.51 -26.06 -4.89
CA TYR A 667 -29.55 -24.60 -5.10
C TYR A 667 -28.08 -24.13 -5.00
N ALA A 668 -27.90 -22.85 -5.37
CA ALA A 668 -26.60 -22.20 -5.15
C ALA A 668 -26.76 -20.76 -4.92
N TYR A 669 -25.81 -20.12 -4.30
CA TYR A 669 -25.66 -18.70 -4.28
C TYR A 669 -24.36 -18.37 -4.95
N LEU A 670 -24.42 -17.53 -6.03
CA LEU A 670 -23.15 -17.13 -6.67
C LEU A 670 -22.74 -15.80 -6.07
N ALA A 671 -21.58 -15.76 -5.42
CA ALA A 671 -21.00 -14.47 -5.10
C ALA A 671 -20.39 -13.89 -6.33
N VAL A 672 -20.82 -12.71 -6.64
CA VAL A 672 -20.40 -11.97 -7.87
C VAL A 672 -19.79 -10.62 -7.38
N THR A 673 -18.50 -10.45 -7.66
CA THR A 673 -17.81 -9.34 -7.05
C THR A 673 -16.98 -8.57 -8.10
N ASN A 674 -16.72 -7.34 -7.76
CA ASN A 674 -15.96 -6.43 -8.58
C ASN A 674 -14.80 -5.91 -7.81
N PRO A 675 -13.74 -6.67 -7.61
CA PRO A 675 -12.64 -6.25 -6.77
C PRO A 675 -11.84 -5.01 -7.27
N ARG A 676 -11.71 -4.93 -8.59
CA ARG A 676 -10.99 -3.80 -9.16
C ARG A 676 -11.72 -2.44 -8.95
N GLY A 677 -13.06 -2.52 -8.91
CA GLY A 677 -13.84 -1.39 -8.53
C GLY A 677 -14.25 -0.45 -9.65
N HIS A 678 -13.70 -0.60 -10.87
CA HIS A 678 -14.16 0.21 -11.99
C HIS A 678 -15.47 -0.36 -12.47
N PRO A 679 -16.34 0.50 -13.09
CA PRO A 679 -17.63 -0.06 -13.57
C PRO A 679 -17.41 -1.24 -14.53
N ILE A 680 -18.11 -2.30 -14.33
CA ILE A 680 -18.10 -3.46 -15.21
C ILE A 680 -19.52 -3.96 -15.50
N LYS A 681 -19.65 -4.54 -16.66
CA LYS A 681 -20.90 -5.16 -17.09
C LYS A 681 -20.63 -6.44 -17.80
N GLY A 682 -21.43 -7.46 -17.57
CA GLY A 682 -21.30 -8.66 -18.30
C GLY A 682 -22.36 -9.68 -17.97
N ARG A 683 -22.37 -10.76 -18.68
CA ARG A 683 -23.21 -11.93 -18.39
C ARG A 683 -22.45 -13.02 -17.69
N ILE A 684 -23.23 -13.88 -17.02
CA ILE A 684 -22.62 -15.05 -16.34
C ILE A 684 -23.38 -16.30 -16.81
N SER A 685 -22.71 -17.42 -16.92
CA SER A 685 -23.36 -18.70 -17.07
C SER A 685 -23.06 -19.55 -15.91
N TYR A 686 -24.05 -20.24 -15.35
CA TYR A 686 -23.82 -21.18 -14.23
C TYR A 686 -24.47 -22.45 -14.62
N ARG A 687 -23.64 -23.49 -14.77
CA ARG A 687 -24.08 -24.80 -15.18
C ARG A 687 -24.91 -24.75 -16.48
N GLY A 688 -24.49 -23.85 -17.36
CA GLY A 688 -25.15 -23.74 -18.66
C GLY A 688 -26.30 -22.70 -18.68
N LEU A 689 -26.70 -22.09 -17.56
CA LEU A 689 -27.78 -21.14 -17.56
C LEU A 689 -27.17 -19.72 -17.67
N GLU A 690 -27.47 -18.93 -18.71
CA GLU A 690 -26.91 -17.65 -18.92
C GLU A 690 -27.86 -16.60 -18.37
N VAL A 691 -27.30 -15.68 -17.59
CA VAL A 691 -28.07 -14.62 -16.93
C VAL A 691 -27.37 -13.30 -17.18
N PRO A 692 -28.04 -12.18 -17.15
CA PRO A 692 -29.48 -12.07 -17.34
C PRO A 692 -29.88 -12.39 -18.77
N VAL A 693 -31.19 -12.41 -18.98
CA VAL A 693 -31.81 -12.71 -20.25
C VAL A 693 -32.37 -11.43 -20.90
N LEU A 694 -33.09 -10.64 -20.12
CA LEU A 694 -33.70 -9.42 -20.66
C LEU A 694 -32.77 -8.24 -20.52
N LEU A 695 -32.22 -8.02 -19.35
CA LEU A 695 -31.19 -7.00 -19.21
C LEU A 695 -29.96 -7.41 -20.07
N ASP A 696 -29.19 -6.38 -20.47
CA ASP A 696 -28.01 -6.58 -21.27
C ASP A 696 -26.88 -7.21 -20.51
N GLY A 697 -26.86 -7.02 -19.18
CA GLY A 697 -25.79 -7.60 -18.40
C GLY A 697 -26.08 -7.27 -16.93
N ILE A 698 -25.33 -7.95 -16.05
CA ILE A 698 -25.13 -7.59 -14.65
C ILE A 698 -24.15 -6.40 -14.70
N GLU A 699 -24.52 -5.26 -14.10
CA GLU A 699 -23.71 -4.08 -13.98
C GLU A 699 -23.27 -3.94 -12.56
N LEU A 700 -21.98 -3.84 -12.29
CA LEU A 700 -21.51 -3.53 -11.00
C LEU A 700 -20.76 -2.21 -11.10
N LYS A 701 -21.37 -1.16 -10.60
CA LYS A 701 -20.88 0.18 -10.77
C LYS A 701 -19.63 0.50 -10.01
N ARG A 702 -19.34 -0.26 -8.95
CA ARG A 702 -18.20 0.02 -8.10
C ARG A 702 -17.84 -1.24 -7.39
N ARG A 703 -16.82 -1.20 -6.58
CA ARG A 703 -16.43 -2.36 -5.78
C ARG A 703 -17.51 -2.80 -4.80
N GLY A 704 -17.84 -4.07 -4.84
CA GLY A 704 -18.82 -4.64 -4.03
C GLY A 704 -19.16 -6.02 -4.48
N THR A 705 -20.16 -6.65 -3.82
CA THR A 705 -20.50 -8.04 -4.03
C THR A 705 -21.98 -8.30 -3.92
N LEU A 706 -22.46 -9.15 -4.78
CA LEU A 706 -23.80 -9.63 -4.73
C LEU A 706 -23.78 -11.13 -4.47
N TYR A 707 -24.80 -11.68 -3.79
CA TYR A 707 -24.96 -13.14 -3.65
C TYR A 707 -26.19 -13.51 -4.41
N LEU A 708 -26.03 -14.02 -5.63
CA LEU A 708 -27.18 -14.21 -6.52
C LEU A 708 -27.75 -15.60 -6.33
N PRO A 709 -29.06 -15.67 -6.09
CA PRO A 709 -29.71 -16.95 -5.85
C PRO A 709 -29.91 -17.71 -7.16
N PHE A 710 -29.63 -19.01 -7.18
CA PHE A 710 -29.87 -19.87 -8.31
C PHE A 710 -30.58 -21.11 -7.80
N GLY A 711 -31.88 -21.21 -8.02
CA GLY A 711 -32.57 -22.40 -7.62
C GLY A 711 -33.05 -22.41 -6.18
N VAL A 712 -33.04 -21.23 -5.49
CA VAL A 712 -33.49 -21.20 -4.12
C VAL A 712 -35.02 -21.39 -4.04
N ARG A 713 -35.45 -22.34 -3.25
CA ARG A 713 -36.84 -22.72 -3.23
C ARG A 713 -37.47 -22.77 -1.85
N LYS A 714 -38.77 -22.51 -1.81
CA LYS A 714 -39.64 -22.90 -0.68
C LYS A 714 -40.89 -23.45 -1.22
N GLY A 715 -41.21 -24.68 -0.85
CA GLY A 715 -42.43 -25.28 -1.34
C GLY A 715 -42.27 -25.43 -2.82
N ASP A 716 -43.31 -24.98 -3.52
CA ASP A 716 -43.44 -25.12 -4.93
C ASP A 716 -42.97 -23.90 -5.65
N VAL A 717 -42.35 -22.95 -4.94
CA VAL A 717 -41.92 -21.72 -5.57
C VAL A 717 -40.41 -21.72 -5.60
N GLU A 718 -39.82 -21.36 -6.74
CA GLU A 718 -38.38 -21.32 -6.87
C GLU A 718 -37.99 -19.98 -7.46
N VAL A 719 -36.90 -19.46 -6.97
CA VAL A 719 -36.19 -18.37 -7.58
C VAL A 719 -35.15 -19.02 -8.49
N ALA A 720 -35.49 -19.15 -9.78
CA ALA A 720 -34.64 -19.79 -10.73
C ALA A 720 -33.29 -19.02 -10.83
N TYR A 721 -33.41 -17.69 -10.83
CA TYR A 721 -32.26 -16.81 -10.62
C TYR A 721 -32.68 -15.43 -10.32
N ALA A 722 -31.74 -14.65 -9.84
CA ALA A 722 -32.01 -13.22 -9.75
C ALA A 722 -30.67 -12.52 -9.93
N THR A 723 -30.69 -11.26 -10.36
CA THR A 723 -29.52 -10.41 -10.43
C THR A 723 -29.36 -9.46 -9.26
N ALA A 724 -30.16 -9.68 -8.23
CA ALA A 724 -30.03 -9.00 -6.93
C ALA A 724 -29.85 -10.11 -5.83
N THR A 725 -29.22 -9.66 -4.75
CA THR A 725 -29.10 -10.52 -3.59
C THR A 725 -30.47 -10.75 -3.03
N LEU A 726 -30.81 -12.00 -2.79
CA LEU A 726 -31.97 -12.32 -1.94
C LEU A 726 -31.56 -12.29 -0.48
N VAL A 727 -32.01 -11.26 0.22
CA VAL A 727 -31.66 -11.03 1.57
C VAL A 727 -32.48 -11.93 2.50
N MET A 728 -33.76 -12.04 2.23
N MET A 728 -33.78 -11.98 2.27
CA MET A 728 -34.59 -12.89 3.06
CA MET A 728 -34.63 -12.84 3.09
C MET A 728 -35.89 -13.17 2.32
C MET A 728 -35.90 -13.16 2.32
N TRP A 729 -36.59 -14.19 2.75
CA TRP A 729 -37.82 -14.69 2.16
C TRP A 729 -38.70 -15.03 3.36
N GLU A 730 -39.68 -14.17 3.68
CA GLU A 730 -40.48 -14.30 4.92
C GLU A 730 -41.91 -14.24 4.47
N GLY A 731 -42.62 -15.28 4.84
CA GLY A 731 -43.93 -15.62 4.35
C GLY A 731 -43.81 -15.63 2.81
N ASP A 732 -44.62 -14.81 2.20
CA ASP A 732 -44.63 -14.59 0.75
C ASP A 732 -43.95 -13.34 0.21
N VAL A 733 -43.11 -12.74 1.04
CA VAL A 733 -42.30 -11.55 0.66
C VAL A 733 -40.84 -11.86 0.51
N LEU A 734 -40.32 -11.59 -0.69
CA LEU A 734 -38.87 -11.72 -0.96
C LEU A 734 -38.33 -10.29 -0.88
N THR A 735 -37.29 -10.14 -0.07
CA THR A 735 -36.52 -8.91 0.00
C THR A 735 -35.23 -9.05 -0.76
N PHE A 736 -35.05 -8.20 -1.75
CA PHE A 736 -33.85 -8.17 -2.53
C PHE A 736 -33.04 -6.89 -2.34
N ARG A 737 -31.72 -7.00 -2.47
CA ARG A 737 -30.82 -5.84 -2.49
C ARG A 737 -29.93 -5.87 -3.69
N ASN A 738 -29.90 -4.75 -4.39
CA ASN A 738 -28.92 -4.52 -5.46
C ASN A 738 -28.46 -3.09 -5.31
N HIS A 739 -27.33 -2.89 -4.63
CA HIS A 739 -26.68 -1.61 -4.36
C HIS A 739 -25.67 -1.20 -5.41
N LEU A 740 -25.57 -2.01 -6.48
CA LEU A 740 -24.55 -1.81 -7.53
C LEU A 740 -25.07 -1.43 -8.91
N SER A 741 -26.35 -1.47 -9.08
CA SER A 741 -26.99 -0.90 -10.24
C SER A 741 -28.43 -0.62 -9.85
N GLY A 742 -29.18 0.09 -10.72
CA GLY A 742 -30.55 0.56 -10.46
C GLY A 742 -31.63 -0.37 -10.99
N HIS A 743 -31.27 -1.53 -11.54
CA HIS A 743 -32.24 -2.48 -12.00
C HIS A 743 -31.82 -3.90 -11.76
N SER A 744 -32.81 -4.79 -11.63
CA SER A 744 -32.64 -6.21 -11.30
C SER A 744 -33.54 -7.10 -12.02
N GLU A 745 -33.09 -8.29 -12.41
CA GLU A 745 -33.95 -9.19 -13.11
C GLU A 745 -34.20 -10.39 -12.18
N ILE A 746 -35.45 -10.83 -12.11
CA ILE A 746 -35.84 -11.96 -11.24
C ILE A 746 -36.54 -12.94 -12.13
N ALA A 747 -36.30 -14.24 -12.00
CA ALA A 747 -36.96 -15.32 -12.71
C ALA A 747 -37.56 -16.31 -11.69
N LEU A 748 -38.83 -16.51 -11.73
CA LEU A 748 -39.57 -17.26 -10.74
C LEU A 748 -40.31 -18.43 -11.36
N LYS A 749 -40.30 -19.60 -10.75
CA LYS A 749 -41.19 -20.70 -11.10
C LYS A 749 -42.12 -20.98 -10.01
N GLY A 750 -43.32 -21.42 -10.41
CA GLY A 750 -44.33 -21.72 -9.45
C GLY A 750 -45.20 -20.59 -8.91
N VAL A 751 -45.12 -19.42 -9.55
CA VAL A 751 -45.88 -18.32 -9.17
C VAL A 751 -46.35 -17.63 -10.43
N GLU A 752 -47.57 -17.19 -10.39
CA GLU A 752 -48.15 -16.56 -11.58
C GLU A 752 -48.01 -15.06 -11.65
N SER A 753 -48.03 -14.41 -10.49
CA SER A 753 -47.97 -13.00 -10.47
C SER A 753 -47.36 -12.51 -9.14
N VAL A 754 -46.83 -11.30 -9.20
CA VAL A 754 -46.22 -10.66 -8.08
C VAL A 754 -46.64 -9.26 -7.94
N LYS A 755 -46.41 -8.73 -6.76
CA LYS A 755 -46.58 -7.27 -6.51
C LYS A 755 -45.23 -6.81 -5.98
N VAL A 756 -44.74 -5.74 -6.60
CA VAL A 756 -43.41 -5.19 -6.32
C VAL A 756 -43.55 -3.87 -5.53
N SER A 757 -42.75 -3.72 -4.43
CA SER A 757 -42.69 -2.44 -3.74
CA SER A 757 -42.70 -2.48 -3.69
C SER A 757 -41.23 -2.01 -3.68
N GLY A 758 -41.02 -0.72 -3.63
CA GLY A 758 -39.67 -0.20 -3.77
C GLY A 758 -39.07 -0.21 -5.17
N GLY A 759 -39.93 -0.47 -6.14
CA GLY A 759 -39.49 -0.41 -7.50
C GLY A 759 -40.66 -0.60 -8.46
N LYS A 760 -40.44 -0.60 -9.77
CA LYS A 760 -41.48 -0.76 -10.76
C LYS A 760 -41.01 -1.87 -11.72
N ILE A 761 -41.95 -2.68 -12.13
CA ILE A 761 -41.66 -3.66 -13.24
C ILE A 761 -41.63 -2.90 -14.55
N VAL A 762 -40.54 -2.95 -15.27
CA VAL A 762 -40.38 -2.22 -16.54
C VAL A 762 -40.30 -3.17 -17.73
N ASP A 763 -40.04 -4.43 -17.51
CA ASP A 763 -39.92 -5.42 -18.61
C ASP A 763 -40.25 -6.79 -18.04
N GLY A 764 -40.48 -7.72 -18.89
CA GLY A 764 -40.69 -9.12 -18.54
C GLY A 764 -40.95 -10.05 -19.63
N SER A 765 -41.01 -11.31 -19.30
CA SER A 765 -41.34 -12.38 -20.31
C SER A 765 -41.78 -13.65 -19.58
N ASP A 766 -42.33 -14.61 -20.37
CA ASP A 766 -42.54 -16.22 -20.46
C ASP A 766 -43.77 -16.97 -20.05
N GLY A 767 -43.76 -18.24 -20.51
CA GLY A 767 -44.47 -19.35 -19.94
C GLY A 767 -43.62 -20.20 -18.99
N GLU A 768 -42.43 -20.65 -19.45
CA GLU A 768 -41.38 -21.40 -18.65
C GLU A 768 -41.18 -20.84 -17.20
N VAL A 769 -41.10 -19.53 -17.17
CA VAL A 769 -40.68 -18.76 -16.05
C VAL A 769 -41.40 -17.45 -16.01
N LEU A 770 -41.70 -16.91 -14.84
CA LEU A 770 -42.10 -15.52 -14.72
C LEU A 770 -40.86 -14.70 -14.63
N ARG A 771 -40.47 -13.98 -15.66
CA ARG A 771 -39.27 -13.15 -15.65
C ARG A 771 -39.66 -11.73 -15.56
N ILE A 772 -39.09 -10.96 -14.70
CA ILE A 772 -39.42 -9.52 -14.53
C ILE A 772 -38.13 -8.75 -14.38
N VAL A 773 -38.16 -7.54 -14.88
CA VAL A 773 -37.08 -6.54 -14.69
C VAL A 773 -37.64 -5.40 -13.85
N ILE A 774 -37.00 -5.14 -12.73
CA ILE A 774 -37.46 -4.11 -11.82
C ILE A 774 -36.46 -2.97 -11.76
N GLU A 775 -37.00 -1.76 -11.93
CA GLU A 775 -36.18 -0.53 -11.69
C GLU A 775 -36.49 -0.05 -10.28
N HIS A 776 -35.44 0.10 -9.49
CA HIS A 776 -35.61 0.41 -8.07
C HIS A 776 -34.75 1.63 -7.76
N PRO A 777 -35.30 2.67 -7.06
CA PRO A 777 -34.54 3.91 -6.95
C PRO A 777 -33.56 3.85 -5.75
N GLY A 778 -33.79 2.82 -4.92
CA GLY A 778 -32.90 2.49 -3.77
C GLY A 778 -32.31 1.16 -3.93
N GLU A 779 -31.58 0.75 -2.92
CA GLU A 779 -30.88 -0.53 -2.93
C GLU A 779 -31.84 -1.75 -2.75
N TYR A 780 -32.88 -1.53 -1.98
CA TYR A 780 -33.75 -2.62 -1.50
C TYR A 780 -35.08 -2.55 -2.28
N PHE A 781 -35.67 -3.71 -2.57
CA PHE A 781 -36.99 -3.83 -3.03
C PHE A 781 -37.58 -5.16 -2.64
N GLU A 782 -38.89 -5.23 -2.67
CA GLU A 782 -39.65 -6.42 -2.26
C GLU A 782 -40.52 -6.94 -3.32
N VAL A 783 -40.55 -8.28 -3.42
CA VAL A 783 -41.43 -8.93 -4.36
C VAL A 783 -42.37 -9.85 -3.53
N GLU A 784 -43.62 -9.53 -3.58
CA GLU A 784 -44.66 -10.29 -2.91
C GLU A 784 -45.28 -11.25 -3.92
N LEU A 785 -45.17 -12.52 -3.53
CA LEU A 785 -45.73 -13.66 -4.33
C LEU A 785 -47.20 -13.67 -4.13
N LEU A 786 -47.91 -13.71 -5.17
CA LEU A 786 -49.42 -13.73 -5.12
C LEU A 786 -50.06 -15.06 -5.49
N MET B 1 9.94 32.30 -37.10
CA MET B 1 8.63 32.94 -36.87
C MET B 1 8.17 32.72 -35.44
N GLY B 2 8.05 31.49 -34.98
CA GLY B 2 7.50 31.32 -33.59
C GLY B 2 8.53 31.66 -32.52
N LYS B 3 8.04 32.01 -31.34
CA LYS B 3 8.92 32.22 -30.19
C LYS B 3 8.43 31.46 -28.97
N VAL B 4 9.39 30.89 -28.25
CA VAL B 4 9.10 30.19 -26.98
C VAL B 4 9.94 30.85 -25.90
N GLU B 5 9.20 31.53 -25.01
CA GLU B 5 9.79 32.28 -23.94
C GLU B 5 9.13 31.76 -22.67
N PHE B 6 9.40 32.45 -21.57
CA PHE B 6 8.90 32.04 -20.26
C PHE B 6 9.03 33.18 -19.27
N SER B 7 8.04 33.22 -18.39
CA SER B 7 8.07 34.24 -17.29
C SER B 7 7.26 33.66 -16.17
N GLY B 8 7.71 33.84 -14.95
CA GLY B 8 6.86 33.46 -13.88
C GLY B 8 6.66 31.98 -13.88
N LYS B 9 5.39 31.55 -13.85
CA LYS B 9 5.04 30.19 -13.80
C LYS B 9 4.72 29.53 -15.13
N ARG B 10 4.89 30.29 -16.21
CA ARG B 10 4.39 29.82 -17.45
C ARG B 10 5.34 30.08 -18.63
N TYR B 11 5.29 29.11 -19.58
CA TYR B 11 5.84 29.34 -20.91
C TYR B 11 4.95 30.32 -21.63
N VAL B 12 5.59 31.14 -22.41
CA VAL B 12 4.97 32.23 -23.17
C VAL B 12 5.26 32.03 -24.66
N ILE B 13 4.24 31.69 -25.42
CA ILE B 13 4.34 31.21 -26.79
C ILE B 13 3.79 32.32 -27.71
N ASP B 14 4.66 32.92 -28.54
CA ASP B 14 4.26 34.01 -29.46
C ASP B 14 3.65 35.13 -28.64
N GLY B 15 4.36 35.36 -27.50
CA GLY B 15 3.92 36.50 -26.64
C GLY B 15 2.83 36.28 -25.65
N GLU B 16 2.19 35.13 -25.69
CA GLU B 16 1.07 34.84 -24.82
C GLU B 16 1.40 33.70 -23.85
N PRO B 17 1.14 33.89 -22.54
CA PRO B 17 1.26 32.78 -21.59
C PRO B 17 0.36 31.66 -21.97
N VAL B 18 0.84 30.45 -21.81
CA VAL B 18 0.03 29.25 -22.05
C VAL B 18 0.22 28.33 -20.87
N THR B 19 -0.82 27.64 -20.44
CA THR B 19 -0.71 26.55 -19.46
C THR B 19 -0.53 25.23 -20.14
N ILE B 20 0.51 24.52 -19.83
CA ILE B 20 0.68 23.24 -20.48
C ILE B 20 -0.30 22.18 -19.92
N ALA B 21 -1.02 21.52 -20.76
CA ALA B 21 -1.82 20.35 -20.38
C ALA B 21 -1.41 19.33 -21.44
N GLY B 22 -0.59 18.35 -21.06
CA GLY B 22 -0.06 17.45 -22.01
C GLY B 22 -0.42 16.03 -21.82
N GLY B 23 -0.26 15.23 -22.87
CA GLY B 23 -0.21 13.81 -22.69
C GLY B 23 0.95 13.23 -23.45
N THR B 24 1.47 12.12 -22.90
CA THR B 24 2.46 11.38 -23.62
C THR B 24 1.85 10.41 -24.60
N LEU B 25 2.28 10.57 -25.86
CA LEU B 25 1.96 9.63 -26.96
C LEU B 25 3.30 9.22 -27.57
N GLN B 26 3.84 8.08 -27.14
CA GLN B 26 5.09 7.57 -27.71
C GLN B 26 4.79 6.88 -29.01
N PHE B 27 4.95 7.73 -30.05
CA PHE B 27 4.51 7.34 -31.43
C PHE B 27 5.10 5.99 -31.84
N PHE B 28 6.34 5.70 -31.36
CA PHE B 28 7.06 4.46 -31.73
C PHE B 28 6.47 3.22 -31.14
N ARG B 29 5.55 3.39 -30.21
CA ARG B 29 4.86 2.31 -29.51
C ARG B 29 3.36 2.26 -29.75
N VAL B 30 2.90 3.00 -30.75
CA VAL B 30 1.48 3.10 -31.06
C VAL B 30 1.27 2.88 -32.54
N PRO B 31 0.29 2.03 -32.97
CA PRO B 31 0.22 1.80 -34.42
C PRO B 31 0.11 3.13 -35.19
N ALA B 32 0.81 3.29 -36.32
CA ALA B 32 0.86 4.54 -37.01
C ALA B 32 -0.51 4.91 -37.57
N ASP B 33 -1.37 3.94 -37.91
CA ASP B 33 -2.70 4.32 -38.42
C ASP B 33 -3.62 4.77 -37.32
N ALA B 34 -3.23 4.69 -36.03
CA ALA B 34 -4.02 5.23 -34.95
C ALA B 34 -3.51 6.56 -34.48
N TRP B 35 -2.36 7.05 -34.94
CA TRP B 35 -1.83 8.32 -34.38
C TRP B 35 -2.83 9.46 -34.42
N LYS B 36 -3.44 9.65 -35.57
CA LYS B 36 -4.41 10.72 -35.74
C LYS B 36 -5.58 10.62 -34.80
N ASP B 37 -6.15 9.44 -34.71
CA ASP B 37 -7.31 9.25 -33.81
C ASP B 37 -6.89 9.48 -32.36
N ARG B 38 -5.69 8.99 -31.95
CA ARG B 38 -5.26 9.25 -30.61
C ARG B 38 -5.00 10.67 -30.26
N LEU B 39 -4.37 11.41 -31.19
CA LEU B 39 -4.18 12.83 -30.97
C LEU B 39 -5.55 13.56 -30.90
N LEU B 40 -6.51 13.11 -31.71
CA LEU B 40 -7.83 13.77 -31.66
C LEU B 40 -8.48 13.47 -30.26
N LYS B 41 -8.24 12.32 -29.67
CA LYS B 41 -8.71 11.97 -28.32
C LYS B 41 -8.03 12.86 -27.26
N MET B 42 -6.75 13.16 -27.46
CA MET B 42 -6.06 14.11 -26.64
C MET B 42 -6.64 15.51 -26.72
N ARG B 43 -7.04 15.95 -27.89
CA ARG B 43 -7.73 17.28 -28.02
C ARG B 43 -9.07 17.25 -27.33
N GLU B 44 -9.78 16.16 -27.35
CA GLU B 44 -11.05 16.06 -26.61
C GLU B 44 -10.81 16.15 -25.14
N ALA B 45 -9.66 15.70 -24.62
CA ALA B 45 -9.31 15.84 -23.25
C ALA B 45 -8.82 17.21 -22.86
N GLY B 46 -8.74 18.16 -23.82
CA GLY B 46 -8.29 19.47 -23.49
C GLY B 46 -6.79 19.63 -23.39
N LEU B 47 -6.06 18.68 -24.00
CA LEU B 47 -4.64 18.72 -23.98
C LEU B 47 -4.13 19.55 -25.13
N ASN B 48 -3.11 20.36 -24.89
CA ASN B 48 -2.50 21.20 -25.94
C ASN B 48 -1.09 20.79 -26.36
N THR B 49 -0.52 19.80 -25.66
CA THR B 49 0.86 19.34 -25.85
C THR B 49 0.96 17.85 -25.85
N VAL B 50 1.84 17.33 -26.70
CA VAL B 50 2.13 15.95 -26.75
C VAL B 50 3.61 15.77 -26.40
N ASP B 51 3.91 14.80 -25.50
CA ASP B 51 5.25 14.44 -25.12
C ASP B 51 5.68 13.11 -25.81
N THR B 52 6.91 13.02 -26.24
CA THR B 52 7.43 11.74 -26.69
C THR B 52 8.92 11.71 -26.54
N TYR B 53 9.42 10.53 -26.25
CA TYR B 53 10.84 10.17 -26.44
C TYR B 53 11.14 9.94 -27.90
N VAL B 54 12.42 10.00 -28.22
CA VAL B 54 12.96 9.44 -29.45
C VAL B 54 14.01 8.45 -28.98
N ALA B 55 13.89 7.16 -29.37
CA ALA B 55 14.79 6.09 -28.91
C ALA B 55 15.89 5.82 -29.91
N TRP B 56 17.10 6.04 -29.47
CA TRP B 56 18.31 5.76 -30.24
C TRP B 56 18.29 4.35 -30.86
N ASN B 57 18.08 3.29 -30.02
CA ASN B 57 18.09 1.96 -30.52
C ASN B 57 16.93 1.59 -31.47
N TRP B 58 15.90 2.38 -31.52
CA TRP B 58 14.78 2.18 -32.36
C TRP B 58 15.06 2.77 -33.72
N HIS B 59 15.66 3.93 -33.77
CA HIS B 59 15.84 4.60 -35.11
C HIS B 59 17.24 4.29 -35.67
N GLU B 60 18.12 3.65 -34.85
CA GLU B 60 19.43 3.20 -35.30
C GLU B 60 19.63 1.72 -34.93
N PRO B 61 18.81 0.83 -35.53
CA PRO B 61 18.85 -0.52 -35.06
C PRO B 61 20.12 -1.25 -35.33
N GLU B 62 20.80 -0.81 -36.41
CA GLU B 62 22.13 -1.22 -36.74
C GLU B 62 22.98 0.00 -36.83
N LYS B 63 24.24 -0.13 -36.42
CA LYS B 63 25.13 1.04 -36.44
C LYS B 63 25.25 1.61 -37.85
N GLY B 64 24.93 2.86 -37.97
CA GLY B 64 25.02 3.55 -39.28
C GLY B 64 23.72 3.58 -40.09
N SER B 65 22.68 2.83 -39.69
CA SER B 65 21.43 2.58 -40.40
C SER B 65 20.38 3.36 -39.63
N PHE B 66 20.16 4.60 -40.07
CA PHE B 66 19.13 5.45 -39.46
C PHE B 66 17.84 5.50 -40.19
N ASP B 67 16.71 5.47 -39.48
CA ASP B 67 15.40 5.54 -40.06
C ASP B 67 14.58 6.48 -39.18
N PHE B 68 14.24 7.64 -39.74
CA PHE B 68 13.31 8.61 -39.14
C PHE B 68 12.02 8.82 -39.95
N LYS B 69 11.85 8.06 -41.04
CA LYS B 69 10.79 8.27 -41.95
C LYS B 69 9.88 7.04 -42.13
N GLY B 70 10.08 5.95 -41.38
CA GLY B 70 9.35 4.75 -41.63
C GLY B 70 9.80 3.95 -42.80
N GLU B 71 11.05 4.06 -43.20
CA GLU B 71 11.61 3.31 -44.33
C GLU B 71 11.74 1.86 -43.97
N THR B 72 11.79 1.53 -42.66
CA THR B 72 11.98 0.14 -42.26
C THR B 72 10.90 -0.43 -41.35
N HIS B 73 10.10 0.46 -40.75
CA HIS B 73 8.98 0.08 -39.86
C HIS B 73 8.07 1.32 -39.76
N PRO B 74 6.74 1.14 -39.82
CA PRO B 74 5.93 2.35 -39.82
C PRO B 74 6.14 3.17 -38.57
N GLN B 75 6.45 2.56 -37.43
CA GLN B 75 6.55 3.32 -36.16
C GLN B 75 7.95 3.98 -35.99
N ARG B 76 8.81 3.90 -37.05
CA ARG B 76 10.08 4.66 -37.15
C ARG B 76 9.86 6.01 -37.77
N ASN B 77 8.64 6.32 -38.19
CA ASN B 77 8.34 7.58 -38.91
C ASN B 77 8.16 8.74 -37.93
N LEU B 78 9.23 9.15 -37.33
CA LEU B 78 9.26 10.33 -36.48
C LEU B 78 8.82 11.59 -37.24
N VAL B 79 9.31 11.71 -38.45
CA VAL B 79 8.98 12.89 -39.22
C VAL B 79 7.49 13.00 -39.47
N GLY B 80 6.85 11.92 -39.86
CA GLY B 80 5.45 11.87 -40.03
C GLY B 80 4.64 12.19 -38.77
N PHE B 81 5.12 11.68 -37.63
CA PHE B 81 4.44 12.04 -36.39
C PHE B 81 4.56 13.49 -36.08
N LEU B 82 5.73 14.09 -36.23
CA LEU B 82 5.83 15.52 -35.98
C LEU B 82 4.96 16.30 -36.94
N GLU B 83 4.96 15.93 -38.20
CA GLU B 83 4.04 16.67 -39.10
C GLU B 83 2.60 16.54 -38.75
N LEU B 84 2.19 15.41 -38.25
CA LEU B 84 0.85 15.16 -37.84
C LEU B 84 0.52 15.99 -36.61
N ALA B 85 1.34 15.96 -35.59
CA ALA B 85 1.09 16.72 -34.39
C ALA B 85 0.97 18.16 -34.69
N ASP B 86 1.82 18.70 -35.62
CA ASP B 86 1.70 20.04 -36.03
C ASP B 86 0.41 20.39 -36.80
N GLU B 87 0.01 19.55 -37.74
CA GLU B 87 -1.23 19.67 -38.52
C GLU B 87 -2.45 19.78 -37.55
N LEU B 88 -2.36 19.04 -36.45
CA LEU B 88 -3.46 18.93 -35.46
C LEU B 88 -3.40 19.96 -34.36
N GLY B 89 -2.38 20.81 -34.44
CA GLY B 89 -2.22 22.02 -33.63
C GLY B 89 -1.68 21.71 -32.26
N PHE B 90 -0.85 20.68 -32.05
CA PHE B 90 -0.22 20.42 -30.78
C PHE B 90 1.16 21.02 -30.69
N TYR B 91 1.49 21.49 -29.51
CA TYR B 91 2.88 21.69 -29.13
C TYR B 91 3.50 20.28 -28.92
N VAL B 92 4.84 20.11 -29.14
CA VAL B 92 5.48 18.86 -28.83
C VAL B 92 6.63 19.14 -27.91
N ILE B 93 6.73 18.28 -26.88
CA ILE B 93 7.94 18.15 -26.03
C ILE B 93 8.64 16.88 -26.48
N ILE B 94 9.91 17.02 -26.91
CA ILE B 94 10.65 15.88 -27.46
C ILE B 94 11.81 15.56 -26.54
N ARG B 95 12.05 14.25 -26.37
CA ARG B 95 13.01 13.79 -25.38
C ARG B 95 13.87 12.70 -25.99
N PRO B 96 14.98 13.17 -26.65
CA PRO B 96 15.79 12.23 -27.49
C PRO B 96 16.92 11.52 -26.78
N GLY B 97 16.90 11.51 -25.44
CA GLY B 97 17.81 10.66 -24.73
C GLY B 97 19.24 11.19 -24.65
N PRO B 98 20.22 10.28 -24.69
CA PRO B 98 20.10 8.90 -25.27
C PRO B 98 19.32 7.92 -24.36
N TYR B 99 19.53 8.06 -23.06
CA TYR B 99 18.68 7.24 -22.18
C TYR B 99 17.31 7.83 -22.09
N ILE B 100 16.31 6.99 -22.21
CA ILE B 100 14.90 7.35 -22.18
C ILE B 100 14.12 6.56 -21.10
N CYS B 101 14.80 5.65 -20.38
CA CYS B 101 14.09 4.77 -19.40
C CYS B 101 12.96 4.09 -20.12
N GLY B 102 11.68 4.45 -19.79
CA GLY B 102 10.55 4.10 -20.59
C GLY B 102 10.13 2.65 -20.55
N GLU B 103 10.70 1.88 -19.65
CA GLU B 103 10.42 0.42 -19.59
C GLU B 103 10.77 -0.28 -20.91
N TRP B 104 11.75 0.34 -21.61
CA TRP B 104 12.16 -0.03 -22.99
C TRP B 104 13.53 -0.64 -22.94
N ARG B 105 13.81 -1.52 -23.92
CA ARG B 105 15.11 -2.25 -23.89
C ARG B 105 16.27 -1.32 -23.78
N ASN B 106 17.06 -1.58 -22.74
CA ASN B 106 18.28 -0.78 -22.43
C ASN B 106 18.04 0.70 -22.21
N GLY B 107 16.75 1.08 -21.99
CA GLY B 107 16.48 2.47 -21.90
C GLY B 107 16.85 3.25 -23.16
N GLY B 108 16.87 2.54 -24.32
CA GLY B 108 17.18 3.22 -25.55
C GLY B 108 18.57 2.97 -26.07
N ILE B 109 19.51 2.51 -25.25
CA ILE B 109 20.87 2.31 -25.70
C ILE B 109 20.98 1.05 -26.56
N PRO B 110 21.64 1.17 -27.78
CA PRO B 110 21.73 0.00 -28.61
C PRO B 110 22.55 -1.17 -28.07
N ASP B 111 22.01 -2.33 -28.21
CA ASP B 111 22.78 -3.54 -27.96
C ASP B 111 24.09 -3.63 -28.77
N TRP B 112 24.09 -3.05 -29.96
CA TRP B 112 25.33 -3.19 -30.80
C TRP B 112 26.42 -2.34 -30.24
N LEU B 113 26.08 -1.31 -29.44
CA LEU B 113 27.13 -0.53 -28.76
C LEU B 113 27.70 -1.31 -27.54
N ILE B 114 26.81 -1.75 -26.67
CA ILE B 114 27.25 -2.49 -25.46
C ILE B 114 27.96 -3.78 -25.81
N ASP B 115 27.47 -4.47 -26.83
CA ASP B 115 28.10 -5.74 -27.22
C ASP B 115 29.48 -5.55 -27.83
N GLU B 116 29.68 -4.46 -28.56
CA GLU B 116 31.01 -4.21 -29.19
C GLU B 116 31.97 -3.59 -28.18
N HIS B 117 31.46 -2.79 -27.23
CA HIS B 117 32.30 -1.98 -26.41
C HIS B 117 31.93 -2.19 -24.92
N PRO B 118 32.04 -3.40 -24.41
CA PRO B 118 31.72 -3.65 -22.98
C PRO B 118 32.54 -2.87 -22.02
N GLU B 119 33.67 -2.28 -22.43
CA GLU B 119 34.46 -1.46 -21.57
C GLU B 119 33.73 -0.23 -21.09
N ILE B 120 32.65 0.21 -21.77
CA ILE B 120 31.88 1.34 -21.28
C ILE B 120 30.94 1.01 -20.15
N LEU B 121 30.69 -0.29 -19.90
CA LEU B 121 29.80 -0.70 -18.82
C LEU B 121 30.30 -0.31 -17.47
N ALA B 122 29.40 0.19 -16.64
CA ALA B 122 29.68 0.37 -15.23
C ALA B 122 30.01 -0.97 -14.57
N LYS B 123 30.93 -0.95 -13.59
CA LYS B 123 31.40 -2.15 -12.93
C LYS B 123 30.97 -2.02 -11.44
N GLY B 124 30.78 -3.18 -10.87
CA GLY B 124 30.72 -3.26 -9.43
C GLY B 124 32.12 -3.29 -8.83
N PRO B 125 32.19 -3.24 -7.50
CA PRO B 125 33.50 -3.24 -6.79
C PRO B 125 34.17 -4.66 -6.82
N ASN B 126 33.39 -5.75 -7.07
CA ASN B 126 33.86 -7.15 -7.01
C ASN B 126 33.98 -7.71 -8.44
N GLY B 127 33.55 -6.97 -9.45
CA GLY B 127 33.57 -7.58 -10.80
C GLY B 127 32.49 -6.94 -11.64
N PRO B 128 32.22 -7.50 -12.83
CA PRO B 128 31.19 -6.97 -13.66
C PRO B 128 29.87 -7.14 -13.04
N LEU B 129 28.93 -6.23 -13.38
CA LEU B 129 27.56 -6.47 -13.06
C LEU B 129 27.01 -7.57 -13.93
N PRO B 130 25.98 -8.25 -13.53
CA PRO B 130 25.38 -9.21 -14.57
C PRO B 130 24.82 -8.50 -15.87
N ARG B 131 24.90 -9.20 -17.07
CA ARG B 131 24.44 -8.59 -18.38
C ARG B 131 22.99 -8.62 -18.59
N ASP B 132 22.24 -9.50 -17.84
CA ASP B 132 20.82 -9.63 -18.01
C ASP B 132 19.94 -8.75 -17.08
N ILE B 133 20.52 -7.70 -16.52
CA ILE B 133 19.79 -6.79 -15.68
C ILE B 133 19.18 -5.72 -16.56
N TYR B 134 18.13 -5.11 -16.03
CA TYR B 134 17.48 -4.02 -16.79
C TYR B 134 18.40 -2.82 -16.89
N TYR B 135 18.26 -2.05 -17.95
CA TYR B 135 19.00 -0.80 -18.15
C TYR B 135 20.49 -0.98 -17.85
N PRO B 136 21.21 -1.88 -18.56
CA PRO B 136 22.62 -2.04 -18.30
C PRO B 136 23.37 -0.74 -17.93
N PRO B 137 23.95 -0.68 -16.74
CA PRO B 137 24.51 0.60 -16.43
C PRO B 137 25.78 0.92 -17.17
N ILE B 138 25.99 2.19 -17.51
CA ILE B 138 27.10 2.71 -18.32
C ILE B 138 27.83 3.79 -17.62
N THR B 139 29.17 3.77 -17.77
CA THR B 139 30.05 4.80 -17.30
C THR B 139 29.89 6.04 -18.17
N TYR B 140 29.11 7.01 -17.74
CA TYR B 140 28.73 8.15 -18.57
C TYR B 140 29.94 8.82 -19.18
N LEU B 141 31.06 8.96 -18.43
CA LEU B 141 32.14 9.79 -18.90
C LEU B 141 33.16 9.01 -19.75
N HIS B 142 32.87 7.77 -20.06
CA HIS B 142 33.75 6.96 -20.92
C HIS B 142 33.73 7.57 -22.32
N PRO B 143 34.91 7.92 -22.86
CA PRO B 143 34.93 8.54 -24.13
C PRO B 143 34.28 7.75 -25.24
N THR B 144 34.26 6.44 -25.19
CA THR B 144 33.67 5.60 -26.24
C THR B 144 32.14 5.72 -26.19
N TYR B 145 31.56 5.82 -25.00
CA TYR B 145 30.10 6.05 -24.90
C TYR B 145 29.74 7.42 -25.45
N LEU B 146 30.47 8.46 -25.04
CA LEU B 146 30.13 9.80 -25.51
C LEU B 146 30.32 9.92 -26.99
N GLU B 147 31.33 9.28 -27.57
CA GLU B 147 31.44 9.33 -29.03
C GLU B 147 30.18 8.74 -29.70
N ALA B 148 29.69 7.64 -29.21
CA ALA B 148 28.52 6.99 -29.77
C ALA B 148 27.28 7.85 -29.62
N VAL B 149 27.13 8.46 -28.44
CA VAL B 149 25.97 9.35 -28.22
C VAL B 149 26.04 10.50 -29.18
N GLY B 150 27.26 11.04 -29.38
CA GLY B 150 27.42 12.09 -30.34
C GLY B 150 26.93 11.75 -31.76
N GLU B 151 27.21 10.56 -32.18
CA GLU B 151 26.74 10.17 -33.48
C GLU B 151 25.20 10.07 -33.53
N TRP B 152 24.56 9.58 -32.44
CA TRP B 152 23.11 9.57 -32.36
C TRP B 152 22.56 10.97 -32.51
N TYR B 153 23.13 11.90 -31.74
CA TYR B 153 22.70 13.30 -31.76
C TYR B 153 22.99 13.95 -33.14
N ASN B 154 24.07 13.53 -33.82
CA ASN B 154 24.33 14.10 -35.15
C ASN B 154 23.26 13.69 -36.12
N ALA B 155 22.63 12.57 -35.92
CA ALA B 155 21.49 12.13 -36.76
C ALA B 155 20.18 12.69 -36.35
N VAL B 156 19.80 12.71 -35.06
CA VAL B 156 18.44 13.12 -34.73
C VAL B 156 18.33 14.60 -34.54
N PHE B 157 19.42 15.25 -34.19
CA PHE B 157 19.29 16.69 -34.00
C PHE B 157 18.84 17.47 -35.23
N PRO B 158 19.33 17.17 -36.42
CA PRO B 158 18.77 17.89 -37.56
C PRO B 158 17.30 17.75 -37.78
N VAL B 159 16.70 16.60 -37.46
CA VAL B 159 15.28 16.41 -37.54
C VAL B 159 14.58 17.30 -36.51
N ILE B 160 15.03 17.22 -35.27
CA ILE B 160 14.45 18.05 -34.23
C ILE B 160 14.58 19.55 -34.60
N ARG B 161 15.74 19.97 -35.11
CA ARG B 161 15.93 21.35 -35.40
C ARG B 161 14.93 21.83 -36.45
N LYS B 162 14.70 21.00 -37.49
CA LYS B 162 13.75 21.37 -38.55
C LYS B 162 12.35 21.63 -38.03
N TYR B 163 11.97 20.90 -36.97
CA TYR B 163 10.59 20.89 -36.41
C TYR B 163 10.42 21.77 -35.14
N LEU B 164 11.44 22.51 -34.79
CA LEU B 164 11.32 23.45 -33.68
C LEU B 164 10.23 24.51 -33.95
N TYR B 165 9.57 24.96 -32.91
CA TYR B 165 8.54 26.00 -33.01
C TYR B 165 9.09 27.28 -33.59
N THR B 166 10.33 27.56 -33.35
CA THR B 166 11.00 28.70 -33.90
C THR B 166 11.29 28.59 -35.39
N ASN B 167 11.21 27.38 -35.96
CA ASN B 167 11.40 27.10 -37.35
C ASN B 167 10.13 26.65 -38.03
N GLY B 168 8.98 26.95 -37.42
CA GLY B 168 7.70 26.66 -38.04
C GLY B 168 7.07 25.31 -37.75
N GLY B 169 7.73 24.49 -36.87
CA GLY B 169 7.21 23.21 -36.44
C GLY B 169 6.57 23.28 -35.08
N PRO B 170 6.34 22.11 -34.46
CA PRO B 170 5.59 22.11 -33.22
C PRO B 170 6.49 22.02 -31.95
N ILE B 171 7.79 21.82 -32.04
CA ILE B 171 8.59 21.45 -30.86
C ILE B 171 8.92 22.64 -30.02
N ILE B 172 8.48 22.64 -28.76
CA ILE B 172 8.68 23.73 -27.85
C ILE B 172 9.76 23.53 -26.76
N SER B 173 10.22 22.30 -26.61
CA SER B 173 11.32 21.99 -25.71
C SER B 173 11.98 20.69 -26.10
N VAL B 174 13.27 20.58 -25.79
CA VAL B 174 14.02 19.37 -25.96
C VAL B 174 14.64 19.01 -24.66
N SER B 175 14.42 17.79 -24.20
CA SER B 175 14.94 17.37 -22.88
C SER B 175 16.25 16.55 -22.95
N ILE B 176 17.02 16.64 -21.89
CA ILE B 176 18.30 15.97 -21.74
C ILE B 176 18.13 14.61 -21.05
N ASP B 177 18.48 13.55 -21.83
CA ASP B 177 18.53 12.19 -21.22
C ASP B 177 17.25 11.88 -20.53
N ASP B 178 17.29 11.21 -19.40
CA ASP B 178 16.01 10.95 -18.63
C ASP B 178 16.41 10.73 -17.20
N GLU B 179 16.02 11.64 -16.31
CA GLU B 179 16.25 11.54 -14.86
C GLU B 179 17.58 10.88 -14.55
N PRO B 180 18.68 11.40 -15.07
CA PRO B 180 19.94 10.59 -15.03
C PRO B 180 20.27 10.35 -13.58
N SER B 181 20.46 9.02 -13.29
CA SER B 181 20.59 8.53 -11.91
C SER B 181 21.63 7.43 -11.85
N TYR B 182 22.56 7.43 -12.80
CA TYR B 182 23.49 6.29 -12.96
C TYR B 182 22.67 5.03 -13.20
N TRP B 183 21.66 5.15 -14.04
CA TRP B 183 20.93 3.97 -14.52
C TRP B 183 20.26 3.28 -13.35
N GLU B 184 19.67 4.09 -12.46
CA GLU B 184 18.97 3.58 -11.29
C GLU B 184 19.85 2.79 -10.38
N THR B 185 21.14 3.19 -10.27
CA THR B 185 22.03 2.60 -9.32
C THR B 185 22.50 3.53 -8.24
N ILE B 186 22.22 4.82 -8.33
CA ILE B 186 22.75 5.75 -7.32
C ILE B 186 22.27 5.33 -5.91
N PHE B 187 21.10 4.72 -5.79
CA PHE B 187 20.50 4.38 -4.51
C PHE B 187 21.34 3.37 -3.74
N GLN B 188 22.19 2.62 -4.42
CA GLN B 188 23.04 1.62 -3.79
C GLN B 188 24.43 2.12 -3.89
N PRO B 189 25.01 2.58 -2.77
CA PRO B 189 26.24 3.33 -2.91
C PRO B 189 27.48 2.55 -3.36
N PHE B 190 27.40 1.26 -3.21
CA PHE B 190 28.53 0.42 -3.55
C PHE B 190 28.23 -0.54 -4.70
N LEU B 191 27.11 -0.30 -5.43
CA LEU B 191 26.85 -1.13 -6.64
C LEU B 191 27.66 -0.63 -7.82
N THR B 192 27.83 0.68 -7.96
CA THR B 192 28.51 1.29 -9.06
C THR B 192 29.23 2.54 -8.53
N ASP B 193 30.09 3.18 -9.32
CA ASP B 193 30.68 2.68 -10.53
C ASP B 193 32.21 2.60 -10.29
N TYR B 194 32.73 1.36 -10.44
CA TYR B 194 34.17 1.07 -10.22
C TYR B 194 34.90 0.80 -11.52
N ASN B 195 34.35 1.30 -12.62
CA ASN B 195 35.14 1.34 -13.87
C ASN B 195 36.52 1.95 -13.62
N GLU B 196 37.53 1.35 -14.23
CA GLU B 196 38.87 1.73 -13.96
C GLU B 196 39.14 3.24 -14.21
N ILE B 197 38.42 3.90 -15.16
CA ILE B 197 38.65 5.28 -15.40
C ILE B 197 38.26 6.17 -14.22
N ILE B 198 37.41 5.65 -13.34
CA ILE B 198 37.02 6.31 -12.09
C ILE B 198 38.05 6.04 -10.96
N THR B 199 38.48 4.75 -10.82
CA THR B 199 39.12 4.32 -9.58
C THR B 199 40.64 4.42 -9.65
N LYS B 200 41.20 4.49 -10.85
CA LYS B 200 42.66 4.45 -11.00
C LYS B 200 43.33 5.66 -10.35
N PRO B 201 44.63 5.57 -10.05
CA PRO B 201 45.40 6.78 -9.74
C PRO B 201 45.31 7.83 -10.87
N GLY B 202 45.06 9.02 -10.52
CA GLY B 202 44.85 10.09 -11.47
C GLY B 202 43.49 10.02 -12.15
N GLY B 203 42.65 9.15 -11.70
CA GLY B 203 41.34 8.90 -12.30
C GLY B 203 40.32 9.93 -11.81
N LEU B 204 39.06 9.71 -12.20
CA LEU B 204 38.05 10.78 -12.03
C LEU B 204 37.81 11.02 -10.54
N TRP B 205 37.83 9.98 -9.65
CA TRP B 205 37.68 10.26 -8.23
C TRP B 205 38.77 11.13 -7.62
N GLU B 206 40.01 10.77 -7.91
CA GLU B 206 41.09 11.49 -7.42
C GLU B 206 41.10 12.93 -7.90
N LYS B 207 40.80 13.09 -9.18
CA LYS B 207 40.75 14.47 -9.73
C LYS B 207 39.61 15.28 -9.09
N TRP B 208 38.45 14.63 -8.79
CA TRP B 208 37.37 15.35 -8.18
C TRP B 208 37.76 15.74 -6.75
N LEU B 209 38.43 14.80 -6.05
CA LEU B 209 38.86 15.14 -4.70
C LEU B 209 39.74 16.37 -4.68
N GLU B 210 40.69 16.38 -5.61
CA GLU B 210 41.67 17.50 -5.60
C GLU B 210 41.01 18.81 -6.03
N GLN B 211 39.98 18.75 -6.90
CA GLN B 211 39.29 19.99 -7.27
C GLN B 211 38.53 20.52 -6.08
N ASN B 212 38.09 19.65 -5.14
CA ASN B 212 37.13 20.04 -4.12
C ASN B 212 37.69 20.31 -2.75
N TYR B 213 38.82 19.72 -2.43
CA TYR B 213 39.42 19.78 -1.16
C TYR B 213 40.95 19.75 -1.24
N THR B 214 41.59 20.52 -0.33
CA THR B 214 42.99 20.28 -0.12
C THR B 214 43.29 18.99 0.59
N LEU B 215 44.54 18.53 0.56
CA LEU B 215 44.88 17.40 1.39
C LEU B 215 44.64 17.61 2.89
N GLU B 216 44.99 18.80 3.38
CA GLU B 216 44.78 19.17 4.77
C GLU B 216 43.28 19.09 5.09
N ASP B 217 42.45 19.57 4.15
CA ASP B 217 40.99 19.46 4.35
C ASP B 217 40.55 18.02 4.53
N LEU B 218 41.08 17.15 3.66
CA LEU B 218 40.70 15.73 3.68
C LEU B 218 41.19 14.99 4.92
N ARG B 219 42.42 15.33 5.36
CA ARG B 219 42.86 14.86 6.70
C ARG B 219 41.91 15.18 7.80
N ARG B 220 41.38 16.42 7.81
CA ARG B 220 40.41 16.79 8.85
C ARG B 220 39.04 16.04 8.62
N ARG B 221 38.55 16.07 7.38
CA ARG B 221 37.26 15.59 7.08
C ARG B 221 37.18 14.07 7.30
N TYR B 222 38.25 13.33 6.98
CA TYR B 222 38.21 11.88 7.04
C TYR B 222 38.93 11.30 8.28
N LYS B 223 39.46 12.20 9.12
CA LYS B 223 40.21 11.88 10.32
C LYS B 223 41.39 10.98 9.91
N GLY B 224 42.14 11.38 8.88
CA GLY B 224 43.20 10.51 8.28
C GLY B 224 44.51 11.29 8.28
N ASP B 225 45.54 10.58 7.86
CA ASP B 225 46.91 11.10 7.81
C ASP B 225 47.54 11.10 6.44
N PHE B 226 46.68 11.28 5.44
CA PHE B 226 47.16 11.10 4.01
C PHE B 226 48.28 12.05 3.65
N LYS B 227 49.26 11.57 2.90
CA LYS B 227 50.31 12.44 2.34
C LYS B 227 50.13 12.68 0.78
N ASP B 228 49.14 12.05 0.18
CA ASP B 228 48.91 12.10 -1.25
C ASP B 228 47.43 11.77 -1.53
N TYR B 229 46.85 12.35 -2.56
CA TYR B 229 45.46 12.04 -2.93
C TYR B 229 45.26 10.59 -3.40
N SER B 230 46.33 9.99 -3.94
CA SER B 230 46.28 8.60 -4.36
C SER B 230 46.10 7.61 -3.24
N GLU B 231 46.30 8.02 -1.99
CA GLU B 231 46.02 7.13 -0.85
C GLU B 231 44.55 7.03 -0.51
N ILE B 232 43.68 7.88 -1.09
CA ILE B 232 42.32 8.00 -0.72
C ILE B 232 41.51 7.18 -1.75
N LYS B 233 41.34 5.88 -1.44
CA LYS B 233 40.78 4.97 -2.38
C LYS B 233 39.26 5.12 -2.33
N VAL B 234 38.62 4.71 -3.44
CA VAL B 234 37.17 4.72 -3.52
C VAL B 234 36.60 3.78 -2.41
N PRO B 235 35.48 4.19 -1.79
CA PRO B 235 34.81 3.35 -0.87
C PRO B 235 34.04 2.25 -1.52
N THR B 236 33.99 1.09 -0.88
CA THR B 236 33.17 -0.03 -1.31
C THR B 236 32.29 -0.59 -0.21
N SER B 237 32.25 0.10 0.94
CA SER B 237 31.53 -0.41 2.09
C SER B 237 31.24 0.71 3.03
N PHE B 238 30.47 0.40 4.07
CA PHE B 238 30.17 1.41 5.07
C PHE B 238 31.34 1.61 6.13
N SER B 239 32.47 0.87 6.02
CA SER B 239 33.56 1.00 6.95
C SER B 239 34.54 2.07 6.53
N GLU B 240 33.94 3.20 6.28
CA GLU B 240 34.62 4.39 5.77
C GLU B 240 34.07 5.57 6.58
N PRO B 241 34.82 6.66 6.69
CA PRO B 241 34.25 7.84 7.29
C PRO B 241 32.97 8.27 6.56
N LEU B 242 32.01 8.68 7.35
CA LEU B 242 30.74 9.07 6.83
C LEU B 242 30.95 10.22 5.88
N PRO B 243 31.75 11.24 6.15
CA PRO B 243 31.98 12.27 5.15
C PRO B 243 32.51 11.82 3.79
N LYS B 244 33.33 10.77 3.82
CA LYS B 244 33.87 10.18 2.63
C LYS B 244 32.75 9.50 1.82
N LEU B 245 31.84 8.82 2.48
CA LEU B 245 30.68 8.30 1.78
C LEU B 245 29.82 9.34 1.15
N ILE B 246 29.65 10.47 1.86
CA ILE B 246 28.87 11.60 1.33
C ILE B 246 29.63 12.17 0.13
N ASP B 247 30.96 12.21 0.18
CA ASP B 247 31.69 12.68 -0.97
C ASP B 247 31.60 11.71 -2.17
N TRP B 248 31.60 10.41 -1.93
CA TRP B 248 31.43 9.43 -3.03
C TRP B 248 30.10 9.64 -3.73
N HIS B 249 29.03 9.87 -2.94
CA HIS B 249 27.72 10.18 -3.45
C HIS B 249 27.82 11.48 -4.32
N HIS B 250 28.35 12.54 -3.76
CA HIS B 250 28.47 13.77 -4.48
C HIS B 250 29.34 13.72 -5.74
N PHE B 251 30.34 12.88 -5.73
CA PHE B 251 31.14 12.67 -6.86
C PHE B 251 30.36 12.05 -7.99
N LYS B 252 29.51 11.07 -7.71
CA LYS B 252 28.62 10.52 -8.71
C LYS B 252 27.65 11.60 -9.28
N LEU B 253 27.16 12.45 -8.40
CA LEU B 253 26.29 13.52 -8.87
C LEU B 253 27.06 14.44 -9.79
N TRP B 254 28.36 14.67 -9.48
CA TRP B 254 29.20 15.49 -10.33
C TRP B 254 29.41 14.87 -11.68
N MET B 255 29.59 13.55 -11.70
CA MET B 255 29.75 12.87 -12.99
C MET B 255 28.50 13.03 -13.84
N ILE B 256 27.34 12.84 -13.19
CA ILE B 256 26.05 13.06 -13.89
C ILE B 256 25.97 14.49 -14.42
N ASN B 257 26.38 15.45 -13.59
CA ASN B 257 26.38 16.82 -14.00
C ASN B 257 27.24 17.06 -15.21
N GLU B 258 28.41 16.51 -15.24
CA GLU B 258 29.32 16.59 -16.40
C GLU B 258 28.72 16.04 -17.64
N TYR B 259 28.06 14.91 -17.52
CA TYR B 259 27.33 14.31 -18.61
C TYR B 259 26.23 15.19 -19.13
N VAL B 260 25.44 15.72 -18.18
CA VAL B 260 24.42 16.69 -18.56
C VAL B 260 24.99 17.90 -19.27
N ARG B 261 26.09 18.40 -18.76
CA ARG B 261 26.67 19.58 -19.43
C ARG B 261 27.14 19.27 -20.82
N TRP B 262 27.75 18.11 -21.02
CA TRP B 262 28.21 17.64 -22.33
C TRP B 262 27.03 17.63 -23.27
N ILE B 263 25.91 17.07 -22.84
CA ILE B 263 24.68 17.07 -23.65
C ILE B 263 24.19 18.46 -23.90
N TYR B 264 24.04 19.28 -22.90
CA TYR B 264 23.57 20.63 -22.97
C TYR B 264 24.37 21.48 -23.93
N GLU B 265 25.69 21.33 -23.96
CA GLU B 265 26.51 22.18 -24.81
C GLU B 265 26.15 21.87 -26.29
N ARG B 266 25.90 20.58 -26.58
CA ARG B 266 25.52 20.21 -27.93
C ARG B 266 24.09 20.74 -28.32
N MET B 267 23.14 20.59 -27.41
CA MET B 267 21.84 21.04 -27.61
C MET B 267 21.72 22.51 -27.77
N ALA B 268 22.38 23.26 -26.86
CA ALA B 268 22.32 24.73 -26.87
C ALA B 268 22.82 25.30 -28.20
N ARG B 269 23.75 24.63 -28.81
CA ARG B 269 24.31 25.06 -30.14
C ARG B 269 23.22 24.97 -31.23
N GLU B 270 22.38 23.92 -31.12
CA GLU B 270 21.44 23.52 -32.17
C GLU B 270 20.08 24.08 -32.00
N PHE B 271 19.65 24.28 -30.77
CA PHE B 271 18.27 24.54 -30.43
C PHE B 271 18.02 25.87 -29.71
N ASP B 272 17.04 26.66 -30.18
CA ASP B 272 16.73 27.90 -29.53
C ASP B 272 15.36 27.87 -28.85
N VAL B 273 15.02 26.78 -28.30
CA VAL B 273 13.88 26.60 -27.42
C VAL B 273 14.39 26.12 -26.09
N PRO B 274 13.57 26.18 -25.02
CA PRO B 274 14.01 25.71 -23.69
C PRO B 274 14.55 24.30 -23.72
N ILE B 275 15.73 24.12 -23.13
CA ILE B 275 16.35 22.81 -22.95
CA ILE B 275 16.34 22.80 -22.96
C ILE B 275 15.95 22.37 -21.50
N SER B 276 15.32 21.22 -21.40
CA SER B 276 14.73 20.73 -20.17
C SER B 276 15.39 19.45 -19.64
N ILE B 277 15.09 19.12 -18.40
CA ILE B 277 15.55 17.86 -17.82
C ILE B 277 14.49 17.45 -16.78
N LEU B 278 14.28 16.18 -16.64
CA LEU B 278 13.44 15.56 -15.60
C LEU B 278 14.28 15.04 -14.42
N ASP B 279 13.87 15.37 -13.17
CA ASP B 279 14.34 14.79 -11.92
C ASP B 279 15.80 14.29 -12.01
N PRO B 280 16.74 15.25 -12.04
CA PRO B 280 18.14 14.84 -11.92
C PRO B 280 18.33 13.92 -10.71
N TYR B 281 19.09 12.88 -10.98
CA TYR B 281 19.51 11.95 -9.93
C TYR B 281 18.50 10.99 -9.44
N LEU B 282 17.24 11.18 -9.81
CA LEU B 282 16.10 10.51 -9.12
C LEU B 282 16.10 10.82 -7.60
N LEU B 283 16.70 11.95 -7.23
CA LEU B 283 16.72 12.46 -5.86
C LEU B 283 15.94 13.75 -5.86
N GLN B 284 15.82 14.37 -4.69
CA GLN B 284 15.15 15.64 -4.51
C GLN B 284 15.99 16.67 -3.79
N VAL B 285 16.41 16.34 -2.55
CA VAL B 285 17.16 17.35 -1.78
C VAL B 285 18.54 17.56 -2.45
N ALA B 286 19.06 16.49 -3.07
CA ALA B 286 20.33 16.59 -3.84
C ALA B 286 20.25 17.52 -5.06
N TRP B 287 19.05 17.94 -5.43
CA TRP B 287 18.95 19.02 -6.45
C TRP B 287 19.78 20.22 -6.15
N ARG B 288 20.06 20.48 -4.87
CA ARG B 288 20.96 21.64 -4.57
C ARG B 288 22.25 21.57 -5.45
N HIS B 289 22.75 20.34 -5.56
CA HIS B 289 24.06 20.16 -6.28
C HIS B 289 23.83 20.40 -7.83
N PHE B 290 22.62 20.12 -8.31
CA PHE B 290 22.36 20.29 -9.74
C PHE B 290 22.18 21.78 -10.02
N PHE B 291 21.41 22.49 -9.20
CA PHE B 291 21.21 23.95 -9.42
C PHE B 291 22.51 24.72 -9.24
N THR B 292 23.32 24.28 -8.22
CA THR B 292 24.62 24.94 -8.01
C THR B 292 25.46 24.72 -9.24
N TYR B 293 25.48 23.48 -9.79
CA TYR B 293 26.29 23.21 -10.94
C TYR B 293 25.85 24.06 -12.19
N MET B 294 24.52 24.10 -12.39
N MET B 294 24.54 24.15 -12.38
CA MET B 294 23.95 24.98 -13.43
CA MET B 294 24.07 25.00 -13.43
C MET B 294 24.51 26.39 -13.32
C MET B 294 24.54 26.42 -13.32
N ARG B 295 24.46 26.97 -12.12
CA ARG B 295 24.97 28.32 -11.89
C ARG B 295 26.46 28.42 -12.20
N GLU B 296 27.20 27.44 -11.73
CA GLU B 296 28.65 27.49 -11.84
C GLU B 296 29.13 27.40 -13.32
N HIS B 297 28.36 26.73 -14.21
CA HIS B 297 28.71 26.55 -15.61
C HIS B 297 27.76 27.33 -16.54
N ASN B 298 26.91 28.17 -15.94
CA ASN B 298 25.97 29.03 -16.70
C ASN B 298 25.12 28.22 -17.64
N LEU B 299 24.55 27.18 -17.12
CA LEU B 299 23.68 26.35 -17.97
C LEU B 299 22.26 26.83 -17.75
N LYS B 300 21.52 26.95 -18.82
CA LYS B 300 20.12 27.41 -18.75
C LYS B 300 19.21 26.23 -18.94
N ILE B 301 19.05 25.38 -17.97
CA ILE B 301 18.27 24.14 -18.08
C ILE B 301 16.95 24.39 -17.29
N HIS B 302 15.84 23.92 -17.87
CA HIS B 302 14.55 23.95 -17.23
C HIS B 302 14.24 22.62 -16.58
N VAL B 303 14.32 22.65 -15.25
CA VAL B 303 14.12 21.39 -14.50
C VAL B 303 12.67 21.13 -14.29
N TRP B 304 12.19 19.95 -14.68
CA TRP B 304 10.84 19.49 -14.57
C TRP B 304 10.81 18.24 -13.64
N THR B 305 9.62 17.91 -13.17
CA THR B 305 9.50 16.83 -12.21
C THR B 305 8.44 15.84 -12.59
N GLU B 306 8.10 14.92 -11.71
CA GLU B 306 7.26 13.81 -11.96
C GLU B 306 6.66 13.30 -10.64
N PHE B 307 5.54 12.60 -10.81
CA PHE B 307 4.86 12.05 -9.67
C PHE B 307 4.35 10.65 -9.98
N TRP B 308 4.95 9.66 -9.29
CA TRP B 308 4.64 8.26 -9.46
C TRP B 308 4.55 7.68 -8.03
N TYR B 309 3.50 6.91 -7.84
CA TYR B 309 3.21 6.32 -6.52
C TYR B 309 2.84 4.88 -6.45
N SER B 310 2.39 4.23 -7.52
CA SER B 310 2.02 2.83 -7.47
C SER B 310 2.48 2.13 -8.68
N PHE B 311 3.15 1.00 -8.56
CA PHE B 311 3.64 0.22 -9.69
C PHE B 311 3.18 -1.21 -9.61
N TYR B 312 2.46 -1.68 -10.62
CA TYR B 312 2.17 -3.08 -10.78
C TYR B 312 1.34 -3.59 -9.57
N ARG B 313 0.42 -2.77 -9.16
CA ARG B 313 -0.57 -3.04 -8.15
C ARG B 313 -1.67 -1.96 -8.38
N SER B 314 -2.79 -2.05 -7.72
CA SER B 314 -3.79 -0.99 -7.85
C SER B 314 -3.23 0.35 -7.42
N SER B 315 -3.90 1.41 -7.93
CA SER B 315 -3.50 2.76 -7.45
C SER B 315 -3.66 2.81 -5.94
N ASP B 316 -2.90 3.73 -5.35
CA ASP B 316 -2.97 3.95 -3.90
C ASP B 316 -2.57 5.36 -3.59
N PHE B 317 -3.40 6.29 -4.14
CA PHE B 317 -3.14 7.68 -4.03
CA PHE B 317 -3.11 7.68 -3.90
C PHE B 317 -4.17 8.30 -3.06
N LYS B 318 -3.98 8.14 -1.74
CA LYS B 318 -4.89 8.59 -0.69
C LYS B 318 -4.18 9.56 0.21
N GLU B 319 -4.73 9.84 1.44
CA GLU B 319 -4.12 10.83 2.29
C GLU B 319 -2.70 10.52 2.71
N ASP B 320 -2.35 9.21 2.69
CA ASP B 320 -1.02 8.76 3.15
C ASP B 320 0.10 9.40 2.34
N LYS B 321 -0.16 9.71 1.03
CA LYS B 321 0.86 10.19 0.12
C LYS B 321 1.13 11.67 0.24
N LEU B 322 0.28 12.40 1.04
CA LEU B 322 0.41 13.87 0.99
C LEU B 322 1.73 14.40 1.53
N GLY B 323 2.29 13.71 2.55
CA GLY B 323 3.55 14.20 3.02
C GLY B 323 4.65 14.20 1.97
N HIS B 324 4.71 13.11 1.23
CA HIS B 324 5.75 13.00 0.19
C HIS B 324 5.47 14.01 -0.94
N ILE B 325 4.19 14.13 -1.34
CA ILE B 325 3.95 15.08 -2.42
CA ILE B 325 3.85 15.08 -2.41
C ILE B 325 4.18 16.51 -1.97
N TYR B 326 3.84 16.85 -0.70
CA TYR B 326 4.14 18.22 -0.21
C TYR B 326 5.66 18.46 -0.17
N TYR B 327 6.41 17.44 0.30
CA TYR B 327 7.84 17.53 0.32
C TYR B 327 8.48 17.77 -1.04
N LYS B 328 8.03 16.94 -2.01
CA LYS B 328 8.68 16.91 -3.30
C LYS B 328 8.31 18.18 -4.13
N THR B 329 7.01 18.53 -4.12
CA THR B 329 6.60 19.81 -4.69
C THR B 329 7.32 20.97 -4.01
N GLY B 330 7.48 20.89 -2.68
CA GLY B 330 8.08 21.94 -1.96
C GLY B 330 9.53 22.20 -2.42
N ILE B 331 10.31 21.12 -2.33
CA ILE B 331 11.74 21.32 -2.66
C ILE B 331 11.98 21.64 -4.14
N TYR B 332 11.12 21.04 -4.97
CA TYR B 332 11.13 21.38 -6.40
C TYR B 332 10.88 22.89 -6.60
N ARG B 333 9.75 23.41 -6.08
CA ARG B 333 9.43 24.78 -6.32
C ARG B 333 10.39 25.78 -5.60
N TYR B 334 11.01 25.34 -4.47
CA TYR B 334 12.02 26.13 -3.87
C TYR B 334 13.14 26.47 -4.91
N HIS B 335 13.64 25.44 -5.52
CA HIS B 335 14.72 25.58 -6.50
C HIS B 335 14.27 26.22 -7.84
N VAL B 336 13.18 25.73 -8.39
CA VAL B 336 12.77 26.18 -9.74
C VAL B 336 12.38 27.65 -9.73
N ARG B 337 11.72 28.13 -8.68
CA ARG B 337 11.33 29.51 -8.64
C ARG B 337 12.59 30.42 -8.53
N LYS B 338 13.68 30.00 -7.85
CA LYS B 338 14.89 30.70 -7.84
C LYS B 338 15.56 30.66 -9.23
N ALA B 339 15.48 29.54 -9.91
CA ALA B 339 15.98 29.44 -11.25
C ALA B 339 15.21 30.34 -12.24
N GLY B 340 13.97 30.56 -11.98
CA GLY B 340 13.11 31.39 -12.84
C GLY B 340 12.50 30.72 -14.01
N THR B 341 12.41 29.41 -14.01
CA THR B 341 11.85 28.68 -15.15
C THR B 341 10.47 28.16 -14.71
N PRO B 342 9.62 27.74 -15.68
CA PRO B 342 8.28 27.34 -15.25
C PRO B 342 8.26 26.01 -14.49
N PRO B 343 7.46 25.90 -13.42
CA PRO B 343 7.25 24.61 -12.74
C PRO B 343 6.38 23.72 -13.59
N LEU B 344 6.86 22.50 -13.83
CA LEU B 344 6.14 21.61 -14.77
C LEU B 344 6.37 20.14 -14.35
N SER B 345 5.29 19.35 -14.31
CA SER B 345 5.36 17.91 -14.14
C SER B 345 5.29 17.27 -15.46
N ILE B 346 6.43 16.75 -15.95
CA ILE B 346 6.45 16.16 -17.27
C ILE B 346 5.99 14.74 -17.27
N GLU B 347 5.93 14.09 -16.11
CA GLU B 347 5.32 12.77 -16.02
C GLU B 347 4.44 12.70 -14.81
N THR B 348 3.15 12.66 -15.02
CA THR B 348 2.13 12.63 -13.94
C THR B 348 1.40 11.32 -14.08
N GLN B 349 1.62 10.40 -13.11
CA GLN B 349 1.28 9.01 -13.34
C GLN B 349 -0.20 8.85 -13.84
N SER B 350 -0.30 8.19 -15.02
CA SER B 350 -1.61 7.87 -15.56
C SER B 350 -1.64 6.43 -16.16
N SER B 351 -0.62 5.66 -15.77
CA SER B 351 -0.52 4.26 -16.22
C SER B 351 0.41 3.51 -15.26
N LEU B 352 0.59 2.19 -15.43
CA LEU B 352 1.48 1.33 -14.74
C LEU B 352 0.98 0.92 -13.37
N ALA B 353 -0.20 1.43 -12.96
CA ALA B 353 -0.95 0.82 -11.85
C ALA B 353 -2.04 0.00 -12.48
N HIS B 354 -2.33 -1.18 -11.90
CA HIS B 354 -3.22 -2.11 -12.53
C HIS B 354 -4.62 -1.63 -12.71
N THR B 355 -5.16 -0.87 -11.76
CA THR B 355 -6.42 -0.18 -11.85
C THR B 355 -6.26 1.17 -11.18
N ILE B 356 -6.56 2.27 -11.89
CA ILE B 356 -6.45 3.59 -11.38
C ILE B 356 -7.78 4.08 -10.97
N ASP B 357 -8.00 4.22 -9.67
CA ASP B 357 -9.27 4.77 -9.18
C ASP B 357 -9.34 6.25 -9.57
N PRO B 358 -10.46 6.70 -10.17
CA PRO B 358 -10.49 8.08 -10.65
C PRO B 358 -10.45 9.15 -9.57
N THR B 359 -10.93 8.79 -8.36
CA THR B 359 -10.87 9.75 -7.24
C THR B 359 -9.44 9.97 -6.73
N GLU B 360 -8.65 8.88 -6.78
CA GLU B 360 -7.22 8.90 -6.39
C GLU B 360 -6.41 9.64 -7.47
N ALA B 361 -6.69 9.36 -8.73
CA ALA B 361 -6.07 10.08 -9.82
C ALA B 361 -6.38 11.61 -9.65
N GLU B 362 -7.69 11.92 -9.39
CA GLU B 362 -8.09 13.33 -9.25
C GLU B 362 -7.30 13.97 -8.09
N LEU B 363 -7.16 13.27 -6.95
CA LEU B 363 -6.42 13.87 -5.82
C LEU B 363 -4.95 14.15 -6.27
N LEU B 364 -4.29 13.17 -6.87
CA LEU B 364 -2.92 13.38 -7.33
C LEU B 364 -2.75 14.58 -8.26
N TYR B 365 -3.63 14.60 -9.28
CA TYR B 365 -3.45 15.63 -10.28
C TYR B 365 -3.84 17.01 -9.81
N SER B 366 -4.98 17.06 -9.09
CA SER B 366 -5.57 18.35 -8.66
C SER B 366 -4.82 19.00 -7.54
N ILE B 367 -3.96 18.25 -6.83
CA ILE B 367 -3.13 18.84 -5.79
C ILE B 367 -1.88 19.48 -6.30
N LEU B 368 -1.54 19.20 -7.57
CA LEU B 368 -0.33 19.81 -8.11
C LEU B 368 -0.38 21.30 -8.30
N PRO B 369 -1.51 21.82 -8.85
CA PRO B 369 -1.54 23.31 -9.04
C PRO B 369 -1.44 24.11 -7.71
N PRO B 370 -2.16 23.73 -6.66
CA PRO B 370 -2.01 24.46 -5.39
C PRO B 370 -0.64 24.25 -4.74
N LEU B 371 0.08 23.15 -5.09
CA LEU B 371 1.42 22.93 -4.59
C LEU B 371 2.48 23.51 -5.54
N GLY B 372 2.02 24.37 -6.51
CA GLY B 372 2.95 25.18 -7.30
C GLY B 372 3.20 24.77 -8.72
N ILE B 373 2.45 23.76 -9.19
CA ILE B 373 2.75 23.19 -10.51
C ILE B 373 1.49 23.11 -11.37
N PRO B 374 1.29 24.15 -12.21
CA PRO B 374 0.03 24.22 -12.97
C PRO B 374 0.16 23.56 -14.39
N ASN B 375 1.41 23.34 -14.77
CA ASN B 375 1.78 22.76 -16.08
C ASN B 375 1.97 21.28 -15.88
N ILE B 376 1.12 20.47 -16.53
CA ILE B 376 1.05 19.05 -16.22
C ILE B 376 0.96 18.21 -17.45
N ASN B 377 1.81 17.20 -17.57
CA ASN B 377 1.80 16.23 -18.62
C ASN B 377 1.46 14.86 -18.00
N TYR B 378 0.50 14.16 -18.58
CA TYR B 378 -0.03 12.87 -18.05
C TYR B 378 0.70 11.77 -18.83
N TYR B 379 1.42 10.90 -18.12
CA TYR B 379 2.23 9.84 -18.73
C TYR B 379 1.80 8.52 -18.10
N LEU B 380 1.52 7.43 -18.83
CA LEU B 380 1.41 7.39 -20.25
C LEU B 380 -0.03 7.65 -20.65
N PHE B 381 -0.26 8.69 -21.48
CA PHE B 381 -1.67 9.02 -21.81
C PHE B 381 -2.29 8.07 -22.80
N VAL B 382 -1.49 7.71 -23.86
CA VAL B 382 -2.01 6.87 -24.96
C VAL B 382 -1.32 5.47 -24.82
N GLY B 383 -2.15 4.44 -24.57
CA GLY B 383 -1.66 3.11 -24.39
C GLY B 383 -1.06 2.57 -25.68
N GLY B 384 -0.05 1.74 -25.56
CA GLY B 384 0.71 1.22 -26.69
C GLY B 384 1.08 -0.29 -26.55
N GLU B 385 2.06 -0.61 -27.40
CA GLU B 385 2.56 -2.00 -27.51
C GLU B 385 4.01 -1.91 -27.91
N ASN B 386 4.82 -2.84 -27.35
CA ASN B 386 6.25 -2.80 -27.70
C ASN B 386 6.59 -3.68 -28.90
N PRO B 387 7.28 -3.07 -29.87
CA PRO B 387 7.82 -3.88 -31.00
C PRO B 387 8.71 -5.01 -30.55
N GLU B 388 8.64 -6.09 -31.30
CA GLU B 388 9.44 -7.23 -30.95
C GLU B 388 10.90 -6.94 -30.83
N GLY B 389 11.54 -7.41 -29.74
CA GLY B 389 12.93 -7.14 -29.48
C GLY B 389 13.26 -5.92 -28.63
N TYR B 390 12.23 -5.09 -28.38
CA TYR B 390 12.35 -3.86 -27.64
C TYR B 390 11.62 -3.89 -26.29
N GLU B 391 10.99 -5.00 -25.96
CA GLU B 391 10.44 -5.20 -24.61
C GLU B 391 11.55 -5.11 -23.54
N SER B 392 11.06 -4.74 -22.33
CA SER B 392 11.87 -4.83 -21.15
C SER B 392 10.93 -5.18 -19.97
N HIS B 393 10.37 -4.15 -19.37
CA HIS B 393 9.76 -4.27 -18.06
C HIS B 393 8.35 -4.82 -18.07
N ASN B 394 7.70 -4.95 -19.25
CA ASN B 394 6.29 -5.25 -19.31
C ASN B 394 5.95 -6.35 -20.31
N GLY B 395 6.97 -6.98 -20.91
CA GLY B 395 6.77 -7.87 -22.09
C GLY B 395 6.13 -7.05 -23.27
N ILE B 396 5.20 -7.67 -24.00
CA ILE B 396 4.56 -7.04 -25.14
C ILE B 396 3.88 -5.73 -24.75
N THR B 397 3.30 -5.59 -23.58
CA THR B 397 2.33 -4.54 -23.32
C THR B 397 2.98 -3.22 -23.03
N TRP B 398 2.32 -2.15 -23.56
CA TRP B 398 2.56 -0.81 -23.11
C TRP B 398 1.23 -0.12 -22.85
N ASP B 399 0.26 -0.90 -22.46
CA ASP B 399 -1.05 -0.38 -22.12
C ASP B 399 -1.50 -0.95 -20.75
N VAL B 400 -0.93 -0.34 -19.73
CA VAL B 400 -1.26 -0.72 -18.32
C VAL B 400 -2.13 0.39 -17.78
N TYR B 401 -3.41 0.34 -18.09
CA TYR B 401 -4.38 1.25 -17.61
C TYR B 401 -4.16 2.69 -17.97
N SER B 402 -3.64 2.93 -19.19
CA SER B 402 -3.65 4.28 -19.67
C SER B 402 -5.06 4.88 -19.82
N PRO B 403 -5.15 6.23 -19.81
CA PRO B 403 -6.46 6.83 -20.01
C PRO B 403 -7.12 6.50 -21.33
N VAL B 404 -6.32 6.35 -22.36
CA VAL B 404 -6.72 5.86 -23.66
C VAL B 404 -6.08 4.52 -23.93
N GLY B 405 -6.87 3.47 -24.12
CA GLY B 405 -6.31 2.20 -24.33
C GLY B 405 -5.75 1.98 -25.74
N LEU B 406 -5.03 0.89 -25.91
CA LEU B 406 -4.41 0.54 -27.19
C LEU B 406 -5.46 0.57 -28.25
N ASP B 407 -6.64 0.11 -27.94
CA ASP B 407 -7.75 0.08 -28.90
C ASP B 407 -8.62 1.35 -29.02
N GLY B 408 -8.19 2.41 -28.38
CA GLY B 408 -8.87 3.66 -28.37
C GLY B 408 -9.92 3.76 -27.29
N SER B 409 -10.16 2.78 -26.42
CA SER B 409 -11.14 2.86 -25.37
C SER B 409 -10.70 3.93 -24.35
N GLU B 410 -11.68 4.45 -23.66
CA GLU B 410 -11.47 5.40 -22.61
C GLU B 410 -11.59 4.79 -21.25
N ARG B 411 -10.65 5.02 -20.41
CA ARG B 411 -10.68 4.52 -19.05
C ARG B 411 -11.13 5.64 -18.10
N PRO B 412 -11.45 5.33 -16.82
CA PRO B 412 -12.20 6.35 -16.02
C PRO B 412 -11.39 7.60 -15.67
N HIS B 413 -10.06 7.52 -15.67
CA HIS B 413 -9.28 8.71 -15.33
C HIS B 413 -9.13 9.66 -16.56
N PHE B 414 -9.58 9.22 -17.78
CA PHE B 414 -9.66 10.15 -18.89
C PHE B 414 -10.50 11.37 -18.55
N GLY B 415 -11.69 11.14 -18.02
CA GLY B 415 -12.54 12.20 -17.74
C GLY B 415 -12.05 13.14 -16.60
N VAL B 416 -11.24 12.55 -15.72
CA VAL B 416 -10.64 13.34 -14.67
C VAL B 416 -9.63 14.28 -15.27
N ILE B 417 -8.78 13.80 -16.15
CA ILE B 417 -7.80 14.65 -16.84
C ILE B 417 -8.48 15.70 -17.67
N LYS B 418 -9.52 15.35 -18.36
CA LYS B 418 -10.26 16.30 -19.20
C LYS B 418 -10.81 17.48 -18.36
N ALA B 419 -11.45 17.14 -17.22
CA ALA B 419 -12.07 18.15 -16.42
C ALA B 419 -11.03 19.07 -15.78
N LEU B 420 -9.90 18.51 -15.34
CA LEU B 420 -8.87 19.33 -14.72
C LEU B 420 -8.23 20.19 -15.78
N SER B 421 -7.96 19.60 -16.95
CA SER B 421 -7.25 20.39 -17.95
C SER B 421 -8.06 21.54 -18.45
N GLU B 422 -9.36 21.34 -18.56
CA GLU B 422 -10.30 22.45 -18.98
C GLU B 422 -10.28 23.60 -17.94
N THR B 423 -10.24 23.25 -16.65
CA THR B 423 -10.12 24.23 -15.64
C THR B 423 -8.79 24.96 -15.65
N MET B 424 -7.69 24.21 -15.81
CA MET B 424 -6.41 24.89 -15.82
C MET B 424 -6.21 25.77 -16.97
N THR B 425 -6.82 25.48 -18.11
CA THR B 425 -6.56 26.28 -19.29
C THR B 425 -7.49 27.50 -19.36
N SER B 426 -8.60 27.45 -18.68
CA SER B 426 -9.72 28.46 -18.80
C SER B 426 -9.91 29.38 -17.59
N ALA B 427 -9.64 28.92 -16.40
CA ALA B 427 -9.90 29.72 -15.20
C ALA B 427 -8.95 30.85 -15.10
N GLU B 428 -9.47 32.08 -15.11
CA GLU B 428 -8.55 33.26 -15.28
C GLU B 428 -7.75 33.50 -14.05
N GLY B 429 -6.47 33.61 -14.19
CA GLY B 429 -5.64 33.89 -13.10
C GLY B 429 -5.25 32.66 -12.17
N LEU B 430 -5.81 31.45 -12.51
CA LEU B 430 -5.54 30.27 -11.66
C LEU B 430 -4.09 29.85 -11.72
N ALA B 431 -3.57 29.66 -12.94
CA ALA B 431 -2.19 29.14 -13.09
C ALA B 431 -1.17 30.08 -12.41
N ASP B 432 -1.39 31.40 -12.45
CA ASP B 432 -0.47 32.37 -11.89
C ASP B 432 -0.57 32.59 -10.36
N ALA B 433 -1.65 32.10 -9.78
CA ALA B 433 -1.82 32.21 -8.36
C ALA B 433 -0.84 31.26 -7.64
N GLU B 434 -0.40 31.67 -6.43
CA GLU B 434 0.68 31.06 -5.72
C GLU B 434 0.30 30.72 -4.25
N LEU B 435 0.66 29.54 -3.78
CA LEU B 435 0.66 29.23 -2.41
C LEU B 435 1.78 29.97 -1.70
N ARG B 436 1.42 30.49 -0.53
CA ARG B 436 2.35 31.27 0.31
C ARG B 436 2.27 30.82 1.73
N PRO B 437 2.92 29.65 2.03
CA PRO B 437 2.80 29.09 3.40
C PRO B 437 3.39 30.01 4.49
N LYS B 438 2.81 29.84 5.69
CA LYS B 438 3.38 30.39 6.91
C LYS B 438 4.49 29.59 7.48
N VAL B 439 4.55 28.33 7.14
CA VAL B 439 5.54 27.38 7.71
C VAL B 439 6.45 26.84 6.63
N ALA B 440 7.71 26.55 7.03
CA ALA B 440 8.63 25.83 6.18
C ALA B 440 9.23 24.63 6.97
N VAL B 441 9.62 23.62 6.17
CA VAL B 441 10.44 22.53 6.64
C VAL B 441 11.80 22.74 6.08
N GLY B 442 12.80 22.46 6.96
CA GLY B 442 14.20 22.56 6.57
C GLY B 442 14.82 21.24 6.26
N LEU B 443 15.18 21.09 5.00
CA LEU B 443 15.73 19.85 4.51
C LEU B 443 17.22 19.94 4.45
N TYR B 444 17.89 18.85 4.72
CA TYR B 444 19.35 18.77 4.82
C TYR B 444 19.82 17.65 3.98
N GLU B 445 20.50 17.98 2.91
CA GLU B 445 20.83 16.98 1.91
C GLU B 445 21.62 15.76 2.30
N PRO B 446 22.58 15.87 3.23
CA PRO B 446 23.23 14.62 3.65
C PRO B 446 22.28 13.56 4.19
N TYR B 447 21.21 14.04 4.87
CA TYR B 447 20.22 13.07 5.46
C TYR B 447 19.45 12.33 4.34
N GLU B 448 19.21 12.98 3.19
CA GLU B 448 18.67 12.25 2.07
C GLU B 448 19.51 11.05 1.67
N ALA B 449 20.78 11.26 1.57
CA ALA B 449 21.66 10.15 1.24
C ALA B 449 21.62 9.04 2.26
N LEU B 450 21.63 9.38 3.55
CA LEU B 450 21.61 8.34 4.53
C LEU B 450 20.29 7.53 4.53
N ASN B 451 19.18 8.24 4.22
CA ASN B 451 17.90 7.54 4.13
C ASN B 451 17.92 6.53 2.92
N LEU B 452 18.51 6.96 1.79
CA LEU B 452 18.66 6.08 0.64
C LEU B 452 19.39 4.80 0.99
N TRP B 453 20.44 4.91 1.81
CA TRP B 453 21.32 3.78 2.08
C TRP B 453 20.80 2.92 3.19
N GLY B 454 19.93 3.46 4.02
CA GLY B 454 19.61 2.78 5.30
C GLY B 454 20.82 2.71 6.21
N TYR B 455 21.56 3.78 6.22
CA TYR B 455 22.81 3.82 7.03
C TYR B 455 22.55 3.59 8.50
N GLU B 456 23.39 2.71 9.10
CA GLU B 456 23.25 2.36 10.54
C GLU B 456 24.32 2.88 11.47
N GLY B 457 25.34 3.45 11.01
CA GLY B 457 26.26 4.03 12.15
C GLY B 457 25.89 5.11 13.29
N LEU B 458 24.68 5.72 13.31
CA LEU B 458 24.35 6.89 14.17
C LEU B 458 23.46 6.58 15.38
N GLU B 459 23.42 7.50 16.32
CA GLU B 459 22.50 7.48 17.47
C GLU B 459 21.09 7.44 16.93
N GLU B 460 20.77 8.28 15.97
CA GLU B 460 19.42 8.36 15.42
C GLU B 460 19.30 7.41 14.18
N SER B 461 18.07 6.96 14.02
CA SER B 461 17.74 6.18 12.87
C SER B 461 17.68 7.02 11.58
N THR B 462 18.08 6.36 10.49
CA THR B 462 18.02 6.99 9.21
C THR B 462 16.76 6.58 8.44
N ASP B 463 15.78 6.03 9.10
CA ASP B 463 14.54 5.62 8.48
C ASP B 463 13.63 6.86 8.31
N LEU B 464 14.05 7.79 7.40
CA LEU B 464 13.27 9.00 7.19
C LEU B 464 12.01 8.72 6.34
N ASN B 465 12.03 7.60 5.58
CA ASN B 465 10.86 7.20 4.91
C ASN B 465 9.73 7.03 5.95
N GLU B 466 10.05 6.36 7.07
CA GLU B 466 9.05 6.16 8.11
C GLU B 466 8.71 7.45 8.88
N TYR B 467 9.76 8.16 9.34
CA TYR B 467 9.49 9.25 10.32
C TYR B 467 9.19 10.57 9.61
N LEU B 468 9.62 10.78 8.37
CA LEU B 468 9.38 12.03 7.69
C LEU B 468 8.47 11.94 6.52
N LEU B 469 8.71 10.98 5.63
CA LEU B 469 8.19 11.08 4.30
C LEU B 469 6.91 10.32 4.06
N GLY B 470 6.69 9.23 4.74
CA GLY B 470 5.68 8.25 4.34
C GLY B 470 4.31 8.43 4.95
N GLU B 471 3.59 7.31 5.00
CA GLU B 471 2.22 7.30 5.49
C GLU B 471 2.01 7.82 6.87
N ARG B 472 3.03 7.65 7.72
CA ARG B 472 3.02 8.14 9.12
C ARG B 472 4.01 9.20 9.27
N GLY B 473 4.56 9.77 8.22
CA GLY B 473 5.68 10.72 8.33
C GLY B 473 5.18 12.06 8.94
N LEU B 474 6.13 12.78 9.52
CA LEU B 474 5.90 14.11 9.97
C LEU B 474 5.29 15.02 8.88
N PHE B 475 5.72 14.85 7.62
CA PHE B 475 5.22 15.72 6.60
C PHE B 475 3.78 15.43 6.28
N THR B 476 3.38 14.14 6.32
CA THR B 476 1.92 13.85 6.19
C THR B 476 1.12 14.44 7.32
N LEU B 477 1.67 14.37 8.52
CA LEU B 477 1.00 14.99 9.66
C LEU B 477 0.84 16.51 9.42
N LEU B 478 1.88 17.15 8.97
CA LEU B 478 1.74 18.57 8.67
C LEU B 478 0.67 18.87 7.67
N ALA B 479 0.68 18.12 6.54
CA ALA B 479 -0.36 18.32 5.55
C ALA B 479 -1.75 18.08 6.10
N MET B 480 -1.93 16.99 6.84
CA MET B 480 -3.26 16.63 7.33
C MET B 480 -3.68 17.47 8.50
N SER B 481 -2.80 18.22 9.12
CA SER B 481 -3.14 19.19 10.14
C SER B 481 -3.50 20.54 9.51
N ASN B 482 -3.64 20.60 8.20
CA ASN B 482 -3.94 21.89 7.57
C ASN B 482 -2.83 22.87 7.83
N THR B 483 -1.61 22.40 7.58
CA THR B 483 -0.41 23.24 7.67
C THR B 483 0.33 23.16 6.37
N PRO B 484 -0.04 23.99 5.38
CA PRO B 484 0.79 24.05 4.18
C PRO B 484 2.21 24.43 4.54
N PHE B 485 3.16 23.98 3.79
CA PHE B 485 4.53 24.27 4.03
C PHE B 485 5.34 24.43 2.78
N ASP B 486 6.31 25.34 2.85
CA ASP B 486 7.37 25.36 1.85
C ASP B 486 8.52 24.42 2.38
N ALA B 487 9.39 23.95 1.51
CA ALA B 487 10.54 23.12 1.86
C ALA B 487 11.70 23.79 1.41
N VAL B 488 12.63 24.14 2.28
CA VAL B 488 13.79 24.92 1.95
C VAL B 488 15.06 24.04 2.12
N ASP B 489 16.08 24.31 1.33
CA ASP B 489 17.36 23.66 1.48
C ASP B 489 18.11 24.42 2.58
N LEU B 490 18.40 23.71 3.71
CA LEU B 490 19.01 24.40 4.85
C LEU B 490 20.39 24.99 4.51
N GLU B 491 21.14 24.30 3.66
CA GLU B 491 22.48 24.73 3.33
C GLU B 491 22.41 26.01 2.48
N ASP B 492 21.51 26.05 1.51
CA ASP B 492 21.46 27.17 0.49
C ASP B 492 20.68 28.36 1.08
N VAL B 493 19.68 28.12 1.94
CA VAL B 493 18.68 29.16 2.25
C VAL B 493 19.30 30.31 2.96
N THR B 494 18.91 31.54 2.62
CA THR B 494 19.35 32.68 3.34
C THR B 494 18.56 32.94 4.62
N LEU B 495 19.15 33.75 5.51
CA LEU B 495 18.43 34.13 6.69
C LEU B 495 17.16 34.84 6.41
N ASP B 496 17.26 35.74 5.43
CA ASP B 496 16.15 36.54 5.04
C ASP B 496 14.94 35.66 4.64
N GLU B 497 15.24 34.62 3.84
CA GLU B 497 14.21 33.68 3.36
C GLU B 497 13.67 32.98 4.62
N LEU B 498 14.56 32.47 5.51
CA LEU B 498 14.01 31.82 6.70
C LEU B 498 13.07 32.64 7.54
N LEU B 499 13.49 33.87 7.78
CA LEU B 499 12.80 34.78 8.64
C LEU B 499 11.42 35.19 8.01
N SER B 500 11.20 34.90 6.73
CA SER B 500 9.94 35.18 6.11
C SER B 500 8.85 34.17 6.51
N TYR B 501 9.22 33.08 7.16
CA TYR B 501 8.25 32.11 7.68
C TYR B 501 8.02 32.36 9.16
N ASP B 502 6.81 31.98 9.61
CA ASP B 502 6.45 32.13 10.97
C ASP B 502 6.80 30.92 11.87
N GLN B 503 7.20 29.86 11.22
CA GLN B 503 7.71 28.65 11.88
C GLN B 503 8.54 27.82 10.93
N LEU B 504 9.62 27.22 11.48
CA LEU B 504 10.55 26.35 10.71
C LEU B 504 10.67 25.05 11.46
N TRP B 505 10.39 23.94 10.79
CA TRP B 505 10.51 22.63 11.32
C TRP B 505 11.78 22.00 10.77
N VAL B 506 12.64 21.49 11.65
CA VAL B 506 13.89 20.84 11.25
C VAL B 506 14.01 19.46 11.96
N TYR B 507 14.09 18.44 11.16
CA TYR B 507 14.35 17.11 11.66
C TYR B 507 15.89 16.96 11.67
N SER B 508 16.44 16.59 12.84
CA SER B 508 17.87 16.51 12.98
C SER B 508 18.32 15.08 13.32
N LEU B 509 19.47 14.72 12.78
CA LEU B 509 20.25 13.59 13.20
C LEU B 509 21.46 14.06 14.03
N ASP B 510 22.39 13.13 14.22
CA ASP B 510 23.53 13.39 15.09
C ASP B 510 24.41 14.56 14.65
N PHE B 511 24.55 14.70 13.32
CA PHE B 511 25.48 15.65 12.77
C PHE B 511 24.73 16.67 11.95
N MET B 512 25.32 17.89 11.87
CA MET B 512 24.71 19.00 11.08
C MET B 512 25.85 19.98 10.93
N SER B 513 26.08 20.48 9.71
CA SER B 513 27.22 21.32 9.45
C SER B 513 27.31 22.52 10.36
N ARG B 514 28.52 23.04 10.56
CA ARG B 514 28.66 24.26 11.33
C ARG B 514 27.85 25.41 10.66
N GLU B 515 27.86 25.52 9.33
CA GLU B 515 27.18 26.57 8.61
C GLU B 515 25.70 26.51 8.98
N VAL B 516 25.10 25.31 8.91
CA VAL B 516 23.68 25.15 9.16
C VAL B 516 23.31 25.35 10.64
N GLN B 517 24.12 24.74 11.56
CA GLN B 517 23.89 25.02 12.98
C GLN B 517 23.90 26.51 13.28
N ASP B 518 24.93 27.18 12.79
CA ASP B 518 25.09 28.60 13.07
C ASP B 518 23.98 29.45 12.44
N LYS B 519 23.47 29.04 11.30
CA LYS B 519 22.38 29.71 10.61
C LYS B 519 21.09 29.54 11.41
N LEU B 520 20.88 28.37 12.02
CA LEU B 520 19.77 28.16 12.89
C LEU B 520 19.82 28.99 14.17
N VAL B 521 21.00 29.13 14.76
CA VAL B 521 21.17 30.02 15.86
C VAL B 521 20.75 31.44 15.46
N GLU B 522 21.29 31.92 14.31
CA GLU B 522 21.03 33.32 13.88
C GLU B 522 19.48 33.48 13.63
N PHE B 523 18.83 32.46 13.11
CA PHE B 523 17.44 32.53 12.80
C PHE B 523 16.65 32.74 14.05
N VAL B 524 16.91 31.92 15.05
CA VAL B 524 16.16 32.12 16.31
C VAL B 524 16.57 33.44 16.95
N ALA B 525 17.86 33.77 16.95
CA ALA B 525 18.25 35.07 17.53
C ALA B 525 17.59 36.26 16.89
N ARG B 526 17.34 36.18 15.58
CA ARG B 526 16.74 37.31 14.87
C ARG B 526 15.17 37.31 14.86
N GLY B 527 14.59 36.40 15.60
CA GLY B 527 13.14 36.37 15.78
C GLY B 527 12.43 35.15 15.28
N GLY B 528 13.16 34.24 14.66
CA GLY B 528 12.58 33.05 14.15
C GLY B 528 12.04 32.14 15.22
N ASN B 529 11.08 31.32 14.77
CA ASN B 529 10.45 30.29 15.61
C ASN B 529 10.81 28.94 15.02
N LEU B 530 11.57 28.15 15.75
CA LEU B 530 12.07 26.87 15.37
C LEU B 530 11.33 25.77 16.08
N VAL B 531 11.09 24.65 15.37
CA VAL B 531 10.72 23.35 16.01
C VAL B 531 11.76 22.39 15.49
N ILE B 532 12.44 21.71 16.41
CA ILE B 532 13.51 20.73 16.09
C ILE B 532 13.31 19.46 16.91
N LEU B 533 13.50 18.34 16.25
CA LEU B 533 13.21 17.04 16.74
C LEU B 533 14.02 16.09 15.89
N PRO B 534 14.22 14.85 16.39
CA PRO B 534 13.97 14.31 17.75
C PRO B 534 15.23 14.42 18.63
N MET B 535 16.20 15.20 18.20
CA MET B 535 17.39 15.49 18.98
C MET B 535 18.01 16.79 18.50
N LEU B 536 19.01 17.29 19.15
CA LEU B 536 19.90 18.33 18.63
C LEU B 536 21.18 17.68 18.12
N PRO B 537 21.79 18.30 17.08
CA PRO B 537 23.05 17.77 16.54
C PRO B 537 24.13 17.95 17.61
N ARG B 538 25.05 16.97 17.65
CA ARG B 538 26.20 17.00 18.53
C ARG B 538 27.51 17.11 17.75
N TYR B 539 27.51 16.93 16.42
CA TYR B 539 28.66 16.86 15.57
C TYR B 539 28.46 17.76 14.36
N ASP B 540 29.55 18.20 13.77
CA ASP B 540 29.55 18.86 12.50
C ASP B 540 29.71 17.94 11.32
N GLU B 541 29.90 18.51 10.14
CA GLU B 541 30.03 17.81 8.89
C GLU B 541 31.25 16.92 8.78
N ASN B 542 32.25 17.08 9.65
CA ASN B 542 33.41 16.19 9.73
C ASN B 542 33.28 15.23 10.88
N LEU B 543 32.12 15.15 11.49
CA LEU B 543 31.88 14.34 12.69
C LEU B 543 32.75 14.65 13.88
N GLU B 544 33.10 15.95 14.00
CA GLU B 544 33.80 16.42 15.15
C GLU B 544 32.78 17.08 16.05
N PRO B 545 32.99 17.11 17.36
CA PRO B 545 31.98 17.72 18.24
C PRO B 545 31.72 19.17 17.88
N TYR B 546 30.46 19.52 17.76
CA TYR B 546 30.11 20.88 17.44
C TYR B 546 28.61 21.01 17.78
N SER B 547 28.30 21.91 18.68
CA SER B 547 26.99 22.09 19.18
C SER B 547 26.58 23.49 19.40
N SER B 548 26.76 24.31 18.33
CA SER B 548 26.40 25.69 18.54
C SER B 548 24.96 25.95 18.86
N LEU B 549 24.11 25.22 18.17
CA LEU B 549 22.62 25.37 18.36
C LEU B 549 22.18 24.97 19.76
N LYS B 550 22.61 23.77 20.20
CA LYS B 550 22.32 23.39 21.54
C LYS B 550 22.78 24.42 22.58
N ASP B 551 24.04 24.84 22.43
CA ASP B 551 24.62 25.73 23.37
C ASP B 551 23.82 27.03 23.47
N PHE B 552 23.39 27.57 22.34
CA PHE B 552 22.57 28.77 22.30
C PHE B 552 21.22 28.58 22.92
N LEU B 553 20.59 27.44 22.65
CA LEU B 553 19.26 27.16 23.21
C LEU B 553 19.25 26.90 24.72
N GLY B 554 20.36 26.43 25.24
CA GLY B 554 20.40 26.24 26.66
C GLY B 554 19.60 25.07 27.20
N VAL B 555 19.46 24.04 26.40
CA VAL B 555 18.91 22.80 26.80
C VAL B 555 19.93 21.69 26.73
N GLU B 556 19.60 20.59 27.39
CA GLU B 556 20.43 19.38 27.31
C GLU B 556 19.46 18.23 26.91
N VAL B 557 19.89 17.40 25.98
CA VAL B 557 19.12 16.30 25.43
C VAL B 557 19.84 15.01 25.74
N GLU B 558 19.14 14.09 26.37
CA GLU B 558 19.71 12.78 26.70
C GLU B 558 20.22 12.04 25.49
N ARG B 559 21.29 11.28 25.69
CA ARG B 559 21.85 10.49 24.64
C ARG B 559 21.19 9.07 24.68
N GLU B 560 20.63 8.68 23.58
CA GLU B 560 19.95 7.40 23.50
C GLU B 560 19.94 6.95 22.07
N LYS B 561 20.11 5.66 21.84
CA LYS B 561 20.16 5.19 20.48
C LYS B 561 18.73 4.77 20.02
N ALA B 562 18.39 5.20 18.84
CA ALA B 562 17.17 4.75 18.22
C ALA B 562 17.35 3.29 17.73
N ARG B 563 16.29 2.53 17.77
CA ARG B 563 16.24 1.12 17.32
C ARG B 563 15.78 0.95 15.92
N ARG B 564 16.25 -0.16 15.31
CA ARG B 564 15.91 -0.57 13.94
C ARG B 564 15.15 -1.84 13.89
N ASN B 565 15.33 -2.75 14.86
CA ASN B 565 14.55 -4.01 14.80
C ASN B 565 13.09 -3.75 15.14
N PRO B 566 12.16 -4.00 14.19
CA PRO B 566 10.76 -3.62 14.43
C PRO B 566 10.17 -4.17 15.69
N ARG B 567 10.60 -5.38 16.10
CA ARG B 567 10.04 -5.96 17.33
C ARG B 567 10.47 -5.21 18.57
N LEU B 568 11.59 -4.50 18.46
CA LEU B 568 12.21 -3.78 19.60
C LEU B 568 11.91 -2.30 19.63
N ILE B 569 11.34 -1.78 18.55
CA ILE B 569 11.00 -0.36 18.53
C ILE B 569 9.85 -0.06 19.52
N GLN B 570 10.09 0.87 20.46
CA GLN B 570 9.17 1.11 21.56
C GLN B 570 7.86 1.76 21.01
N PHE B 571 6.80 1.50 21.79
CA PHE B 571 5.55 2.24 21.74
C PHE B 571 5.39 2.99 23.05
N LEU B 572 5.46 4.32 23.01
CA LEU B 572 5.47 5.12 24.23
C LEU B 572 4.41 6.18 24.14
N SER B 573 4.05 6.81 25.27
CA SER B 573 2.99 7.79 25.32
C SER B 573 3.55 9.11 25.88
N VAL B 574 3.40 10.24 25.18
CA VAL B 574 3.88 11.56 25.61
C VAL B 574 2.66 12.39 25.92
N SER B 575 2.71 13.13 27.04
CA SER B 575 1.65 14.09 27.39
C SER B 575 2.09 15.55 27.40
N ALA B 576 1.11 16.40 27.23
CA ALA B 576 1.31 17.83 27.25
C ALA B 576 0.01 18.44 27.67
N GLU B 577 -0.03 19.76 27.73
CA GLU B 577 -1.20 20.39 28.13
C GLU B 577 -2.25 20.20 27.06
N GLY B 578 -3.38 19.59 27.44
CA GLY B 578 -4.40 19.29 26.42
C GLY B 578 -4.27 17.97 25.68
N ILE B 579 -3.23 17.23 26.04
CA ILE B 579 -2.72 16.16 25.19
C ILE B 579 -2.39 14.99 26.17
N ASP B 580 -3.36 14.05 26.33
CA ASP B 580 -3.22 12.95 27.33
C ASP B 580 -2.75 11.66 26.56
N ARG B 581 -1.48 11.37 26.64
CA ARG B 581 -0.92 10.11 26.12
C ARG B 581 -1.02 9.99 24.59
N MET B 582 -0.29 10.88 23.91
CA MET B 582 -0.14 10.79 22.47
C MET B 582 0.94 9.74 22.15
N LEU B 583 0.63 8.83 21.21
CA LEU B 583 1.56 7.79 20.80
C LEU B 583 2.81 8.42 20.19
N VAL B 584 3.98 7.92 20.62
CA VAL B 584 5.26 8.06 19.86
C VAL B 584 5.94 6.72 19.71
N ARG B 585 6.71 6.64 18.68
CA ARG B 585 7.51 5.44 18.43
C ARG B 585 8.95 5.68 18.62
N ASN B 586 9.65 4.59 19.02
CA ASN B 586 11.11 4.57 19.09
C ASN B 586 11.58 5.45 20.25
N THR B 587 12.89 5.53 20.40
CA THR B 587 13.49 6.09 21.63
C THR B 587 13.01 7.56 21.84
N VAL B 588 12.78 7.84 23.11
CA VAL B 588 12.40 9.13 23.56
C VAL B 588 13.48 9.74 24.47
N ARG B 589 13.98 10.92 24.19
CA ARG B 589 15.09 11.58 24.89
C ARG B 589 14.51 12.64 25.86
N GLY B 590 14.91 12.61 27.14
CA GLY B 590 14.69 13.75 27.98
C GLY B 590 15.33 15.04 27.38
N VAL B 591 14.62 16.11 27.62
CA VAL B 591 15.06 17.48 27.24
C VAL B 591 14.96 18.26 28.56
N ARG B 592 16.13 18.64 29.12
N ARG B 592 16.13 18.66 29.09
CA ARG B 592 16.28 19.41 30.37
CA ARG B 592 16.25 19.41 30.31
C ARG B 592 16.60 20.86 30.03
C ARG B 592 16.60 20.87 30.03
N GLY B 593 15.95 21.79 30.75
CA GLY B 593 16.12 23.20 30.51
C GLY B 593 14.94 23.82 29.85
N GLY B 594 14.83 25.12 29.90
CA GLY B 594 13.75 25.83 29.30
C GLY B 594 12.40 25.55 30.03
N GLU B 595 11.29 25.78 29.35
CA GLU B 595 9.95 25.52 29.90
C GLU B 595 9.57 24.13 29.40
N PRO B 596 9.35 23.18 30.31
CA PRO B 596 8.90 21.84 29.88
C PRO B 596 7.51 21.89 29.29
N ILE B 597 7.32 21.27 28.11
CA ILE B 597 6.03 21.27 27.46
C ILE B 597 5.51 19.93 27.09
N ALA B 598 6.34 18.90 27.17
CA ALA B 598 5.91 17.57 26.85
C ALA B 598 6.64 16.60 27.78
N PHE B 599 5.96 15.49 28.17
CA PHE B 599 6.43 14.63 29.27
C PHE B 599 6.22 13.19 28.96
N LEU B 600 7.17 12.38 29.38
CA LEU B 600 7.03 10.91 29.28
C LEU B 600 6.95 10.57 30.78
N GLY B 601 5.76 10.25 31.24
CA GLY B 601 5.55 10.17 32.70
C GLY B 601 5.87 11.54 33.33
N GLU B 602 6.76 11.60 34.30
CA GLU B 602 7.22 12.87 34.92
C GLU B 602 8.40 13.52 34.25
N LYS B 603 8.97 12.85 33.22
CA LYS B 603 10.22 13.36 32.60
C LYS B 603 9.92 14.33 31.51
N PRO B 604 10.43 15.56 31.55
CA PRO B 604 10.32 16.39 30.37
C PRO B 604 11.03 15.82 29.16
N VAL B 605 10.33 15.78 28.02
CA VAL B 605 10.87 15.31 26.77
C VAL B 605 10.61 16.28 25.63
N GLY B 606 10.22 17.47 25.95
CA GLY B 606 10.09 18.58 25.01
C GLY B 606 10.10 19.88 25.79
N ALA B 607 10.79 20.86 25.24
CA ALA B 607 10.94 22.15 25.95
C ALA B 607 10.71 23.31 25.03
N PHE B 608 10.32 24.45 25.60
CA PHE B 608 10.17 25.65 24.85
C PHE B 608 11.13 26.68 25.42
N VAL B 609 11.88 27.33 24.58
CA VAL B 609 12.85 28.37 24.99
C VAL B 609 12.63 29.64 24.23
N ARG B 610 12.94 30.76 24.85
CA ARG B 610 12.92 32.06 24.20
C ARG B 610 14.37 32.58 24.27
N LYS B 611 14.98 32.78 23.15
CA LYS B 611 16.38 33.18 23.07
C LYS B 611 16.54 34.26 21.97
N GLY B 612 17.31 35.29 22.27
CA GLY B 612 17.37 36.48 21.37
C GLY B 612 15.92 36.96 21.15
N GLY B 613 15.57 37.25 19.93
CA GLY B 613 14.19 37.68 19.67
C GLY B 613 13.21 36.54 19.32
N GLY B 614 13.71 35.31 19.27
CA GLY B 614 12.86 34.23 18.77
C GLY B 614 12.57 33.14 19.79
N SER B 615 12.22 32.00 19.27
CA SER B 615 11.89 30.87 20.13
C SER B 615 12.19 29.57 19.51
N ALA B 616 12.24 28.52 20.33
CA ALA B 616 12.49 27.17 19.78
C ALA B 616 11.75 26.20 20.65
N VAL B 617 11.14 25.25 20.01
CA VAL B 617 10.56 24.06 20.62
C VAL B 617 11.53 22.93 20.27
N VAL B 618 12.08 22.24 21.30
CA VAL B 618 12.97 21.11 21.16
C VAL B 618 12.26 19.86 21.65
N LEU B 619 12.09 18.90 20.73
CA LEU B 619 11.40 17.66 21.07
C LEU B 619 12.41 16.54 21.01
N GLY B 620 12.36 15.66 22.03
CA GLY B 620 13.15 14.45 22.12
C GLY B 620 12.47 13.23 21.62
N PHE B 621 11.55 13.39 20.67
CA PHE B 621 10.80 12.27 20.13
C PHE B 621 10.39 12.66 18.68
N ARG B 622 9.99 11.61 17.96
N ARG B 622 9.98 11.62 17.96
CA ARG B 622 9.55 11.63 16.56
CA ARG B 622 9.57 11.77 16.57
C ARG B 622 8.06 11.84 16.57
C ARG B 622 8.08 11.83 16.51
N LEU B 623 7.60 12.93 16.01
CA LEU B 623 6.15 13.25 15.88
C LEU B 623 5.68 12.77 14.51
N GLN B 624 4.65 11.90 14.55
CA GLN B 624 4.18 11.22 13.37
C GLN B 624 2.69 11.39 13.10
N TYR B 625 2.33 11.04 11.86
CA TYR B 625 0.87 11.05 11.55
C TYR B 625 0.23 9.73 11.93
N TYR B 626 -0.42 9.81 13.07
CA TYR B 626 -1.40 8.84 13.54
C TYR B 626 -2.70 9.62 13.72
N THR B 627 -3.81 8.99 13.41
CA THR B 627 -5.08 9.59 13.68
C THR B 627 -6.05 8.56 14.31
N SER B 628 -7.09 9.11 14.91
CA SER B 628 -8.04 8.43 15.74
C SER B 628 -9.11 9.45 16.15
N HIS B 629 -10.10 8.95 16.92
CA HIS B 629 -11.05 9.85 17.49
C HIS B 629 -10.44 10.97 18.29
N HIS B 630 -9.43 10.62 19.09
CA HIS B 630 -8.74 11.57 19.99
C HIS B 630 -7.90 12.54 19.24
N ASP B 631 -7.30 12.04 18.13
CA ASP B 631 -6.60 12.94 17.23
C ASP B 631 -5.49 13.76 17.80
N LEU B 632 -4.72 13.12 18.67
CA LEU B 632 -3.80 13.90 19.46
C LEU B 632 -2.60 14.38 18.67
N HIS B 633 -2.23 13.72 17.59
CA HIS B 633 -1.04 14.18 16.86
C HIS B 633 -1.33 15.49 16.09
N ARG B 634 -2.50 15.55 15.43
CA ARG B 634 -2.92 16.83 14.82
C ARG B 634 -3.10 17.93 15.92
N LYS B 635 -3.69 17.52 17.07
CA LYS B 635 -3.89 18.48 18.12
C LYS B 635 -2.57 19.02 18.63
N PHE B 636 -1.57 18.13 18.71
CA PHE B 636 -0.23 18.61 19.16
C PHE B 636 0.42 19.62 18.20
N VAL B 637 0.25 19.37 16.89
CA VAL B 637 0.69 20.37 15.90
C VAL B 637 -0.01 21.69 16.12
N TRP B 638 -1.32 21.65 16.30
CA TRP B 638 -2.12 22.84 16.51
C TRP B 638 -1.67 23.62 17.76
N LYS B 639 -1.28 22.83 18.79
CA LYS B 639 -0.80 23.44 20.03
C LYS B 639 0.53 24.15 19.81
N LEU B 640 1.42 23.50 19.04
CA LEU B 640 2.73 24.12 18.78
C LEU B 640 2.56 25.38 17.90
N LYS B 641 1.66 25.33 16.93
CA LYS B 641 1.42 26.49 16.11
C LYS B 641 0.96 27.68 16.94
N GLU B 642 0.01 27.40 17.85
CA GLU B 642 -0.50 28.40 18.77
C GLU B 642 0.60 28.96 19.64
N LEU B 643 1.40 28.05 20.22
CA LEU B 643 2.46 28.47 21.03
C LEU B 643 3.42 29.50 20.39
N GLN B 644 3.73 29.26 19.13
CA GLN B 644 4.65 30.11 18.40
C GLN B 644 3.92 31.19 17.51
N GLY B 645 2.58 31.34 17.70
CA GLY B 645 1.83 32.38 17.07
C GLY B 645 1.56 32.22 15.58
N VAL B 646 1.59 31.02 15.07
CA VAL B 646 1.39 30.75 13.61
C VAL B 646 -0.12 30.69 13.35
N ARG B 647 -0.60 31.52 12.48
CA ARG B 647 -2.04 31.58 12.17
C ARG B 647 -2.15 31.52 10.67
N GLU B 648 -2.82 30.52 10.22
CA GLU B 648 -3.14 30.40 8.81
C GLU B 648 -4.13 31.55 8.36
N ASP B 649 -4.21 31.78 7.06
CA ASP B 649 -5.17 32.73 6.53
C ASP B 649 -6.60 32.19 6.45
N PHE B 650 -6.83 30.95 6.73
CA PHE B 650 -8.11 30.32 6.70
C PHE B 650 -8.37 29.61 8.01
N GLU B 651 -9.64 29.33 8.29
CA GLU B 651 -10.02 28.38 9.28
C GLU B 651 -11.03 27.48 8.65
N VAL B 652 -11.13 26.26 9.09
CA VAL B 652 -12.06 25.29 8.64
C VAL B 652 -12.65 24.55 9.81
N THR B 653 -13.94 24.26 9.75
CA THR B 653 -14.57 23.54 10.82
C THR B 653 -14.34 22.05 10.80
N ASN B 654 -14.04 21.44 9.68
CA ASN B 654 -13.78 20.02 9.56
C ASN B 654 -12.33 19.83 9.27
N PRO B 655 -11.58 19.17 10.16
CA PRO B 655 -10.19 19.07 9.97
C PRO B 655 -9.72 18.14 8.80
N ASP B 656 -10.66 17.39 8.22
CA ASP B 656 -10.38 16.57 7.07
C ASP B 656 -10.58 17.31 5.79
N MET B 657 -11.03 18.58 5.85
CA MET B 657 -11.15 19.40 4.66
C MET B 657 -9.85 20.20 4.56
N ILE B 658 -9.05 19.74 3.58
CA ILE B 658 -7.69 20.31 3.47
C ILE B 658 -7.79 21.47 2.49
N VAL B 659 -7.26 22.61 2.88
CA VAL B 659 -7.39 23.90 2.18
C VAL B 659 -6.03 24.47 1.82
N LEU B 660 -5.81 24.71 0.53
CA LEU B 660 -4.55 25.30 0.06
C LEU B 660 -4.84 26.61 -0.69
N PRO B 661 -4.59 27.77 -0.08
CA PRO B 661 -4.95 29.04 -0.74
C PRO B 661 -3.92 29.44 -1.85
N MET B 662 -4.42 29.63 -3.04
CA MET B 662 -3.65 30.08 -4.19
C MET B 662 -3.86 31.55 -4.39
N GLU B 663 -2.92 32.35 -3.96
CA GLU B 663 -3.12 33.81 -3.90
C GLU B 663 -2.68 34.49 -5.19
N GLY B 664 -3.56 35.34 -5.71
CA GLY B 664 -3.29 36.11 -6.87
C GLY B 664 -3.19 37.60 -6.51
N LYS B 665 -3.04 38.38 -7.52
CA LYS B 665 -3.08 39.89 -7.43
C LYS B 665 -4.52 40.34 -7.52
N GLY B 666 -5.15 40.56 -6.36
CA GLY B 666 -6.53 40.99 -6.29
C GLY B 666 -7.59 39.92 -6.26
N TYR B 667 -7.21 38.67 -6.16
CA TYR B 667 -8.11 37.53 -6.14
C TYR B 667 -7.34 36.34 -5.49
N ALA B 668 -8.11 35.30 -5.22
CA ALA B 668 -7.47 34.04 -4.82
C ALA B 668 -8.34 32.90 -5.30
N TYR B 669 -7.77 31.71 -5.29
CA TYR B 669 -8.52 30.45 -5.45
C TYR B 669 -8.19 29.56 -4.29
N LEU B 670 -9.17 29.02 -3.65
CA LEU B 670 -8.91 28.13 -2.51
C LEU B 670 -9.06 26.72 -2.99
N ALA B 671 -7.96 26.00 -3.01
CA ALA B 671 -8.09 24.55 -3.29
C ALA B 671 -8.68 23.89 -2.01
N VAL B 672 -9.79 23.15 -2.18
CA VAL B 672 -10.46 22.53 -1.09
C VAL B 672 -10.53 21.06 -1.46
N THR B 673 -9.96 20.16 -0.64
CA THR B 673 -9.83 18.79 -1.01
C THR B 673 -10.21 17.82 0.10
N ASN B 674 -10.62 16.62 -0.29
CA ASN B 674 -10.99 15.56 0.68
C ASN B 674 -10.15 14.32 0.44
N PRO B 675 -8.91 14.37 0.96
CA PRO B 675 -8.03 13.24 0.64
C PRO B 675 -8.40 11.90 1.29
N ARG B 676 -9.04 11.98 2.46
CA ARG B 676 -9.44 10.70 3.10
C ARG B 676 -10.59 10.06 2.38
N GLY B 677 -11.44 10.85 1.71
CA GLY B 677 -12.44 10.32 0.85
C GLY B 677 -13.73 9.96 1.45
N HIS B 678 -13.84 10.00 2.78
CA HIS B 678 -15.13 9.80 3.38
C HIS B 678 -15.97 11.11 3.26
N PRO B 679 -17.30 11.04 3.30
CA PRO B 679 -18.05 12.22 3.12
C PRO B 679 -17.77 13.21 4.24
N ILE B 680 -17.54 14.47 3.87
CA ILE B 680 -17.18 15.51 4.84
C ILE B 680 -18.08 16.72 4.54
N LYS B 681 -18.47 17.44 5.59
CA LYS B 681 -19.13 18.68 5.57
C LYS B 681 -18.40 19.68 6.44
N GLY B 682 -18.26 20.88 6.00
CA GLY B 682 -17.77 21.90 6.83
C GLY B 682 -17.89 23.30 6.28
N ARG B 683 -17.47 24.28 7.04
CA ARG B 683 -17.51 25.73 6.67
C ARG B 683 -16.05 26.26 6.63
N ILE B 684 -15.82 27.31 5.86
CA ILE B 684 -14.47 27.88 5.75
C ILE B 684 -14.53 29.35 6.08
N SER B 685 -13.55 29.85 6.76
CA SER B 685 -13.43 31.27 6.92
C SER B 685 -12.21 31.67 6.18
N TYR B 686 -12.30 32.69 5.36
CA TYR B 686 -11.15 33.11 4.50
C TYR B 686 -11.40 34.51 3.96
N ARG B 687 -10.43 35.38 3.96
CA ARG B 687 -10.52 36.77 3.44
C ARG B 687 -11.70 37.59 4.05
N GLY B 688 -12.04 37.31 5.30
CA GLY B 688 -13.02 38.03 6.04
C GLY B 688 -14.40 37.56 5.78
N LEU B 689 -14.50 36.49 5.02
CA LEU B 689 -15.75 35.91 4.62
C LEU B 689 -15.99 34.59 5.33
N GLU B 690 -17.26 34.28 5.48
CA GLU B 690 -17.77 33.03 5.93
C GLU B 690 -18.36 32.28 4.80
N VAL B 691 -17.94 31.03 4.58
CA VAL B 691 -18.43 30.34 3.39
C VAL B 691 -18.90 28.97 3.77
N PRO B 692 -20.08 28.55 3.43
CA PRO B 692 -21.14 29.36 2.90
C PRO B 692 -21.85 30.22 3.93
N VAL B 693 -22.86 31.00 3.51
CA VAL B 693 -23.72 31.84 4.34
C VAL B 693 -25.15 31.21 4.45
N LEU B 694 -25.68 30.72 3.36
CA LEU B 694 -27.01 30.20 3.33
C LEU B 694 -27.12 28.71 3.34
N LEU B 695 -26.21 28.09 2.60
CA LEU B 695 -26.20 26.71 2.46
C LEU B 695 -25.60 26.15 3.68
N ASP B 696 -26.13 24.95 4.03
CA ASP B 696 -25.74 24.21 5.13
C ASP B 696 -24.34 23.50 5.01
N GLY B 697 -23.23 24.28 4.91
CA GLY B 697 -21.90 23.80 4.85
C GLY B 697 -21.53 23.38 3.40
N ILE B 698 -20.24 23.34 3.11
CA ILE B 698 -19.68 22.72 1.90
C ILE B 698 -19.55 21.24 2.12
N GLU B 699 -20.19 20.40 1.28
CA GLU B 699 -20.12 19.00 1.32
C GLU B 699 -19.20 18.44 0.25
N LEU B 700 -18.26 17.60 0.62
CA LEU B 700 -17.45 16.83 -0.33
C LEU B 700 -17.79 15.40 -0.13
N LYS B 701 -18.57 14.83 -0.99
CA LYS B 701 -19.11 13.48 -0.79
C LYS B 701 -18.10 12.38 -0.97
N ARG B 702 -16.97 12.67 -1.63
CA ARG B 702 -15.97 11.63 -1.94
C ARG B 702 -14.68 12.38 -2.18
N ARG B 703 -13.62 11.61 -2.42
CA ARG B 703 -12.35 12.16 -2.68
C ARG B 703 -12.34 12.98 -3.96
N GLY B 704 -11.80 14.21 -3.85
CA GLY B 704 -11.68 15.10 -4.97
C GLY B 704 -11.43 16.49 -4.49
N THR B 705 -11.34 17.43 -5.42
CA THR B 705 -10.88 18.73 -5.14
C THR B 705 -11.70 19.80 -5.91
N LEU B 706 -12.01 20.90 -5.24
CA LEU B 706 -12.62 22.09 -5.85
C LEU B 706 -11.60 23.25 -5.83
N TYR B 707 -11.66 24.17 -6.77
CA TYR B 707 -10.87 25.42 -6.69
C TYR B 707 -11.84 26.52 -6.57
N LEU B 708 -12.10 27.02 -5.40
CA LEU B 708 -13.13 28.00 -5.12
C LEU B 708 -12.60 29.41 -5.37
N PRO B 709 -13.36 30.17 -6.17
CA PRO B 709 -12.92 31.54 -6.49
C PRO B 709 -13.23 32.49 -5.34
N PHE B 710 -12.33 33.40 -5.11
CA PHE B 710 -12.51 34.52 -4.19
C PHE B 710 -12.02 35.81 -4.86
N GLY B 711 -12.98 36.68 -5.15
CA GLY B 711 -12.54 37.94 -5.75
C GLY B 711 -12.27 37.96 -7.22
N VAL B 712 -12.63 36.90 -7.92
CA VAL B 712 -12.42 36.83 -9.36
C VAL B 712 -13.42 37.73 -10.06
N ARG B 713 -12.88 38.60 -10.89
CA ARG B 713 -13.66 39.64 -11.40
C ARG B 713 -13.42 40.04 -12.80
N LYS B 714 -14.45 40.69 -13.38
CA LYS B 714 -14.32 41.29 -14.71
C LYS B 714 -15.06 42.63 -14.58
N GLY B 715 -14.29 43.72 -14.58
CA GLY B 715 -14.95 45.01 -14.43
C GLY B 715 -15.60 45.19 -13.08
N ASP B 716 -16.81 45.68 -13.05
CA ASP B 716 -17.52 45.90 -11.81
C ASP B 716 -18.09 44.64 -11.21
N VAL B 717 -18.11 43.55 -11.94
CA VAL B 717 -18.71 42.35 -11.39
C VAL B 717 -17.68 41.44 -10.81
N GLU B 718 -17.98 40.95 -9.62
CA GLU B 718 -17.03 40.16 -8.91
C GLU B 718 -17.70 38.96 -8.27
N VAL B 719 -17.04 37.80 -8.35
CA VAL B 719 -17.41 36.61 -7.62
C VAL B 719 -16.74 36.77 -6.25
N ALA B 720 -17.58 37.12 -5.25
CA ALA B 720 -17.02 37.25 -3.89
C ALA B 720 -16.50 35.92 -3.40
N TYR B 721 -17.33 34.89 -3.58
CA TYR B 721 -16.93 33.52 -3.41
C TYR B 721 -17.91 32.61 -4.07
N ALA B 722 -17.51 31.37 -4.28
CA ALA B 722 -18.47 30.33 -4.64
C ALA B 722 -18.06 29.06 -4.04
N THR B 723 -18.99 28.13 -3.88
CA THR B 723 -18.66 26.81 -3.38
C THR B 723 -18.59 25.76 -4.49
N ALA B 724 -18.56 26.22 -5.73
CA ALA B 724 -18.23 25.42 -6.93
C ALA B 724 -17.01 26.01 -7.60
N THR B 725 -16.28 25.18 -8.36
CA THR B 725 -15.18 25.69 -9.17
C THR B 725 -15.77 26.55 -10.27
N LEU B 726 -15.24 27.78 -10.43
CA LEU B 726 -15.52 28.55 -11.64
C LEU B 726 -14.53 28.12 -12.74
N VAL B 727 -15.02 27.36 -13.71
CA VAL B 727 -14.19 26.77 -14.78
C VAL B 727 -13.89 27.82 -15.82
N MET B 728 -14.87 28.65 -16.17
CA MET B 728 -14.68 29.69 -17.17
CA MET B 728 -14.67 29.71 -17.16
C MET B 728 -15.73 30.75 -17.04
N TRP B 729 -15.35 31.91 -17.54
CA TRP B 729 -16.25 33.08 -17.60
C TRP B 729 -16.05 33.70 -18.98
N GLU B 730 -17.06 33.55 -19.81
CA GLU B 730 -16.99 33.98 -21.22
C GLU B 730 -18.17 34.90 -21.42
N GLY B 731 -17.93 36.13 -21.88
CA GLY B 731 -19.01 37.05 -21.96
C GLY B 731 -19.66 37.20 -20.55
N ASP B 732 -20.99 37.11 -20.51
CA ASP B 732 -21.71 37.19 -19.26
C ASP B 732 -22.03 35.81 -18.69
N VAL B 733 -21.49 34.73 -19.21
CA VAL B 733 -21.74 33.39 -18.75
C VAL B 733 -20.60 32.85 -17.92
N LEU B 734 -20.97 32.52 -16.66
CA LEU B 734 -20.07 31.87 -15.73
C LEU B 734 -20.38 30.39 -15.70
N THR B 735 -19.42 29.52 -15.95
CA THR B 735 -19.62 28.09 -15.94
C THR B 735 -18.97 27.54 -14.66
N PHE B 736 -19.79 26.89 -13.82
CA PHE B 736 -19.33 26.27 -12.59
C PHE B 736 -19.35 24.75 -12.69
N ARG B 737 -18.50 24.12 -11.87
CA ARG B 737 -18.44 22.68 -11.70
C ARG B 737 -18.41 22.37 -10.21
N ASN B 738 -19.37 21.55 -9.79
CA ASN B 738 -19.25 20.95 -8.45
C ASN B 738 -19.69 19.53 -8.66
N HIS B 739 -18.71 18.64 -8.68
CA HIS B 739 -18.92 17.20 -8.89
C HIS B 739 -18.95 16.41 -7.58
N LEU B 740 -18.93 17.15 -6.45
CA LEU B 740 -18.75 16.59 -5.08
C LEU B 740 -19.97 16.75 -4.19
N SER B 741 -20.97 17.55 -4.62
CA SER B 741 -22.22 17.58 -4.00
C SER B 741 -23.21 18.12 -5.04
N GLY B 742 -24.49 18.13 -4.61
CA GLY B 742 -25.61 18.49 -5.55
C GLY B 742 -26.09 19.91 -5.39
N HIS B 743 -25.39 20.72 -4.58
CA HIS B 743 -25.78 22.12 -4.21
CA HIS B 743 -25.79 22.10 -4.46
C HIS B 743 -24.56 22.99 -4.23
N SER B 744 -24.68 24.26 -4.66
CA SER B 744 -23.59 25.15 -4.61
C SER B 744 -24.10 26.54 -4.28
N GLU B 745 -23.31 27.33 -3.56
CA GLU B 745 -23.64 28.74 -3.26
C GLU B 745 -22.68 29.65 -4.00
N ILE B 746 -23.29 30.65 -4.69
CA ILE B 746 -22.62 31.69 -5.40
C ILE B 746 -22.87 33.01 -4.73
N ALA B 747 -21.86 33.85 -4.66
CA ALA B 747 -21.94 35.20 -4.09
C ALA B 747 -21.28 36.16 -5.00
N LEU B 748 -22.12 37.06 -5.56
CA LEU B 748 -21.74 38.04 -6.52
C LEU B 748 -21.91 39.45 -6.06
N LYS B 749 -21.00 40.31 -6.47
CA LYS B 749 -21.15 41.73 -6.25
C LYS B 749 -21.16 42.42 -7.63
N GLY B 750 -21.92 43.49 -7.71
CA GLY B 750 -22.03 44.25 -8.89
C GLY B 750 -23.13 43.84 -9.88
N VAL B 751 -23.89 42.87 -9.53
CA VAL B 751 -24.95 42.30 -10.36
C VAL B 751 -26.20 42.10 -9.51
N GLU B 752 -27.31 42.48 -10.06
CA GLU B 752 -28.57 42.46 -9.36
C GLU B 752 -29.34 41.10 -9.44
N SER B 753 -29.30 40.41 -10.57
CA SER B 753 -30.04 39.20 -10.77
C SER B 753 -29.25 38.40 -11.85
N VAL B 754 -29.60 37.11 -11.92
CA VAL B 754 -28.92 36.13 -12.85
C VAL B 754 -29.94 35.22 -13.44
N LYS B 755 -29.55 34.54 -14.51
CA LYS B 755 -30.30 33.42 -15.04
C LYS B 755 -29.42 32.15 -14.84
N VAL B 756 -30.04 31.12 -14.31
CA VAL B 756 -29.31 29.84 -14.07
C VAL B 756 -29.73 28.82 -15.11
N SER B 757 -28.81 28.03 -15.54
CA SER B 757 -29.04 26.88 -16.45
C SER B 757 -28.36 25.68 -15.78
N GLY B 758 -29.02 24.58 -15.84
CA GLY B 758 -28.43 23.39 -15.18
C GLY B 758 -28.73 23.18 -13.75
N GLY B 759 -29.61 24.00 -13.24
CA GLY B 759 -29.96 23.94 -11.86
C GLY B 759 -31.11 24.86 -11.51
N LYS B 760 -31.50 24.85 -10.26
CA LYS B 760 -32.67 25.65 -9.77
C LYS B 760 -32.20 26.38 -8.53
N ILE B 761 -32.55 27.63 -8.39
CA ILE B 761 -32.32 28.43 -7.25
C ILE B 761 -33.28 27.98 -6.16
N VAL B 762 -32.72 27.59 -5.02
CA VAL B 762 -33.55 27.12 -3.90
C VAL B 762 -33.42 27.99 -2.63
N ASP B 763 -32.53 28.98 -2.61
CA ASP B 763 -32.46 29.94 -1.61
C ASP B 763 -31.60 31.08 -2.14
N GLY B 764 -31.69 32.22 -1.48
CA GLY B 764 -30.92 33.39 -1.84
C GLY B 764 -31.13 34.53 -0.91
N SER B 765 -30.26 35.51 -1.14
CA SER B 765 -30.36 36.79 -0.38
C SER B 765 -29.69 37.94 -1.19
N ASP B 766 -29.92 39.16 -0.78
CA ASP B 766 -29.18 40.30 -1.34
C ASP B 766 -28.76 41.26 -0.19
N GLY B 767 -27.85 42.20 -0.32
CA GLY B 767 -28.05 43.44 -1.09
C GLY B 767 -26.89 44.13 -1.79
N GLU B 768 -25.86 44.42 -1.00
CA GLU B 768 -24.63 44.64 -1.64
C GLU B 768 -24.14 43.29 -2.15
N VAL B 769 -24.65 42.08 -1.72
CA VAL B 769 -24.13 40.83 -2.19
C VAL B 769 -25.26 39.93 -2.58
N LEU B 770 -25.31 39.57 -3.82
CA LEU B 770 -26.27 38.59 -4.31
C LEU B 770 -25.78 37.20 -4.03
N ARG B 771 -26.52 36.49 -3.21
CA ARG B 771 -26.17 35.13 -2.82
C ARG B 771 -27.30 34.26 -3.36
N ILE B 772 -26.91 33.21 -4.03
CA ILE B 772 -27.87 32.19 -4.53
C ILE B 772 -27.32 30.80 -4.17
N VAL B 773 -28.25 29.94 -3.77
CA VAL B 773 -28.00 28.51 -3.62
C VAL B 773 -28.68 27.76 -4.76
N ILE B 774 -27.88 27.01 -5.56
CA ILE B 774 -28.36 26.32 -6.72
C ILE B 774 -28.31 24.84 -6.42
N GLU B 775 -29.44 24.14 -6.65
CA GLU B 775 -29.52 22.62 -6.70
C GLU B 775 -29.32 22.24 -8.13
N HIS B 776 -28.29 21.45 -8.42
CA HIS B 776 -27.96 21.04 -9.81
C HIS B 776 -27.89 19.56 -9.84
N PRO B 777 -28.55 18.98 -10.81
CA PRO B 777 -28.54 17.51 -10.94
C PRO B 777 -27.31 16.87 -11.58
N GLY B 778 -26.54 17.69 -12.28
CA GLY B 778 -25.27 17.28 -12.82
C GLY B 778 -24.16 18.16 -12.21
N GLU B 779 -22.96 17.85 -12.66
CA GLU B 779 -21.80 18.55 -12.13
C GLU B 779 -21.67 19.98 -12.57
N TYR B 780 -22.11 20.30 -13.73
CA TYR B 780 -21.89 21.63 -14.34
C TYR B 780 -23.22 22.42 -14.36
N PHE B 781 -23.07 23.70 -14.16
CA PHE B 781 -24.17 24.59 -14.29
C PHE B 781 -23.62 25.98 -14.66
N GLU B 782 -24.56 26.82 -15.16
CA GLU B 782 -24.17 28.11 -15.65
C GLU B 782 -24.97 29.17 -14.98
N VAL B 783 -24.31 30.27 -14.73
CA VAL B 783 -24.90 31.52 -14.17
C VAL B 783 -24.61 32.64 -15.15
N GLU B 784 -25.71 33.23 -15.67
CA GLU B 784 -25.61 34.29 -16.66
C GLU B 784 -25.91 35.62 -15.95
N LEU B 785 -25.08 36.62 -16.11
CA LEU B 785 -25.30 37.87 -15.46
C LEU B 785 -26.30 38.75 -16.21
N LEU B 786 -27.28 39.28 -15.44
CA LEU B 786 -28.34 40.11 -15.98
C LEU B 786 -28.09 41.56 -15.61
C1 GCS C . -4.99 -9.43 16.12
C2 GCS C . -5.03 -9.56 17.73
C3 GCS C . -5.79 -8.34 18.41
C4 GCS C . -5.15 -7.01 18.02
C5 GCS C . -5.38 -7.10 16.47
C6 GCS C . -5.01 -5.82 15.75
N2 GCS C . -5.71 -10.83 18.30
O1 GCS C . -3.99 -10.25 15.77
O3 GCS C . -5.71 -8.56 19.91
O4 GCS C . -6.08 -6.04 18.71
O5 GCS C . -4.42 -8.13 15.89
O6 GCS C . -3.49 -5.66 15.84
C1 PEG D . -0.77 -8.05 7.80
O1 PEG D . -0.16 -6.78 7.46
C2 PEG D . -1.20 -8.72 6.49
O2 PEG D . -0.08 -9.44 6.01
C3 PEG D . -0.26 -10.72 5.43
C4 PEG D . 1.06 -11.19 4.75
O4 PEG D . 1.11 -10.84 3.41
C1 PEG E . 19.70 -3.55 -2.04
O1 PEG E . 18.40 -3.11 -1.69
C2 PEG E . 19.98 -4.73 -1.15
O2 PEG E . 19.38 -5.90 -1.68
C3 PEG E . 19.88 -7.18 -1.24
C4 PEG E . 18.72 -8.19 -0.99
O4 PEG E . 17.53 -7.63 -0.30
C1 PEG F . 4.19 -9.13 14.27
O1 PEG F . 3.26 -8.01 14.12
C2 PEG F . 5.47 -9.00 13.42
O2 PEG F . 5.47 -9.82 12.22
C3 PEG F . 6.07 -9.20 11.06
C4 PEG F . 5.81 -10.04 9.81
O4 PEG F . 5.77 -9.16 8.64
C1 PEG G . -13.06 5.46 39.40
O1 PEG G . -13.65 5.93 38.17
C2 PEG G . -14.11 5.38 40.52
O2 PEG G . -14.58 3.99 40.57
C3 PEG G . -15.34 3.37 41.66
C4 PEG G . -16.69 4.08 41.76
O4 PEG G . -17.70 3.49 40.90
C1 PEG H . 2.96 -28.33 30.02
O1 PEG H . 3.51 -28.57 31.32
C2 PEG H . 1.83 -29.25 29.54
O2 PEG H . 0.96 -29.42 30.64
C3 PEG H . -0.25 -30.22 30.43
C4 PEG H . -0.59 -30.83 31.81
O4 PEG H . -1.89 -30.32 32.21
C1 PEG I . -5.34 -17.63 47.17
O1 PEG I . -5.40 -16.77 48.35
C2 PEG I . -3.97 -18.43 47.46
O2 PEG I . -2.69 -17.73 47.10
C3 PEG I . -1.62 -18.63 46.56
C4 PEG I . -0.34 -17.73 46.27
O4 PEG I . 0.78 -18.35 45.54
C1 PPI J . 3.95 -22.43 0.23
C2 PPI J . 3.56 -21.01 0.91
C3 PPI J . 3.84 -20.70 2.42
O1 PPI J . 4.47 -22.52 -0.94
O2 PPI J . 3.81 -23.52 0.70
C1 PPI K . -0.35 -22.06 -24.25
C2 PPI K . 0.17 -22.83 -23.02
C3 PPI K . -0.35 -24.22 -22.97
O1 PPI K . -0.07 -20.83 -24.36
O2 PPI K . -0.94 -22.60 -25.14
C1 PPI L . -17.58 -24.09 2.57
C2 PPI L . -16.27 -24.81 2.60
C3 PPI L . -16.10 -25.91 3.54
O1 PPI L . -17.85 -23.67 1.47
O2 PPI L . -18.14 -23.96 3.57
C1 B3P M . -33.71 -4.04 8.08
C2 B3P M . -33.67 -5.15 9.12
C3 B3P M . -35.04 -4.10 7.31
N1 B3P M . -35.02 -3.38 6.09
C4 B3P M . -34.09 -3.59 4.99
C5 B3P M . -34.91 -3.53 3.70
C6 B3P M . -32.97 -2.51 5.04
C7 B3P M . -33.56 -5.05 4.85
N2 B3P M . -33.36 -4.67 10.52
C8 B3P M . -33.45 -5.48 11.76
C9 B3P M . -34.90 -5.41 12.50
C10 B3P M . -32.24 -5.02 12.59
C11 B3P M . -32.93 -6.94 11.56
O1 B3P M . -36.07 -4.62 12.02
O2 B3P M . -32.60 -3.77 13.13
O3 B3P M . -33.60 -7.64 10.49
O4 B3P M . -35.55 -2.34 3.76
O5 B3P M . -33.07 -1.31 5.84
O6 B3P M . -34.55 -6.10 5.13
C1 GCS N . 9.83 7.76 -14.91
C2 GCS N . 10.57 7.55 -16.22
C3 GCS N . 9.66 7.00 -17.25
C4 GCS N . 9.00 5.66 -16.92
C5 GCS N . 8.13 6.07 -15.77
C6 GCS N . 7.42 4.88 -15.20
N2 GCS N . 11.06 8.87 -16.82
O1 GCS N . 10.65 7.76 -13.82
O3 GCS N . 10.50 6.79 -18.57
O4 GCS N . 8.31 5.16 -18.14
O5 GCS N . 9.09 6.47 -14.66
O6 GCS N . 8.28 3.93 -14.55
C1 PEG O . 34.37 14.30 -20.98
O1 PEG O . 35.75 14.66 -21.27
C2 PEG O . 33.75 15.64 -20.86
O2 PEG O . 32.55 15.85 -20.10
C3 PEG O . 32.17 17.28 -19.97
C4 PEG O . 32.04 17.91 -21.37
O4 PEG O . 31.65 19.28 -21.39
C1 PEG P . 9.03 7.50 -1.73
O1 PEG P . 8.63 7.22 -0.36
C2 PEG P . 7.81 7.25 -2.62
O2 PEG P . 7.89 7.13 -4.04
C3 PEG P . 7.39 6.06 -4.89
C4 PEG P . 8.70 5.61 -5.61
O4 PEG P . 8.60 4.96 -6.86
C1 PEG Q . -8.64 23.76 14.08
O1 PEG Q . -7.48 24.12 13.16
C2 PEG Q . -8.86 22.30 14.67
O2 PEG Q . -10.25 22.16 15.20
C3 PEG Q . -10.55 20.95 16.00
C4 PEG Q . -10.72 19.68 15.13
O4 PEG Q . -11.51 20.24 13.94
C1 PEG R . 13.58 33.09 32.66
O1 PEG R . 14.70 33.10 33.55
C2 PEG R . 13.75 31.88 31.74
O2 PEG R . 12.53 31.14 31.61
C3 PEG R . 12.63 29.72 31.30
C4 PEG R . 11.49 28.94 31.98
O4 PEG R . 11.98 28.10 33.03
C1 PEG S . -1.72 26.02 -32.06
O1 PEG S . -1.54 27.44 -32.27
C2 PEG S . -0.35 25.48 -31.71
O2 PEG S . 0.31 24.92 -32.85
C3 PEG S . 1.54 24.42 -32.31
C4 PEG S . 2.36 23.68 -33.27
O4 PEG S . 1.46 22.81 -33.90
C1 PEG T . 32.96 -4.91 1.30
O1 PEG T . 33.80 -4.16 2.26
C2 PEG T . 33.11 -4.29 -0.07
O2 PEG T . 32.63 -4.87 -1.29
C3 PEG T . 31.47 -4.28 -1.78
C4 PEG T . 30.40 -5.18 -2.25
O4 PEG T . 29.25 -4.82 -1.36
C1 PPI U . 15.69 15.57 5.33
C2 PPI U . 15.70 14.38 4.39
C3 PPI U . 14.57 14.18 3.46
O1 PPI U . 16.11 16.60 4.87
O2 PPI U . 15.54 15.61 6.58
C1 PPI V . -18.70 21.54 -20.30
C2 PPI V . -17.61 20.62 -19.84
C3 PPI V . -16.69 20.18 -20.98
O1 PPI V . -18.34 22.67 -20.67
O2 PPI V . -19.91 21.12 -20.30
C1 PPI W . -5.53 -2.11 -19.17
C2 PPI W . -6.59 -3.12 -19.12
C3 PPI W . -6.85 -3.09 -17.73
O1 PPI W . -5.33 -1.26 -20.10
O2 PPI W . -4.81 -2.10 -18.36
C1 PPI X . 3.09 28.92 -6.99
C2 PPI X . 3.87 28.82 -5.87
C3 PPI X . 5.31 28.97 -5.91
O1 PPI X . 3.65 29.64 -7.87
O2 PPI X . 1.97 28.48 -7.10
C1 PPI Y . 28.94 15.94 5.45
C2 PPI Y . 29.13 16.93 4.32
C3 PPI Y . 28.17 17.84 4.15
O1 PPI Y . 29.91 15.23 5.45
O2 PPI Y . 28.05 15.77 6.35
C1 PPI Z . 10.16 35.73 21.40
C2 PPI Z . 11.10 35.11 22.40
C3 PPI Z . 12.57 35.69 22.39
O1 PPI Z . 10.05 36.99 21.46
O2 PPI Z . 9.54 35.01 20.48
#